data_6P67
#
_entry.id   6P67
#
_cell.length_a   84.900
_cell.length_b   219.680
_cell.length_c   90.350
_cell.angle_alpha   90.000
_cell.angle_beta   104.328
_cell.angle_gamma   90.000
#
_symmetry.space_group_name_H-M   'P 1 21 1'
#
loop_
_entity.id
_entity.type
_entity.pdbx_description
1 polymer 'Anti-IL-7R 2B8 Fab heavy chain'
2 polymer 'anti-IL-7R 2B8 Fab light chain'
3 polymer 'Interleukin-7 receptor subunit alpha'
4 branched beta-D-mannopyranose-(1-4)-2-acetamido-2-deoxy-beta-D-glucopyranose-(1-4)-2-acetamido-2-deoxy-beta-D-glucopyranose
5 branched 2-acetamido-2-deoxy-beta-D-glucopyranose-(1-4)-2-acetamido-2-deoxy-beta-D-glucopyranose
6 non-polymer alpha-L-fucopyranose
7 non-polymer 2-acetamido-2-deoxy-beta-D-glucopyranose
#
loop_
_entity_poly.entity_id
_entity_poly.type
_entity_poly.pdbx_seq_one_letter_code
_entity_poly.pdbx_strand_id
1 'polypeptide(L)'
;EVQLQQSGPELVKPGASVKMSCKASGYTFSDYYMHWVKQSHGKSLEWIGYIYPDNGGNGYNQKFKGKATLTVDKSSSTVY
MELRSLTSEDSALYYCARGTYYDGSYFDYWGQGTTLTVSSASTKGPSVFPLAPSSKSTSGGTAALGCLVKDYFPEPVTVS
WNSGALTSGVHTFPAVLQSSGLYSLSSVVTVPSSSLGTQTYICNVNHKPSNTKVDKKVEPKSCDK
;
A,C,E,H
2 'polypeptide(L)'
;DIVMTQSHKFMSTLVGDRVSITCKASQDVSTTVAWYQQKPGQSPKLLIYSASYRYTGVPDRFTGSGSGTDFTFTISSVQA
EDLAVYYCQQHYSIPRTFGGGTKLEIKRTVAAPSVFIFPPSDEQLKSGTASVVCLLNNFYPREAKVQWKVDNALQSGNSQ
ESVTEQDSKDSTYSLSSTLTLSKADYEKHKVYACEVTHQGLSSPVTKSFNRGEC
;
B,D,F,L
3 'polypeptide(L)'
;GSHMESGYAQNGDLEDAELDDYSFSCYSQLEVNGSQHSLTCAFEDPDVNTTNLEFEICGALVEVKCLNFRKLQEIYFIET
KKFLLIGKSNICVKVGEKSLTCKKIDLTTIVKPEAPFDLSVVYREGANDFVVTFNTSHLQKKYVKVLMHDVAYRQEKDEN
KWTHVNLSSTKLTLLQRKLQPAAMYEIKVRSIPDHYFKGFWSEWSPSYYFRTPEINNSSGEMD
;
G,I,J,K
#
loop_
_chem_comp.id
_chem_comp.type
_chem_comp.name
_chem_comp.formula
BMA D-saccharide, beta linking beta-D-mannopyranose 'C6 H12 O6'
FUC L-saccharide, alpha linking alpha-L-fucopyranose 'C6 H12 O5'
NAG D-saccharide, beta linking 2-acetamido-2-deoxy-beta-D-glucopyranose 'C8 H15 N O6'
#
# COMPACT_ATOMS: atom_id res chain seq x y z
N GLU A 1 -2.39 -30.64 -13.99
CA GLU A 1 -3.38 -29.57 -14.02
C GLU A 1 -4.10 -29.50 -15.36
N VAL A 2 -5.15 -28.68 -15.42
CA VAL A 2 -5.90 -28.52 -16.65
C VAL A 2 -5.08 -27.71 -17.66
N GLN A 3 -5.14 -28.11 -18.93
CA GLN A 3 -4.41 -27.46 -20.00
C GLN A 3 -5.27 -27.37 -21.24
N LEU A 4 -5.26 -26.20 -21.87
CA LEU A 4 -5.94 -25.95 -23.14
C LEU A 4 -4.91 -25.37 -24.10
N GLN A 5 -4.30 -26.23 -24.92
CA GLN A 5 -3.27 -25.81 -25.86
C GLN A 5 -3.90 -25.51 -27.21
N GLN A 6 -3.78 -24.27 -27.66
CA GLN A 6 -4.34 -23.86 -28.94
C GLN A 6 -3.28 -23.87 -30.03
N SER A 7 -3.76 -23.91 -31.27
CA SER A 7 -2.86 -23.90 -32.42
C SER A 7 -2.07 -22.59 -32.48
N GLY A 8 -1.07 -22.58 -33.36
CA GLY A 8 -0.24 -21.42 -33.52
C GLY A 8 -0.92 -20.33 -34.30
N PRO A 9 -0.21 -19.21 -34.46
CA PRO A 9 -0.77 -18.08 -35.20
C PRO A 9 -1.00 -18.44 -36.67
N GLU A 10 -1.92 -17.70 -37.29
CA GLU A 10 -2.30 -18.00 -38.67
C GLU A 10 -2.33 -16.75 -39.53
N LEU A 11 -1.88 -16.89 -40.78
CA LEU A 11 -2.03 -15.88 -41.81
C LEU A 11 -2.86 -16.46 -42.95
N VAL A 12 -3.88 -15.72 -43.39
CA VAL A 12 -4.86 -16.20 -44.35
C VAL A 12 -5.21 -15.06 -45.31
N LYS A 13 -5.55 -15.43 -46.55
CA LYS A 13 -5.99 -14.43 -47.51
C LYS A 13 -7.47 -14.08 -47.28
N PRO A 14 -7.88 -12.85 -47.62
CA PRO A 14 -9.30 -12.49 -47.49
C PRO A 14 -10.19 -13.40 -48.31
N GLY A 15 -11.34 -13.74 -47.75
CA GLY A 15 -12.28 -14.64 -48.39
C GLY A 15 -12.03 -16.10 -48.13
N ALA A 16 -10.79 -16.48 -47.80
CA ALA A 16 -10.46 -17.87 -47.53
C ALA A 16 -10.97 -18.26 -46.13
N SER A 17 -10.63 -19.46 -45.69
CA SER A 17 -11.13 -20.02 -44.44
C SER A 17 -9.98 -20.38 -43.52
N VAL A 18 -10.30 -20.51 -42.23
CA VAL A 18 -9.30 -20.84 -41.22
C VAL A 18 -9.86 -21.94 -40.33
N LYS A 19 -8.95 -22.69 -39.70
CA LYS A 19 -9.33 -23.76 -38.78
C LYS A 19 -8.33 -23.78 -37.62
N MET A 20 -8.79 -23.38 -36.44
CA MET A 20 -7.98 -23.38 -35.24
C MET A 20 -8.34 -24.55 -34.35
N SER A 21 -7.36 -25.03 -33.58
CA SER A 21 -7.53 -26.17 -32.70
C SER A 21 -7.36 -25.75 -31.25
N CYS A 22 -7.94 -26.57 -30.36
CA CYS A 22 -7.82 -26.38 -28.92
C CYS A 22 -7.83 -27.76 -28.28
N LYS A 23 -6.65 -28.28 -27.96
CA LYS A 23 -6.51 -29.60 -27.36
C LYS A 23 -6.56 -29.48 -25.85
N ALA A 24 -7.50 -30.18 -25.24
CA ALA A 24 -7.66 -30.18 -23.80
C ALA A 24 -6.95 -31.38 -23.18
N SER A 25 -6.48 -31.20 -21.94
CA SER A 25 -5.82 -32.29 -21.23
C SER A 25 -5.88 -32.00 -19.74
N GLY A 26 -5.80 -33.07 -18.95
CA GLY A 26 -5.80 -32.95 -17.50
C GLY A 26 -7.14 -33.12 -16.83
N TYR A 27 -8.19 -33.49 -17.56
CA TYR A 27 -9.51 -33.67 -16.98
C TYR A 27 -10.36 -34.47 -17.94
N THR A 28 -11.55 -34.88 -17.48
CA THR A 28 -12.50 -35.61 -18.32
C THR A 28 -13.05 -34.66 -19.36
N PHE A 29 -12.57 -34.80 -20.60
CA PHE A 29 -12.87 -33.84 -21.65
C PHE A 29 -14.37 -33.77 -21.98
N SER A 30 -15.10 -34.86 -21.76
CA SER A 30 -16.48 -34.95 -22.23
C SER A 30 -17.50 -34.34 -21.29
N ASP A 31 -17.10 -33.92 -20.09
CA ASP A 31 -18.04 -33.46 -19.08
C ASP A 31 -18.16 -31.95 -18.99
N TYR A 32 -17.41 -31.19 -19.78
CA TYR A 32 -17.40 -29.74 -19.69
C TYR A 32 -17.70 -29.11 -21.04
N TYR A 33 -18.50 -28.05 -21.03
CA TYR A 33 -18.72 -27.26 -22.23
C TYR A 33 -17.41 -26.63 -22.71
N MET A 34 -17.36 -26.29 -24.00
CA MET A 34 -16.21 -25.60 -24.57
C MET A 34 -16.70 -24.38 -25.32
N HIS A 35 -16.24 -23.20 -24.92
CA HIS A 35 -16.65 -21.95 -25.54
C HIS A 35 -15.48 -21.32 -26.29
N TRP A 36 -15.81 -20.51 -27.28
CA TRP A 36 -14.82 -19.74 -28.02
C TRP A 36 -15.09 -18.25 -27.82
N VAL A 37 -14.01 -17.47 -27.68
CA VAL A 37 -14.10 -16.04 -27.39
C VAL A 37 -13.17 -15.28 -28.33
N LYS A 38 -13.61 -14.08 -28.70
CA LYS A 38 -12.87 -13.20 -29.60
C LYS A 38 -12.45 -11.94 -28.84
N GLN A 39 -11.19 -11.55 -28.97
CA GLN A 39 -10.65 -10.34 -28.36
C GLN A 39 -10.18 -9.42 -29.49
N SER A 40 -10.95 -8.38 -29.78
CA SER A 40 -10.62 -7.43 -30.84
C SER A 40 -9.57 -6.44 -30.36
N HIS A 41 -9.02 -5.69 -31.33
CA HIS A 41 -8.04 -4.65 -31.03
C HIS A 41 -8.45 -3.82 -29.83
N GLY A 42 -9.73 -3.47 -29.73
CA GLY A 42 -10.11 -2.53 -28.68
C GLY A 42 -10.13 -3.14 -27.30
N LYS A 43 -9.66 -4.39 -27.17
CA LYS A 43 -9.56 -5.19 -25.94
C LYS A 43 -10.92 -5.69 -25.45
N SER A 44 -11.94 -5.67 -26.32
CA SER A 44 -13.27 -6.09 -25.95
C SER A 44 -13.40 -7.60 -26.13
N LEU A 45 -14.24 -8.23 -25.30
CA LEU A 45 -14.42 -9.67 -25.34
C LEU A 45 -15.79 -9.98 -25.93
N GLU A 46 -15.79 -10.74 -27.02
CA GLU A 46 -17.02 -11.18 -27.67
C GLU A 46 -17.08 -12.71 -27.63
N TRP A 47 -18.10 -13.24 -26.96
CA TRP A 47 -18.38 -14.65 -27.02
C TRP A 47 -18.61 -15.06 -28.47
N ILE A 48 -18.31 -16.32 -28.79
CA ILE A 48 -18.50 -16.85 -30.13
C ILE A 48 -19.53 -17.98 -30.15
N GLY A 49 -19.37 -18.96 -29.29
CA GLY A 49 -20.29 -20.07 -29.23
C GLY A 49 -19.79 -21.14 -28.28
N TYR A 50 -20.68 -22.07 -27.99
CA TYR A 50 -20.38 -23.20 -27.12
C TYR A 50 -20.56 -24.50 -27.88
N ILE A 51 -19.94 -25.56 -27.35
CA ILE A 51 -20.12 -26.90 -27.88
C ILE A 51 -19.95 -27.89 -26.73
N TYR A 52 -20.85 -28.87 -26.68
CA TYR A 52 -20.77 -29.95 -25.70
C TYR A 52 -20.10 -31.15 -26.35
N PRO A 53 -18.92 -31.58 -25.89
CA PRO A 53 -18.18 -32.63 -26.60
C PRO A 53 -18.94 -33.93 -26.82
N ASP A 54 -19.87 -34.28 -25.93
CA ASP A 54 -20.64 -35.50 -26.13
C ASP A 54 -21.45 -35.46 -27.42
N ASN A 55 -21.93 -34.29 -27.82
CA ASN A 55 -22.62 -34.19 -29.10
C ASN A 55 -22.25 -32.89 -29.81
N GLY A 56 -23.00 -31.81 -29.61
CA GLY A 56 -22.64 -30.59 -30.28
C GLY A 56 -23.45 -29.41 -29.79
N GLY A 57 -23.18 -28.26 -30.40
CA GLY A 57 -23.93 -27.05 -30.10
C GLY A 57 -23.40 -25.90 -30.93
N ASN A 58 -23.95 -24.72 -30.68
CA ASN A 58 -23.48 -23.46 -31.28
C ASN A 58 -24.23 -22.34 -30.59
N GLY A 59 -23.79 -21.11 -30.84
CA GLY A 59 -24.47 -19.96 -30.28
C GLY A 59 -24.17 -18.68 -31.01
N TYR A 60 -24.57 -17.58 -30.38
CA TYR A 60 -24.38 -16.18 -30.79
C TYR A 60 -24.84 -15.92 -32.23
N ASN A 61 -25.76 -14.96 -32.39
CA ASN A 61 -26.30 -14.63 -33.70
C ASN A 61 -25.23 -14.02 -34.62
N GLN A 62 -24.40 -13.14 -34.08
CA GLN A 62 -23.43 -12.42 -34.91
C GLN A 62 -22.43 -13.35 -35.59
N LYS A 63 -22.13 -14.49 -34.97
CA LYS A 63 -21.16 -15.44 -35.51
C LYS A 63 -21.81 -16.64 -36.19
N PHE A 64 -23.11 -16.56 -36.50
CA PHE A 64 -23.79 -17.69 -37.12
C PHE A 64 -23.16 -18.08 -38.46
N LYS A 65 -22.89 -17.09 -39.31
CA LYS A 65 -22.35 -17.37 -40.64
C LYS A 65 -20.82 -17.38 -40.69
N GLY A 66 -20.15 -16.94 -39.63
CA GLY A 66 -18.71 -16.95 -39.60
C GLY A 66 -18.12 -18.17 -38.91
N LYS A 67 -18.63 -18.46 -37.71
CA LYS A 67 -18.07 -19.48 -36.85
C LYS A 67 -18.71 -20.85 -37.09
N ALA A 68 -17.89 -21.89 -37.03
CA ALA A 68 -18.38 -23.27 -37.07
C ALA A 68 -17.52 -24.11 -36.12
N THR A 69 -18.13 -24.55 -35.02
CA THR A 69 -17.41 -25.27 -33.97
C THR A 69 -17.71 -26.77 -34.05
N LEU A 70 -16.67 -27.58 -33.87
CA LEU A 70 -16.79 -29.03 -33.88
C LEU A 70 -15.85 -29.61 -32.83
N THR A 71 -15.95 -30.92 -32.61
CA THR A 71 -15.17 -31.57 -31.56
C THR A 71 -14.77 -32.97 -32.00
N VAL A 72 -13.70 -33.47 -31.37
CA VAL A 72 -13.23 -34.85 -31.56
C VAL A 72 -12.80 -35.37 -30.19
N ASP A 73 -13.55 -36.35 -29.65
CA ASP A 73 -13.20 -36.91 -28.35
C ASP A 73 -11.93 -37.76 -28.43
N LYS A 74 -11.72 -38.44 -29.57
CA LYS A 74 -10.56 -39.32 -29.71
C LYS A 74 -9.26 -38.60 -29.39
N SER A 75 -9.13 -37.35 -29.85
CA SER A 75 -7.97 -36.53 -29.56
C SER A 75 -8.26 -35.47 -28.50
N SER A 76 -9.49 -35.43 -27.98
CA SER A 76 -9.90 -34.44 -26.99
C SER A 76 -9.63 -33.02 -27.49
N SER A 77 -10.02 -32.75 -28.73
CA SER A 77 -9.70 -31.49 -29.38
C SER A 77 -10.96 -30.82 -29.90
N THR A 78 -11.14 -29.55 -29.55
CA THR A 78 -12.22 -28.72 -30.07
C THR A 78 -11.67 -27.88 -31.23
N VAL A 79 -12.29 -28.00 -32.39
CA VAL A 79 -11.85 -27.30 -33.59
C VAL A 79 -12.86 -26.21 -33.93
N TYR A 80 -12.37 -25.15 -34.57
CA TYR A 80 -13.16 -23.94 -34.77
C TYR A 80 -12.81 -23.33 -36.12
N MET A 81 -13.80 -23.21 -37.00
CA MET A 81 -13.58 -22.83 -38.39
C MET A 81 -14.19 -21.48 -38.70
N GLU A 82 -13.47 -20.70 -39.51
CA GLU A 82 -13.85 -19.38 -39.99
C GLU A 82 -14.06 -19.46 -41.49
N LEU A 83 -15.17 -18.90 -41.99
CA LEU A 83 -15.53 -19.04 -43.39
C LEU A 83 -15.15 -17.83 -44.24
N ARG A 84 -16.01 -16.82 -44.31
CA ARG A 84 -15.77 -15.65 -45.16
C ARG A 84 -14.96 -14.61 -44.40
N SER A 85 -13.66 -14.91 -44.26
CA SER A 85 -12.77 -14.06 -43.49
C SER A 85 -12.74 -12.63 -44.04
N LEU A 86 -12.65 -11.67 -43.14
CA LEU A 86 -12.65 -10.25 -43.46
C LEU A 86 -11.47 -9.58 -42.76
N THR A 87 -11.33 -8.28 -42.99
CA THR A 87 -10.37 -7.47 -42.27
C THR A 87 -10.81 -7.16 -40.85
N SER A 88 -11.98 -7.65 -40.41
CA SER A 88 -12.45 -7.49 -39.04
C SER A 88 -12.18 -8.70 -38.16
N GLU A 89 -12.28 -9.92 -38.69
CA GLU A 89 -11.92 -11.11 -37.92
C GLU A 89 -10.41 -11.21 -37.67
N ASP A 90 -9.59 -10.34 -38.26
CA ASP A 90 -8.14 -10.42 -38.13
C ASP A 90 -7.65 -9.98 -36.75
N SER A 91 -7.66 -8.67 -36.49
CA SER A 91 -7.17 -8.05 -35.27
C SER A 91 -7.97 -8.54 -34.07
N ALA A 92 -7.96 -9.85 -33.93
CA ALA A 92 -8.70 -10.57 -32.91
C ALA A 92 -7.80 -11.71 -32.46
N LEU A 93 -7.73 -11.89 -31.16
CA LEU A 93 -7.08 -13.03 -30.55
C LEU A 93 -8.19 -13.99 -30.16
N TYR A 94 -8.11 -15.23 -30.61
CA TYR A 94 -9.19 -16.18 -30.40
C TYR A 94 -8.80 -17.13 -29.28
N TYR A 95 -9.58 -17.11 -28.21
CA TYR A 95 -9.39 -17.97 -27.06
C TYR A 95 -10.39 -19.11 -27.08
N CYS A 96 -9.97 -20.25 -26.56
CA CYS A 96 -10.89 -21.32 -26.18
C CYS A 96 -10.91 -21.40 -24.66
N ALA A 97 -12.11 -21.51 -24.11
CA ALA A 97 -12.29 -21.54 -22.67
C ALA A 97 -13.22 -22.69 -22.29
N ARG A 98 -13.12 -23.11 -21.05
CA ARG A 98 -13.91 -24.20 -20.51
C ARG A 98 -14.97 -23.63 -19.58
N GLY A 99 -16.23 -24.01 -19.80
CA GLY A 99 -17.27 -23.63 -18.88
C GLY A 99 -17.21 -24.45 -17.60
N THR A 100 -17.73 -23.88 -16.52
CA THR A 100 -17.66 -24.56 -15.24
C THR A 100 -18.54 -25.82 -15.26
N TYR A 101 -18.40 -26.62 -14.21
CA TYR A 101 -18.99 -27.96 -14.19
C TYR A 101 -20.50 -27.93 -14.34
N TYR A 102 -21.20 -27.31 -13.39
CA TYR A 102 -22.67 -27.30 -13.41
C TYR A 102 -23.25 -26.65 -14.66
N ASP A 103 -22.55 -25.70 -15.27
CA ASP A 103 -23.10 -25.03 -16.45
C ASP A 103 -21.96 -24.40 -17.23
N GLY A 104 -22.21 -24.19 -18.52
CA GLY A 104 -21.26 -23.43 -19.33
C GLY A 104 -21.28 -21.93 -19.15
N SER A 105 -22.16 -21.42 -18.29
CA SER A 105 -22.32 -20.00 -17.99
C SER A 105 -21.01 -19.21 -17.99
N TYR A 106 -20.23 -19.30 -16.92
CA TYR A 106 -18.93 -18.65 -16.86
C TYR A 106 -17.80 -19.66 -17.08
N PHE A 107 -16.63 -19.12 -17.44
CA PHE A 107 -15.51 -19.90 -17.94
C PHE A 107 -14.37 -19.84 -16.93
N ASP A 108 -13.89 -21.00 -16.49
CA ASP A 108 -12.90 -21.07 -15.43
C ASP A 108 -11.48 -21.36 -15.91
N TYR A 109 -11.31 -21.83 -17.15
CA TYR A 109 -10.00 -22.10 -17.71
C TYR A 109 -9.94 -21.55 -19.13
N TRP A 110 -8.79 -20.98 -19.49
CA TRP A 110 -8.62 -20.34 -20.78
C TRP A 110 -7.36 -20.86 -21.46
N GLY A 111 -7.40 -20.91 -22.79
CA GLY A 111 -6.22 -21.22 -23.56
C GLY A 111 -5.31 -20.00 -23.69
N GLN A 112 -4.19 -20.20 -24.37
CA GLN A 112 -3.25 -19.10 -24.56
C GLN A 112 -3.67 -18.18 -25.71
N GLY A 113 -4.53 -18.64 -26.60
CA GLY A 113 -5.03 -17.79 -27.67
C GLY A 113 -4.26 -17.96 -28.96
N THR A 114 -4.96 -17.82 -30.08
CA THR A 114 -4.36 -17.85 -31.41
C THR A 114 -4.57 -16.50 -32.07
N THR A 115 -3.48 -15.92 -32.60
CA THR A 115 -3.56 -14.67 -33.33
C THR A 115 -3.83 -14.98 -34.79
N LEU A 116 -4.91 -14.43 -35.31
CA LEU A 116 -5.29 -14.57 -36.71
C LEU A 116 -5.01 -13.27 -37.44
N THR A 117 -4.44 -13.38 -38.64
CA THR A 117 -4.20 -12.21 -39.48
C THR A 117 -4.62 -12.57 -40.90
N VAL A 118 -5.57 -11.83 -41.44
CA VAL A 118 -6.05 -12.06 -42.79
C VAL A 118 -5.69 -10.83 -43.62
N SER A 119 -4.71 -11.00 -44.51
CA SER A 119 -4.23 -9.92 -45.35
C SER A 119 -3.71 -10.48 -46.66
N SER A 120 -3.92 -9.71 -47.74
CA SER A 120 -3.39 -10.09 -49.05
C SER A 120 -1.87 -10.06 -49.09
N ALA A 121 -1.22 -9.46 -48.09
CA ALA A 121 0.24 -9.45 -48.04
C ALA A 121 0.77 -10.86 -47.77
N SER A 122 2.04 -11.06 -48.09
CA SER A 122 2.69 -12.35 -47.92
C SER A 122 3.55 -12.35 -46.65
N THR A 123 3.92 -13.54 -46.22
CA THR A 123 4.74 -13.71 -45.03
C THR A 123 6.13 -13.16 -45.25
N LYS A 124 6.72 -12.61 -44.18
CA LYS A 124 8.07 -12.06 -44.23
C LYS A 124 8.76 -12.38 -42.92
N GLY A 125 9.90 -13.06 -43.00
CA GLY A 125 10.68 -13.38 -41.83
C GLY A 125 11.39 -12.16 -41.30
N PRO A 126 11.79 -12.19 -40.03
CA PRO A 126 12.41 -11.02 -39.42
C PRO A 126 13.93 -11.02 -39.55
N SER A 127 14.47 -9.81 -39.63
CA SER A 127 15.91 -9.60 -39.59
C SER A 127 16.28 -9.19 -38.17
N VAL A 128 17.19 -9.92 -37.55
CA VAL A 128 17.56 -9.72 -36.15
C VAL A 128 18.93 -9.08 -36.13
N PHE A 129 18.99 -7.82 -35.69
CA PHE A 129 20.23 -7.10 -35.54
C PHE A 129 20.54 -6.87 -34.06
N PRO A 130 21.80 -6.72 -33.68
CA PRO A 130 22.13 -6.48 -32.27
C PRO A 130 22.11 -5.00 -31.90
N LEU A 131 21.84 -4.75 -30.62
CA LEU A 131 21.96 -3.44 -29.99
C LEU A 131 23.04 -3.61 -28.93
N ALA A 132 24.28 -3.33 -29.31
CA ALA A 132 25.45 -3.64 -28.50
C ALA A 132 25.59 -2.65 -27.34
N PRO A 133 26.04 -3.12 -26.18
CA PRO A 133 26.24 -2.22 -25.03
C PRO A 133 27.50 -1.39 -25.19
N SER A 134 27.35 -0.11 -25.50
CA SER A 134 28.49 0.79 -25.59
C SER A 134 29.09 0.99 -24.21
N SER A 135 30.39 0.69 -24.08
CA SER A 135 31.05 0.83 -22.78
C SER A 135 30.96 2.25 -22.24
N LYS A 136 30.85 3.25 -23.13
CA LYS A 136 30.68 4.63 -22.68
C LYS A 136 29.25 4.93 -22.28
N SER A 137 28.27 4.24 -22.86
CA SER A 137 26.86 4.54 -22.65
C SER A 137 26.23 3.48 -21.75
N THR A 138 26.65 3.48 -20.49
CA THR A 138 26.11 2.59 -19.48
C THR A 138 25.93 3.36 -18.17
N SER A 139 24.73 3.28 -17.60
CA SER A 139 24.44 4.02 -16.37
C SER A 139 25.10 3.38 -15.15
N GLY A 140 26.30 3.83 -14.81
CA GLY A 140 26.97 3.32 -13.64
C GLY A 140 27.36 1.86 -13.75
N GLY A 141 26.81 1.03 -12.87
CA GLY A 141 27.07 -0.39 -12.84
C GLY A 141 26.12 -1.23 -13.66
N THR A 142 25.20 -0.60 -14.39
CA THR A 142 24.22 -1.29 -15.20
C THR A 142 24.40 -0.91 -16.67
N ALA A 143 24.36 -1.92 -17.55
CA ALA A 143 24.50 -1.76 -18.98
C ALA A 143 23.28 -2.32 -19.69
N ALA A 144 22.85 -1.64 -20.74
CA ALA A 144 21.69 -2.05 -21.52
C ALA A 144 22.15 -2.63 -22.86
N LEU A 145 21.51 -3.72 -23.27
CA LEU A 145 21.83 -4.36 -24.54
C LEU A 145 20.58 -5.08 -25.04
N GLY A 146 20.46 -5.19 -26.36
CA GLY A 146 19.22 -5.74 -26.87
C GLY A 146 19.31 -6.27 -28.28
N CYS A 147 18.13 -6.51 -28.86
CA CYS A 147 18.00 -7.05 -30.20
C CYS A 147 16.86 -6.33 -30.92
N LEU A 148 17.13 -5.92 -32.15
CA LEU A 148 16.15 -5.28 -33.02
C LEU A 148 15.61 -6.30 -34.02
N VAL A 149 14.32 -6.60 -33.92
CA VAL A 149 13.64 -7.54 -34.80
C VAL A 149 12.88 -6.70 -35.81
N LYS A 150 13.46 -6.52 -36.99
CA LYS A 150 12.95 -5.56 -37.96
C LYS A 150 12.39 -6.28 -39.19
N ASP A 151 11.40 -5.65 -39.82
CA ASP A 151 10.82 -6.08 -41.10
C ASP A 151 10.33 -7.52 -41.08
N TYR A 152 9.16 -7.74 -40.47
CA TYR A 152 8.52 -9.05 -40.48
C TYR A 152 7.01 -8.87 -40.57
N PHE A 153 6.32 -9.95 -40.96
CA PHE A 153 4.87 -9.93 -41.10
C PHE A 153 4.38 -11.37 -41.17
N PRO A 154 3.27 -11.71 -40.50
CA PRO A 154 2.51 -10.83 -39.61
C PRO A 154 2.92 -10.99 -38.16
N GLU A 155 2.10 -10.47 -37.25
CA GLU A 155 2.29 -10.74 -35.83
C GLU A 155 1.90 -12.18 -35.52
N PRO A 156 2.43 -12.75 -34.42
CA PRO A 156 3.37 -12.18 -33.47
C PRO A 156 4.80 -12.71 -33.62
N VAL A 157 5.68 -12.30 -32.71
CA VAL A 157 7.04 -12.79 -32.62
C VAL A 157 7.36 -13.07 -31.16
N THR A 158 8.04 -14.18 -30.91
CA THR A 158 8.42 -14.57 -29.55
C THR A 158 9.90 -14.32 -29.36
N VAL A 159 10.25 -13.44 -28.42
CA VAL A 159 11.63 -13.09 -28.13
C VAL A 159 11.96 -13.56 -26.72
N SER A 160 13.07 -14.26 -26.56
CA SER A 160 13.56 -14.72 -25.28
C SER A 160 15.05 -14.40 -25.18
N TRP A 161 15.60 -14.56 -23.99
CA TRP A 161 17.02 -14.31 -23.76
C TRP A 161 17.63 -15.50 -23.05
N ASN A 162 18.68 -16.07 -23.66
CA ASN A 162 19.36 -17.25 -23.13
C ASN A 162 18.39 -18.42 -22.94
N SER A 163 17.49 -18.59 -23.92
CA SER A 163 16.51 -19.68 -23.93
C SER A 163 15.59 -19.65 -22.71
N GLY A 164 15.36 -18.45 -22.16
CA GLY A 164 14.48 -18.29 -21.02
C GLY A 164 15.18 -18.13 -19.68
N ALA A 165 16.49 -18.40 -19.62
CA ALA A 165 17.21 -18.30 -18.37
C ALA A 165 17.36 -16.85 -17.90
N LEU A 166 17.24 -15.88 -18.81
CA LEU A 166 17.36 -14.47 -18.49
C LEU A 166 15.98 -13.83 -18.57
N THR A 167 15.44 -13.43 -17.43
CA THR A 167 14.12 -12.82 -17.37
C THR A 167 14.17 -11.49 -16.64
N SER A 168 15.09 -11.35 -15.70
CA SER A 168 15.21 -10.12 -14.92
C SER A 168 15.68 -8.98 -15.79
N GLY A 169 14.92 -7.89 -15.81
CA GLY A 169 15.29 -6.70 -16.55
C GLY A 169 14.99 -6.72 -18.03
N VAL A 170 14.22 -7.69 -18.50
CA VAL A 170 13.90 -7.80 -19.93
C VAL A 170 12.68 -6.92 -20.22
N HIS A 171 12.71 -6.25 -21.38
CA HIS A 171 11.61 -5.43 -21.85
C HIS A 171 11.49 -5.62 -23.35
N THR A 172 10.45 -6.31 -23.80
CA THR A 172 10.16 -6.47 -25.21
C THR A 172 9.03 -5.51 -25.58
N PHE A 173 9.32 -4.56 -26.46
CA PHE A 173 8.38 -3.50 -26.76
C PHE A 173 7.34 -3.96 -27.78
N PRO A 174 6.13 -3.42 -27.71
CA PRO A 174 5.11 -3.77 -28.72
C PRO A 174 5.58 -3.42 -30.13
N ALA A 175 5.19 -4.26 -31.07
CA ALA A 175 5.57 -4.06 -32.46
C ALA A 175 4.92 -2.80 -33.02
N VAL A 176 5.64 -2.13 -33.91
CA VAL A 176 5.15 -0.93 -34.60
C VAL A 176 5.03 -1.25 -36.07
N LEU A 177 3.87 -0.91 -36.67
CA LEU A 177 3.64 -1.15 -38.08
C LEU A 177 4.32 -0.03 -38.88
N GLN A 178 5.39 -0.37 -39.59
CA GLN A 178 6.11 0.61 -40.38
C GLN A 178 5.32 0.97 -41.65
N SER A 179 5.77 2.04 -42.31
CA SER A 179 5.14 2.46 -43.56
C SER A 179 5.18 1.37 -44.62
N SER A 180 6.16 0.48 -44.55
CA SER A 180 6.33 -0.59 -45.52
C SER A 180 5.35 -1.75 -45.30
N GLY A 181 4.41 -1.61 -44.37
CA GLY A 181 3.50 -2.68 -44.04
C GLY A 181 4.11 -3.79 -43.20
N LEU A 182 5.39 -3.72 -42.88
CA LEU A 182 6.06 -4.72 -42.06
C LEU A 182 6.17 -4.24 -40.62
N TYR A 183 6.32 -5.20 -39.71
CA TYR A 183 6.42 -4.92 -38.29
C TYR A 183 7.88 -4.88 -37.84
N SER A 184 8.10 -4.25 -36.69
CA SER A 184 9.43 -4.13 -36.13
C SER A 184 9.30 -3.85 -34.64
N LEU A 185 10.22 -4.42 -33.86
CA LEU A 185 10.21 -4.23 -32.41
C LEU A 185 11.64 -4.35 -31.89
N SER A 186 11.80 -4.04 -30.60
CA SER A 186 13.08 -4.16 -29.92
C SER A 186 12.87 -4.86 -28.59
N SER A 187 13.86 -5.64 -28.20
CA SER A 187 13.87 -6.32 -26.90
C SER A 187 15.18 -6.00 -26.20
N VAL A 188 15.10 -5.30 -25.08
CA VAL A 188 16.28 -4.85 -24.35
C VAL A 188 16.35 -5.57 -23.02
N VAL A 189 17.55 -5.57 -22.43
CA VAL A 189 17.82 -6.17 -21.13
C VAL A 189 18.94 -5.38 -20.47
N THR A 190 18.80 -5.17 -19.17
CA THR A 190 19.83 -4.53 -18.35
C THR A 190 20.56 -5.59 -17.54
N VAL A 191 21.89 -5.47 -17.50
CA VAL A 191 22.74 -6.44 -16.81
C VAL A 191 23.86 -5.69 -16.09
N PRO A 192 24.47 -6.31 -15.09
CA PRO A 192 25.66 -5.71 -14.48
C PRO A 192 26.77 -5.55 -15.52
N SER A 193 27.31 -4.32 -15.59
CA SER A 193 28.30 -4.00 -16.63
C SER A 193 29.53 -4.91 -16.52
N SER A 194 29.95 -5.21 -15.28
CA SER A 194 31.11 -6.08 -15.08
C SER A 194 30.94 -7.45 -15.71
N SER A 195 29.69 -7.87 -15.96
CA SER A 195 29.43 -9.16 -16.56
C SER A 195 29.52 -9.15 -18.08
N LEU A 196 29.74 -7.98 -18.70
CA LEU A 196 29.80 -7.92 -20.15
C LEU A 196 30.96 -8.74 -20.72
N GLY A 197 32.06 -8.84 -19.97
CA GLY A 197 33.21 -9.60 -20.42
C GLY A 197 33.26 -11.04 -19.97
N THR A 198 32.44 -11.42 -19.00
CA THR A 198 32.47 -12.77 -18.44
C THR A 198 31.27 -13.62 -18.84
N GLN A 199 30.10 -13.01 -19.01
CA GLN A 199 28.86 -13.73 -19.31
C GLN A 199 28.43 -13.46 -20.74
N THR A 200 27.85 -14.48 -21.38
CA THR A 200 27.39 -14.40 -22.75
C THR A 200 25.88 -14.23 -22.81
N TYR A 201 25.41 -13.36 -23.69
CA TYR A 201 23.99 -13.06 -23.85
C TYR A 201 23.57 -13.32 -25.29
N ILE A 202 22.59 -14.20 -25.47
CA ILE A 202 22.03 -14.52 -26.78
C ILE A 202 20.53 -14.27 -26.74
N CYS A 203 20.02 -13.58 -27.75
CA CYS A 203 18.58 -13.37 -27.91
C CYS A 203 18.03 -14.37 -28.91
N ASN A 204 16.93 -15.02 -28.55
CA ASN A 204 16.29 -16.05 -29.36
C ASN A 204 14.97 -15.48 -29.89
N VAL A 205 14.91 -15.28 -31.20
CA VAL A 205 13.71 -14.78 -31.88
C VAL A 205 13.04 -15.95 -32.58
N ASN A 206 11.72 -16.00 -32.52
CA ASN A 206 10.94 -17.06 -33.14
C ASN A 206 9.72 -16.45 -33.81
N HIS A 207 9.66 -16.57 -35.14
CA HIS A 207 8.53 -16.12 -35.93
C HIS A 207 7.93 -17.34 -36.62
N LYS A 208 6.82 -17.83 -36.08
CA LYS A 208 6.18 -19.05 -36.54
C LYS A 208 5.51 -18.90 -37.91
N PRO A 209 4.85 -17.78 -38.22
CA PRO A 209 4.29 -17.64 -39.58
C PRO A 209 5.31 -17.84 -40.69
N SER A 210 6.57 -17.43 -40.47
CA SER A 210 7.62 -17.65 -41.45
C SER A 210 8.49 -18.85 -41.11
N ASN A 211 8.28 -19.48 -39.96
CA ASN A 211 9.07 -20.63 -39.51
C ASN A 211 10.54 -20.26 -39.40
N THR A 212 10.82 -19.10 -38.82
CA THR A 212 12.17 -18.61 -38.64
C THR A 212 12.53 -18.66 -37.16
N LYS A 213 13.56 -19.43 -36.83
CA LYS A 213 14.04 -19.59 -35.46
C LYS A 213 15.46 -19.07 -35.44
N VAL A 214 15.62 -17.79 -35.09
CA VAL A 214 16.89 -17.10 -35.17
C VAL A 214 17.48 -16.97 -33.78
N ASP A 215 18.80 -17.04 -33.70
CA ASP A 215 19.53 -16.75 -32.48
C ASP A 215 20.62 -15.74 -32.80
N LYS A 216 20.79 -14.74 -31.93
CA LYS A 216 21.75 -13.67 -32.18
C LYS A 216 22.54 -13.40 -30.92
N LYS A 217 23.86 -13.51 -31.02
CA LYS A 217 24.74 -13.15 -29.91
C LYS A 217 24.97 -11.65 -29.90
N VAL A 218 24.87 -11.06 -28.71
CA VAL A 218 25.06 -9.62 -28.52
C VAL A 218 26.36 -9.43 -27.75
N GLU A 219 27.35 -8.84 -28.41
CA GLU A 219 28.67 -8.66 -27.84
C GLU A 219 28.98 -7.18 -27.66
N PRO A 220 29.80 -6.81 -26.68
CA PRO A 220 30.27 -5.42 -26.59
C PRO A 220 31.14 -5.09 -27.79
N LYS A 221 30.70 -4.11 -28.57
CA LYS A 221 31.39 -3.76 -29.80
C LYS A 221 32.76 -3.18 -29.48
N SER A 222 33.81 -3.83 -29.98
CA SER A 222 35.19 -3.45 -29.69
C SER A 222 35.64 -2.30 -30.59
N CYS A 223 36.71 -1.64 -30.18
CA CYS A 223 37.25 -0.52 -30.93
C CYS A 223 38.33 -0.99 -31.90
N ASP B 1 -29.43 -8.98 -27.31
CA ASP B 1 -28.28 -9.18 -26.43
C ASP B 1 -28.41 -8.33 -25.17
N ILE B 2 -27.82 -8.79 -24.07
CA ILE B 2 -27.76 -8.04 -22.84
C ILE B 2 -26.44 -7.28 -22.81
N VAL B 3 -26.51 -5.95 -22.75
CA VAL B 3 -25.34 -5.11 -22.84
C VAL B 3 -24.79 -4.84 -21.45
N MET B 4 -23.51 -5.16 -21.25
CA MET B 4 -22.80 -4.86 -20.01
C MET B 4 -21.94 -3.62 -20.24
N THR B 5 -22.07 -2.63 -19.36
CA THR B 5 -21.38 -1.36 -19.51
C THR B 5 -20.59 -1.08 -18.24
N GLN B 6 -19.28 -0.91 -18.39
CA GLN B 6 -18.41 -0.53 -17.29
C GLN B 6 -18.17 0.97 -17.37
N SER B 7 -18.48 1.68 -16.29
CA SER B 7 -18.52 3.14 -16.32
C SER B 7 -17.17 3.73 -16.74
N HIS B 8 -16.09 3.29 -16.10
CA HIS B 8 -14.78 3.86 -16.31
C HIS B 8 -13.91 2.90 -17.10
N LYS B 9 -13.25 3.41 -18.14
CA LYS B 9 -12.33 2.62 -18.96
C LYS B 9 -10.95 2.52 -18.32
N PHE B 10 -10.52 3.53 -17.57
CA PHE B 10 -9.23 3.51 -16.89
C PHE B 10 -9.41 3.95 -15.44
N MET B 11 -8.65 3.31 -14.55
CA MET B 11 -8.64 3.67 -13.14
C MET B 11 -7.21 3.62 -12.61
N SER B 12 -6.83 4.63 -11.84
CA SER B 12 -5.51 4.71 -11.23
C SER B 12 -5.65 4.61 -9.71
N THR B 13 -4.71 3.91 -9.08
CA THR B 13 -4.75 3.73 -7.64
C THR B 13 -3.36 3.54 -7.09
N LEU B 14 -3.22 3.83 -5.80
CA LEU B 14 -1.98 3.60 -5.06
C LEU B 14 -1.97 2.20 -4.49
N VAL B 15 -0.76 1.68 -4.25
CA VAL B 15 -0.62 0.36 -3.66
C VAL B 15 -1.10 0.40 -2.21
N GLY B 16 -1.86 -0.62 -1.82
CA GLY B 16 -2.47 -0.67 -0.51
C GLY B 16 -3.80 0.05 -0.39
N ASP B 17 -4.27 0.67 -1.47
CA ASP B 17 -5.51 1.43 -1.47
C ASP B 17 -6.69 0.58 -1.94
N ARG B 18 -7.89 1.12 -1.81
CA ARG B 18 -9.08 0.44 -2.27
C ARG B 18 -9.44 0.87 -3.69
N VAL B 19 -10.14 -0.02 -4.41
CA VAL B 19 -10.64 0.24 -5.76
C VAL B 19 -11.96 -0.49 -5.91
N SER B 20 -12.94 0.18 -6.55
CA SER B 20 -14.24 -0.40 -6.81
C SER B 20 -14.63 -0.06 -8.24
N ILE B 21 -14.66 -1.07 -9.10
CA ILE B 21 -15.09 -0.94 -10.48
C ILE B 21 -16.56 -1.32 -10.55
N THR B 22 -17.34 -0.54 -11.30
CA THR B 22 -18.76 -0.77 -11.41
C THR B 22 -19.12 -1.29 -12.80
N CYS B 23 -20.22 -2.04 -12.86
CA CYS B 23 -20.68 -2.65 -14.10
C CYS B 23 -22.20 -2.72 -14.06
N LYS B 24 -22.84 -2.19 -15.09
CA LYS B 24 -24.29 -2.10 -15.15
C LYS B 24 -24.80 -2.92 -16.33
N ALA B 25 -25.88 -3.66 -16.08
CA ALA B 25 -26.51 -4.49 -17.09
C ALA B 25 -27.77 -3.81 -17.62
N SER B 26 -28.03 -3.97 -18.92
CA SER B 26 -29.21 -3.37 -19.52
C SER B 26 -30.50 -4.01 -19.03
N GLN B 27 -30.45 -5.25 -18.56
CA GLN B 27 -31.61 -5.96 -18.06
C GLN B 27 -31.27 -6.62 -16.74
N ASP B 28 -32.30 -7.12 -16.06
CA ASP B 28 -32.09 -7.85 -14.81
C ASP B 28 -31.38 -9.16 -15.10
N VAL B 29 -30.26 -9.39 -14.40
CA VAL B 29 -29.50 -10.62 -14.56
C VAL B 29 -29.30 -11.26 -13.19
N SER B 30 -30.21 -10.96 -12.26
CA SER B 30 -30.17 -11.50 -10.91
C SER B 30 -28.81 -11.25 -10.27
N THR B 31 -28.25 -12.27 -9.61
CA THR B 31 -26.93 -12.19 -9.01
C THR B 31 -25.89 -12.96 -9.82
N THR B 32 -26.16 -13.24 -11.09
CA THR B 32 -25.28 -14.07 -11.91
C THR B 32 -24.41 -13.18 -12.80
N VAL B 33 -23.36 -12.64 -12.20
CA VAL B 33 -22.35 -11.84 -12.90
C VAL B 33 -20.98 -12.30 -12.44
N ALA B 34 -20.07 -12.50 -13.39
CA ALA B 34 -18.71 -12.92 -13.11
C ALA B 34 -17.73 -11.80 -13.44
N TRP B 35 -16.57 -11.87 -12.79
CA TRP B 35 -15.49 -10.90 -12.96
C TRP B 35 -14.20 -11.63 -13.28
N TYR B 36 -13.58 -11.24 -14.38
CA TYR B 36 -12.32 -11.80 -14.87
C TYR B 36 -11.21 -10.76 -14.80
N GLN B 37 -9.98 -11.26 -14.65
CA GLN B 37 -8.78 -10.44 -14.57
C GLN B 37 -7.83 -10.86 -15.68
N GLN B 38 -7.42 -9.91 -16.52
CA GLN B 38 -6.48 -10.18 -17.60
C GLN B 38 -5.23 -9.32 -17.40
N LYS B 39 -4.14 -9.96 -16.99
CA LYS B 39 -2.87 -9.28 -16.78
C LYS B 39 -2.18 -9.06 -18.12
N PRO B 40 -1.20 -8.16 -18.19
CA PRO B 40 -0.52 -7.91 -19.47
C PRO B 40 0.11 -9.19 -20.03
N GLY B 41 -0.21 -9.50 -21.28
CA GLY B 41 0.35 -10.66 -21.94
C GLY B 41 -0.20 -12.00 -21.49
N GLN B 42 -1.29 -12.02 -20.73
CA GLN B 42 -1.87 -13.25 -20.24
C GLN B 42 -3.32 -13.37 -20.69
N SER B 43 -3.89 -14.55 -20.44
CA SER B 43 -5.30 -14.82 -20.71
C SER B 43 -6.15 -14.38 -19.53
N PRO B 44 -7.44 -14.16 -19.75
CA PRO B 44 -8.32 -13.80 -18.62
C PRO B 44 -8.33 -14.89 -17.56
N LYS B 45 -8.29 -14.47 -16.30
CA LYS B 45 -8.36 -15.37 -15.16
C LYS B 45 -9.66 -15.12 -14.42
N LEU B 46 -10.46 -16.17 -14.26
CA LEU B 46 -11.72 -16.05 -13.52
C LEU B 46 -11.42 -15.75 -12.06
N LEU B 47 -11.90 -14.60 -11.58
CA LEU B 47 -11.75 -14.23 -10.18
C LEU B 47 -13.04 -14.41 -9.38
N ILE B 48 -14.17 -13.97 -9.92
CA ILE B 48 -15.42 -13.99 -9.16
C ILE B 48 -16.54 -14.50 -10.05
N TYR B 49 -17.47 -15.25 -9.46
CA TYR B 49 -18.68 -15.69 -10.13
C TYR B 49 -19.87 -15.43 -9.22
N SER B 50 -21.06 -15.38 -9.81
CA SER B 50 -22.31 -15.15 -9.09
C SER B 50 -22.21 -13.89 -8.24
N ALA B 51 -21.65 -12.83 -8.82
CA ALA B 51 -21.64 -11.48 -8.24
C ALA B 51 -20.71 -11.37 -7.03
N SER B 52 -20.81 -12.31 -6.09
CA SER B 52 -20.07 -12.20 -4.84
C SER B 52 -19.26 -13.43 -4.47
N TYR B 53 -19.34 -14.51 -5.23
CA TYR B 53 -18.64 -15.75 -4.89
C TYR B 53 -17.25 -15.76 -5.53
N ARG B 54 -16.25 -16.04 -4.70
CA ARG B 54 -14.86 -16.08 -5.14
C ARG B 54 -14.52 -17.46 -5.66
N TYR B 55 -13.88 -17.52 -6.83
CA TYR B 55 -13.41 -18.79 -7.35
C TYR B 55 -12.30 -19.35 -6.46
N THR B 56 -12.10 -20.66 -6.53
CA THR B 56 -11.10 -21.31 -5.70
C THR B 56 -9.71 -20.75 -6.01
N GLY B 57 -8.92 -20.55 -4.95
CA GLY B 57 -7.57 -20.04 -5.10
C GLY B 57 -7.47 -18.54 -5.32
N VAL B 58 -8.58 -17.83 -5.41
CA VAL B 58 -8.55 -16.39 -5.61
C VAL B 58 -8.30 -15.72 -4.26
N PRO B 59 -7.40 -14.74 -4.18
CA PRO B 59 -7.16 -14.08 -2.89
C PRO B 59 -8.41 -13.43 -2.33
N ASP B 60 -8.44 -13.29 -1.00
CA ASP B 60 -9.62 -12.75 -0.33
C ASP B 60 -9.82 -11.26 -0.57
N ARG B 61 -8.77 -10.53 -0.98
CA ARG B 61 -8.92 -9.09 -1.17
C ARG B 61 -9.84 -8.75 -2.34
N PHE B 62 -10.15 -9.72 -3.20
CA PHE B 62 -11.08 -9.51 -4.29
C PHE B 62 -12.48 -9.86 -3.81
N THR B 63 -13.41 -8.92 -3.95
CA THR B 63 -14.78 -9.13 -3.53
C THR B 63 -15.72 -8.59 -4.59
N GLY B 64 -16.98 -8.99 -4.50
CA GLY B 64 -17.98 -8.53 -5.43
C GLY B 64 -19.32 -8.36 -4.75
N SER B 65 -20.12 -7.46 -5.29
CA SER B 65 -21.46 -7.24 -4.77
C SER B 65 -22.35 -6.78 -5.92
N GLY B 66 -23.65 -6.74 -5.65
CA GLY B 66 -24.62 -6.24 -6.60
C GLY B 66 -25.66 -7.30 -6.96
N SER B 67 -26.66 -6.83 -7.70
CA SER B 67 -27.78 -7.68 -8.10
C SER B 67 -28.66 -6.89 -9.06
N GLY B 68 -29.40 -7.63 -9.88
CA GLY B 68 -30.28 -7.02 -10.85
C GLY B 68 -29.52 -6.39 -11.99
N THR B 69 -29.22 -5.09 -11.87
CA THR B 69 -28.55 -4.34 -12.92
C THR B 69 -27.20 -3.78 -12.49
N ASP B 70 -26.99 -3.50 -11.22
CA ASP B 70 -25.78 -2.85 -10.74
C ASP B 70 -24.89 -3.85 -10.01
N PHE B 71 -23.60 -3.85 -10.34
CA PHE B 71 -22.63 -4.74 -9.72
C PHE B 71 -21.31 -4.00 -9.53
N THR B 72 -20.56 -4.42 -8.52
CA THR B 72 -19.32 -3.73 -8.15
C THR B 72 -18.28 -4.74 -7.70
N PHE B 73 -17.13 -4.71 -8.37
CA PHE B 73 -15.98 -5.54 -8.04
C PHE B 73 -14.98 -4.67 -7.28
N THR B 74 -14.45 -5.19 -6.17
CA THR B 74 -13.66 -4.37 -5.26
C THR B 74 -12.37 -5.08 -4.88
N ILE B 75 -11.27 -4.36 -4.96
CA ILE B 75 -9.99 -4.78 -4.39
C ILE B 75 -9.76 -3.91 -3.15
N SER B 76 -9.63 -4.55 -1.99
CA SER B 76 -9.54 -3.83 -0.73
C SER B 76 -8.15 -3.25 -0.51
N SER B 77 -7.10 -3.91 -0.98
CA SER B 77 -5.73 -3.45 -0.83
C SER B 77 -4.99 -3.83 -2.11
N VAL B 78 -4.99 -2.91 -3.09
CA VAL B 78 -4.38 -3.19 -4.38
C VAL B 78 -2.89 -3.43 -4.20
N GLN B 79 -2.36 -4.40 -4.93
CA GLN B 79 -0.94 -4.73 -4.93
C GLN B 79 -0.37 -4.61 -6.34
N ALA B 80 0.97 -4.61 -6.41
CA ALA B 80 1.65 -4.34 -7.67
C ALA B 80 1.22 -5.29 -8.78
N GLU B 81 1.09 -6.59 -8.47
CA GLU B 81 0.74 -7.56 -9.50
C GLU B 81 -0.71 -7.45 -9.95
N ASP B 82 -1.53 -6.62 -9.29
CA ASP B 82 -2.93 -6.50 -9.64
C ASP B 82 -3.14 -5.72 -10.93
N LEU B 83 -2.07 -5.25 -11.57
CA LEU B 83 -2.20 -4.55 -12.85
C LEU B 83 -2.84 -5.47 -13.86
N ALA B 84 -3.96 -5.02 -14.44
CA ALA B 84 -4.73 -5.84 -15.36
C ALA B 84 -5.94 -5.09 -15.90
N VAL B 85 -6.65 -5.71 -16.83
CA VAL B 85 -7.96 -5.25 -17.28
C VAL B 85 -9.00 -6.16 -16.63
N TYR B 86 -9.97 -5.57 -15.96
CA TYR B 86 -10.98 -6.33 -15.24
C TYR B 86 -12.28 -6.25 -16.02
N TYR B 87 -12.85 -7.42 -16.33
CA TYR B 87 -14.06 -7.52 -17.13
C TYR B 87 -15.20 -8.08 -16.28
N CYS B 88 -16.40 -7.58 -16.54
CA CYS B 88 -17.62 -8.19 -16.02
C CYS B 88 -18.33 -8.90 -17.16
N GLN B 89 -18.92 -10.05 -16.84
CA GLN B 89 -19.64 -10.85 -17.80
C GLN B 89 -20.94 -11.34 -17.17
N GLN B 90 -22.05 -11.13 -17.85
CA GLN B 90 -23.32 -11.68 -17.39
C GLN B 90 -23.36 -13.15 -17.82
N HIS B 91 -23.36 -14.04 -16.85
CA HIS B 91 -23.55 -15.47 -17.10
C HIS B 91 -24.96 -15.89 -16.72
N TYR B 92 -25.92 -15.14 -17.25
CA TYR B 92 -27.34 -15.29 -16.95
C TYR B 92 -28.12 -15.89 -18.11
N SER B 93 -27.89 -15.42 -19.33
CA SER B 93 -28.64 -15.91 -20.49
C SER B 93 -27.72 -15.92 -21.70
N ILE B 94 -28.26 -16.39 -22.82
CA ILE B 94 -27.53 -16.48 -24.09
C ILE B 94 -28.06 -15.39 -25.02
N PRO B 95 -27.20 -14.70 -25.78
CA PRO B 95 -25.74 -14.85 -25.85
C PRO B 95 -24.99 -14.31 -24.64
N ARG B 96 -23.86 -14.94 -24.34
CA ARG B 96 -22.99 -14.46 -23.27
C ARG B 96 -22.32 -13.16 -23.69
N THR B 97 -22.40 -12.14 -22.85
CA THR B 97 -21.85 -10.83 -23.18
C THR B 97 -20.93 -10.36 -22.07
N PHE B 98 -19.80 -9.77 -22.47
CA PHE B 98 -18.83 -9.21 -21.55
C PHE B 98 -18.97 -7.70 -21.47
N GLY B 99 -18.27 -7.11 -20.49
CA GLY B 99 -18.15 -5.67 -20.43
C GLY B 99 -16.99 -5.16 -21.26
N GLY B 100 -16.89 -3.83 -21.33
CA GLY B 100 -15.80 -3.22 -22.08
C GLY B 100 -14.44 -3.39 -21.44
N GLY B 101 -14.39 -3.60 -20.13
CA GLY B 101 -13.15 -3.74 -19.42
C GLY B 101 -12.71 -2.44 -18.77
N THR B 102 -11.90 -2.57 -17.72
CA THR B 102 -11.36 -1.42 -17.00
C THR B 102 -9.90 -1.69 -16.69
N LYS B 103 -9.00 -0.92 -17.31
CA LYS B 103 -7.58 -1.05 -17.05
C LYS B 103 -7.25 -0.36 -15.73
N LEU B 104 -6.64 -1.10 -14.81
CA LEU B 104 -6.28 -0.58 -13.50
C LEU B 104 -4.81 -0.21 -13.51
N GLU B 105 -4.52 1.08 -13.61
CA GLU B 105 -3.16 1.58 -13.54
C GLU B 105 -2.79 1.84 -12.08
N ILE B 106 -1.51 1.71 -11.77
CA ILE B 106 -0.99 1.93 -10.42
C ILE B 106 -0.22 3.24 -10.40
N LYS B 107 -0.54 4.09 -9.42
CA LYS B 107 0.14 5.35 -9.24
C LYS B 107 1.29 5.17 -8.24
N ARG B 108 2.43 5.76 -8.57
CA ARG B 108 3.62 5.66 -7.73
C ARG B 108 4.39 6.97 -7.84
N THR B 109 5.49 7.04 -7.08
CA THR B 109 6.33 8.22 -7.11
C THR B 109 7.00 8.38 -8.46
N VAL B 110 7.46 9.61 -8.73
CA VAL B 110 8.12 9.89 -9.99
C VAL B 110 9.41 9.10 -10.09
N ALA B 111 9.70 8.61 -11.29
CA ALA B 111 10.93 7.87 -11.57
C ALA B 111 11.50 8.37 -12.88
N ALA B 112 12.68 8.98 -12.83
CA ALA B 112 13.32 9.47 -14.03
C ALA B 112 13.77 8.30 -14.92
N PRO B 113 13.68 8.45 -16.24
CA PRO B 113 14.12 7.36 -17.12
C PRO B 113 15.64 7.27 -17.20
N SER B 114 16.12 6.05 -17.37
CA SER B 114 17.53 5.82 -17.72
C SER B 114 17.65 5.75 -19.23
N VAL B 115 18.47 6.63 -19.80
CA VAL B 115 18.56 6.80 -21.25
C VAL B 115 19.78 6.08 -21.77
N PHE B 116 19.59 5.30 -22.83
CA PHE B 116 20.68 4.63 -23.55
C PHE B 116 20.48 4.85 -25.04
N ILE B 117 21.59 4.83 -25.79
CA ILE B 117 21.53 5.01 -27.23
C ILE B 117 22.38 3.92 -27.88
N PHE B 118 21.84 3.30 -28.92
CA PHE B 118 22.49 2.23 -29.65
C PHE B 118 22.61 2.63 -31.11
N PRO B 119 23.82 2.67 -31.67
CA PRO B 119 23.99 2.96 -33.09
C PRO B 119 23.63 1.75 -33.93
N PRO B 120 23.44 1.91 -35.24
CA PRO B 120 23.10 0.76 -36.08
C PRO B 120 24.29 -0.18 -36.22
N SER B 121 23.97 -1.47 -36.31
CA SER B 121 24.99 -2.48 -36.50
C SER B 121 25.57 -2.41 -37.90
N ASP B 122 26.82 -2.84 -38.04
CA ASP B 122 27.46 -2.87 -39.35
C ASP B 122 26.73 -3.80 -40.31
N GLU B 123 26.08 -4.85 -39.77
CA GLU B 123 25.31 -5.76 -40.60
C GLU B 123 24.15 -5.03 -41.28
N GLN B 124 23.33 -4.33 -40.49
CA GLN B 124 22.20 -3.59 -41.05
C GLN B 124 22.69 -2.48 -41.99
N LEU B 125 23.79 -1.82 -41.64
CA LEU B 125 24.35 -0.79 -42.51
C LEU B 125 24.71 -1.36 -43.88
N LYS B 126 25.48 -2.45 -43.89
CA LYS B 126 25.80 -3.13 -45.14
C LYS B 126 24.54 -3.59 -45.87
N SER B 127 23.49 -3.92 -45.13
CA SER B 127 22.21 -4.25 -45.77
C SER B 127 21.63 -3.05 -46.51
N GLY B 128 21.97 -1.83 -46.07
CA GLY B 128 21.50 -0.63 -46.74
C GLY B 128 20.58 0.28 -45.95
N THR B 129 20.44 0.03 -44.66
CA THR B 129 19.56 0.82 -43.79
C THR B 129 20.23 1.00 -42.45
N ALA B 130 19.87 2.07 -41.74
CA ALA B 130 20.42 2.37 -40.42
C ALA B 130 19.28 2.65 -39.45
N SER B 131 19.26 1.91 -38.34
CA SER B 131 18.27 2.09 -37.29
C SER B 131 19.00 2.44 -36.00
N VAL B 132 18.82 3.67 -35.53
CA VAL B 132 19.40 4.13 -34.26
C VAL B 132 18.33 4.00 -33.20
N VAL B 133 18.68 3.43 -32.05
CA VAL B 133 17.69 3.12 -31.02
C VAL B 133 17.98 3.97 -29.78
N CYS B 134 16.94 4.54 -29.20
CA CYS B 134 17.01 5.27 -27.95
C CYS B 134 16.09 4.58 -26.94
N LEU B 135 16.65 4.16 -25.82
CA LEU B 135 15.94 3.39 -24.82
C LEU B 135 15.76 4.24 -23.56
N LEU B 136 14.51 4.44 -23.16
CA LEU B 136 14.17 5.05 -21.88
C LEU B 136 13.69 3.93 -20.96
N ASN B 137 14.37 3.75 -19.84
CA ASN B 137 14.19 2.56 -19.01
C ASN B 137 13.65 2.94 -17.64
N ASN B 138 12.61 2.24 -17.22
CA ASN B 138 12.06 2.26 -15.85
C ASN B 138 11.77 3.68 -15.38
N PHE B 139 10.74 4.26 -15.98
CA PHE B 139 10.30 5.61 -15.62
C PHE B 139 8.81 5.61 -15.31
N TYR B 140 8.40 6.64 -14.56
CA TYR B 140 7.00 6.89 -14.22
C TYR B 140 6.89 8.37 -13.94
N PRO B 141 5.82 9.04 -14.42
CA PRO B 141 4.68 8.48 -15.16
C PRO B 141 4.98 8.11 -16.62
N ARG B 142 3.93 7.70 -17.33
CA ARG B 142 4.07 7.15 -18.66
C ARG B 142 4.54 8.20 -19.67
N GLU B 143 4.23 9.47 -19.45
CA GLU B 143 4.46 10.50 -20.44
C GLU B 143 5.91 10.96 -20.40
N ALA B 144 6.65 10.73 -21.48
CA ALA B 144 8.02 11.19 -21.62
C ALA B 144 8.26 11.52 -23.09
N LYS B 145 8.82 12.70 -23.36
CA LYS B 145 9.02 13.16 -24.72
C LYS B 145 10.47 12.94 -25.16
N VAL B 146 10.64 12.50 -26.40
CA VAL B 146 11.95 12.19 -26.97
C VAL B 146 12.07 12.92 -28.32
N GLN B 147 13.17 13.66 -28.49
CA GLN B 147 13.46 14.33 -29.75
C GLN B 147 14.78 13.82 -30.31
N TRP B 148 14.86 13.73 -31.63
CA TRP B 148 16.06 13.26 -32.31
C TRP B 148 16.82 14.42 -32.94
N LYS B 149 18.13 14.43 -32.76
CA LYS B 149 19.01 15.45 -33.30
C LYS B 149 20.16 14.79 -34.05
N VAL B 150 20.29 15.12 -35.33
CA VAL B 150 21.40 14.65 -36.17
C VAL B 150 22.20 15.89 -36.55
N ASP B 151 23.38 16.04 -35.93
CA ASP B 151 24.19 17.24 -36.11
C ASP B 151 23.41 18.49 -35.70
N ASN B 152 22.72 18.39 -34.57
CA ASN B 152 21.86 19.41 -33.97
C ASN B 152 20.64 19.75 -34.83
N ALA B 153 20.43 19.06 -35.94
CA ALA B 153 19.25 19.28 -36.77
C ALA B 153 18.11 18.43 -36.25
N LEU B 154 16.99 19.07 -35.92
CA LEU B 154 15.85 18.36 -35.36
C LEU B 154 15.20 17.49 -36.43
N GLN B 155 14.89 16.25 -36.06
CA GLN B 155 14.27 15.28 -36.97
C GLN B 155 12.77 15.26 -36.77
N SER B 156 12.06 14.90 -37.84
CA SER B 156 10.61 14.82 -37.79
C SER B 156 10.13 13.88 -38.89
N GLY B 157 9.19 13.00 -38.54
CA GLY B 157 8.61 12.10 -39.51
C GLY B 157 9.46 10.92 -39.90
N ASN B 158 10.55 10.64 -39.16
CA ASN B 158 11.42 9.52 -39.48
C ASN B 158 11.77 8.70 -38.24
N SER B 159 10.94 8.75 -37.20
CA SER B 159 11.17 7.98 -35.98
C SER B 159 9.83 7.45 -35.48
N GLN B 160 9.91 6.32 -34.77
CA GLN B 160 8.73 5.68 -34.21
C GLN B 160 8.98 5.24 -32.78
N GLU B 161 7.98 5.46 -31.92
CA GLU B 161 8.08 5.13 -30.50
C GLU B 161 7.20 3.93 -30.17
N SER B 162 7.63 3.18 -29.15
CA SER B 162 6.86 2.06 -28.64
C SER B 162 7.08 1.96 -27.14
N VAL B 163 5.99 1.94 -26.37
CA VAL B 163 6.05 1.96 -24.92
C VAL B 163 5.45 0.66 -24.39
N THR B 164 6.07 0.11 -23.34
CA THR B 164 5.63 -1.14 -22.74
C THR B 164 4.44 -0.91 -21.81
N GLU B 165 3.83 -2.02 -21.38
CA GLU B 165 2.84 -1.99 -20.33
C GLU B 165 3.53 -1.84 -18.98
N GLN B 166 2.76 -1.38 -18.00
CA GLN B 166 3.31 -1.14 -16.67
C GLN B 166 3.86 -2.42 -16.06
N ASP B 167 5.10 -2.34 -15.59
CA ASP B 167 5.77 -3.51 -15.02
C ASP B 167 5.12 -3.90 -13.70
N SER B 168 4.96 -5.20 -13.48
CA SER B 168 4.31 -5.71 -12.28
C SER B 168 5.21 -5.68 -11.04
N LYS B 169 6.49 -5.30 -11.20
CA LYS B 169 7.44 -5.29 -10.09
C LYS B 169 7.74 -3.89 -9.58
N ASP B 170 8.11 -2.96 -10.45
CA ASP B 170 8.42 -1.60 -10.04
C ASP B 170 7.39 -0.59 -10.51
N SER B 171 6.33 -1.03 -11.21
CA SER B 171 5.23 -0.17 -11.62
C SER B 171 5.68 0.94 -12.57
N THR B 172 6.74 0.68 -13.33
CA THR B 172 7.33 1.66 -14.24
C THR B 172 6.96 1.31 -15.68
N TYR B 173 7.42 2.18 -16.59
CA TYR B 173 7.24 1.99 -18.02
C TYR B 173 8.61 2.05 -18.68
N SER B 174 8.67 1.59 -19.94
CA SER B 174 9.87 1.72 -20.75
C SER B 174 9.46 2.07 -22.17
N LEU B 175 10.29 2.86 -22.83
CA LEU B 175 10.01 3.38 -24.16
C LEU B 175 11.21 3.14 -25.06
N SER B 176 10.93 2.84 -26.33
CA SER B 176 11.97 2.67 -27.34
C SER B 176 11.62 3.54 -28.53
N SER B 177 12.54 4.43 -28.91
CA SER B 177 12.38 5.31 -30.07
C SER B 177 13.40 4.89 -31.12
N THR B 178 12.91 4.51 -32.30
CA THR B 178 13.75 4.04 -33.39
C THR B 178 13.76 5.11 -34.49
N LEU B 179 14.95 5.62 -34.78
CA LEU B 179 15.17 6.55 -35.88
C LEU B 179 15.71 5.77 -37.07
N THR B 180 15.02 5.84 -38.20
CA THR B 180 15.34 5.05 -39.38
C THR B 180 15.84 5.97 -40.50
N LEU B 181 17.01 5.65 -41.04
CA LEU B 181 17.60 6.39 -42.14
C LEU B 181 18.17 5.41 -43.15
N SER B 182 18.54 5.94 -44.31
CA SER B 182 19.27 5.17 -45.31
C SER B 182 20.76 5.22 -45.02
N LYS B 183 21.48 4.23 -45.54
CA LYS B 183 22.94 4.20 -45.38
C LYS B 183 23.58 5.48 -45.88
N ALA B 184 23.07 6.03 -46.98
CA ALA B 184 23.57 7.29 -47.51
C ALA B 184 23.38 8.41 -46.49
N ASP B 185 22.14 8.64 -46.06
CA ASP B 185 21.87 9.70 -45.10
C ASP B 185 22.59 9.46 -43.77
N TYR B 186 22.77 8.20 -43.38
CA TYR B 186 23.45 7.91 -42.14
C TYR B 186 24.94 8.25 -42.21
N GLU B 187 25.63 7.76 -43.24
CA GLU B 187 27.04 8.07 -43.40
C GLU B 187 27.27 9.51 -43.81
N LYS B 188 26.22 10.24 -44.18
CA LYS B 188 26.36 11.65 -44.55
C LYS B 188 26.56 12.56 -43.35
N HIS B 189 26.17 12.13 -42.15
CA HIS B 189 26.27 12.95 -40.94
C HIS B 189 27.11 12.25 -39.88
N LYS B 190 27.37 12.97 -38.78
CA LYS B 190 28.31 12.53 -37.77
C LYS B 190 27.67 12.28 -36.41
N VAL B 191 27.00 13.26 -35.82
CA VAL B 191 26.51 13.19 -34.44
C VAL B 191 25.06 12.76 -34.45
N TYR B 192 24.72 11.78 -33.61
CA TYR B 192 23.35 11.31 -33.46
C TYR B 192 23.00 11.32 -31.98
N ALA B 193 21.92 12.01 -31.62
CA ALA B 193 21.54 12.17 -30.23
C ALA B 193 20.03 12.07 -30.07
N CYS B 194 19.62 11.56 -28.92
CA CYS B 194 18.23 11.66 -28.47
C CYS B 194 18.19 12.46 -27.18
N GLU B 195 17.31 13.46 -27.15
CA GLU B 195 17.10 14.33 -26.01
C GLU B 195 15.76 13.96 -25.38
N VAL B 196 15.79 13.64 -24.08
CA VAL B 196 14.63 13.13 -23.36
C VAL B 196 14.23 14.15 -22.31
N THR B 197 12.94 14.46 -22.26
CA THR B 197 12.35 15.27 -21.20
C THR B 197 11.25 14.46 -20.52
N HIS B 198 11.18 14.57 -19.20
CA HIS B 198 10.25 13.80 -18.39
C HIS B 198 9.94 14.58 -17.12
N GLN B 199 8.81 14.22 -16.49
CA GLN B 199 8.39 14.88 -15.27
C GLN B 199 9.45 14.79 -14.18
N GLY B 200 10.29 13.76 -14.21
CA GLY B 200 11.33 13.57 -13.21
C GLY B 200 12.70 14.07 -13.58
N LEU B 201 12.83 14.86 -14.65
CA LEU B 201 14.11 15.40 -15.09
C LEU B 201 14.07 16.91 -14.96
N SER B 202 14.85 17.45 -14.03
CA SER B 202 14.93 18.91 -13.85
C SER B 202 15.52 19.61 -15.06
N SER B 203 16.13 18.87 -15.99
CA SER B 203 16.64 19.41 -17.24
C SER B 203 16.73 18.27 -18.24
N PRO B 204 16.69 18.57 -19.54
CA PRO B 204 16.71 17.49 -20.54
C PRO B 204 17.96 16.64 -20.43
N VAL B 205 17.80 15.35 -20.72
CA VAL B 205 18.90 14.40 -20.69
C VAL B 205 19.20 14.00 -22.13
N THR B 206 20.41 14.30 -22.60
CA THR B 206 20.80 14.04 -23.98
C THR B 206 21.81 12.90 -24.01
N LYS B 207 21.53 11.89 -24.82
CA LYS B 207 22.47 10.80 -25.07
C LYS B 207 22.83 10.80 -26.55
N SER B 208 24.13 10.85 -26.83
CA SER B 208 24.62 11.06 -28.18
C SER B 208 25.79 10.12 -28.46
N PHE B 209 26.12 10.01 -29.74
CA PHE B 209 27.31 9.30 -30.17
C PHE B 209 27.78 9.88 -31.49
N ASN B 210 29.09 9.78 -31.71
CA ASN B 210 29.70 10.18 -32.96
C ASN B 210 29.82 8.96 -33.86
N ARG B 211 29.40 9.10 -35.11
CA ARG B 211 29.46 7.99 -36.06
C ARG B 211 30.89 7.50 -36.18
N GLY B 212 31.13 6.26 -35.76
CA GLY B 212 32.44 5.65 -35.81
C GLY B 212 32.89 5.30 -34.42
N GLU B 213 34.03 5.86 -34.00
CA GLU B 213 34.62 5.61 -32.68
C GLU B 213 34.57 4.14 -32.27
N GLU C 1 22.77 -18.12 -18.02
CA GLU C 1 22.81 -17.33 -16.80
C GLU C 1 23.75 -17.97 -15.79
N VAL C 2 24.03 -17.25 -14.69
CA VAL C 2 24.90 -17.80 -13.66
C VAL C 2 24.14 -18.86 -12.88
N GLN C 3 24.83 -19.94 -12.55
CA GLN C 3 24.26 -21.06 -11.81
C GLN C 3 25.29 -21.56 -10.81
N LEU C 4 24.84 -21.80 -9.57
CA LEU C 4 25.68 -22.37 -8.52
C LEU C 4 24.95 -23.57 -7.96
N GLN C 5 25.26 -24.76 -8.47
CA GLN C 5 24.59 -25.99 -8.06
C GLN C 5 25.39 -26.67 -6.96
N GLN C 6 24.80 -26.82 -5.78
CA GLN C 6 25.46 -27.47 -4.66
C GLN C 6 25.02 -28.92 -4.55
N SER C 7 25.84 -29.72 -3.86
CA SER C 7 25.52 -31.12 -3.65
C SER C 7 24.26 -31.25 -2.79
N GLY C 8 23.74 -32.47 -2.72
CA GLY C 8 22.54 -32.74 -1.97
C GLY C 8 22.79 -32.77 -0.48
N PRO C 9 21.71 -32.97 0.28
CA PRO C 9 21.84 -33.01 1.73
C PRO C 9 22.66 -34.22 2.19
N GLU C 10 23.22 -34.09 3.39
CA GLU C 10 24.11 -35.11 3.93
C GLU C 10 23.76 -35.42 5.37
N LEU C 11 23.86 -36.71 5.72
CA LEU C 11 23.76 -37.17 7.10
C LEU C 11 25.09 -37.83 7.45
N VAL C 12 25.66 -37.43 8.59
CA VAL C 12 27.00 -37.85 8.98
C VAL C 12 27.03 -38.09 10.48
N LYS C 13 27.85 -39.06 10.90
CA LYS C 13 28.03 -39.35 12.31
C LYS C 13 29.00 -38.34 12.94
N PRO C 14 28.85 -38.07 14.24
CA PRO C 14 29.76 -37.13 14.90
C PRO C 14 31.22 -37.57 14.78
N GLY C 15 32.11 -36.59 14.62
CA GLY C 15 33.53 -36.84 14.47
C GLY C 15 33.99 -37.12 13.06
N ALA C 16 33.11 -37.57 12.18
CA ALA C 16 33.49 -37.87 10.81
C ALA C 16 33.63 -36.57 10.01
N SER C 17 33.83 -36.69 8.70
CA SER C 17 34.08 -35.55 7.84
C SER C 17 33.07 -35.55 6.70
N VAL C 18 32.90 -34.36 6.09
CA VAL C 18 31.96 -34.19 4.98
C VAL C 18 32.68 -33.39 3.90
N LYS C 19 32.19 -33.53 2.66
CA LYS C 19 32.74 -32.78 1.52
C LYS C 19 31.58 -32.37 0.63
N MET C 20 31.29 -31.08 0.61
CA MET C 20 30.23 -30.52 -0.22
C MET C 20 30.81 -29.86 -1.45
N SER C 21 30.03 -29.84 -2.53
CA SER C 21 30.46 -29.30 -3.80
C SER C 21 29.61 -28.09 -4.17
N CYS C 22 30.17 -27.25 -5.04
CA CYS C 22 29.47 -26.09 -5.56
C CYS C 22 29.99 -25.88 -6.99
N LYS C 23 29.21 -26.37 -7.96
CA LYS C 23 29.58 -26.28 -9.36
C LYS C 23 29.03 -24.97 -9.93
N ALA C 24 29.93 -24.13 -10.46
CA ALA C 24 29.56 -22.87 -11.06
C ALA C 24 29.44 -23.02 -12.57
N SER C 25 28.56 -22.23 -13.16
CA SER C 25 28.39 -22.27 -14.61
C SER C 25 27.76 -20.96 -15.07
N GLY C 26 27.99 -20.63 -16.33
CA GLY C 26 27.43 -19.43 -16.92
C GLY C 26 28.34 -18.22 -16.91
N TYR C 27 29.60 -18.36 -16.51
CA TYR C 27 30.53 -17.25 -16.46
C TYR C 27 31.94 -17.81 -16.39
N THR C 28 32.92 -16.92 -16.54
CA THR C 28 34.32 -17.30 -16.43
C THR C 28 34.62 -17.66 -14.97
N PHE C 29 34.73 -18.96 -14.69
CA PHE C 29 34.82 -19.42 -13.31
C PHE C 29 36.05 -18.89 -12.59
N SER C 30 37.13 -18.60 -13.32
CA SER C 30 38.41 -18.29 -12.69
C SER C 30 38.54 -16.82 -12.30
N ASP C 31 37.60 -15.96 -12.67
CA ASP C 31 37.73 -14.52 -12.46
C ASP C 31 36.98 -14.00 -11.25
N TYR C 32 36.26 -14.86 -10.53
CA TYR C 32 35.43 -14.43 -9.41
C TYR C 32 35.78 -15.20 -8.15
N TYR C 33 35.83 -14.49 -7.02
CA TYR C 33 36.01 -15.15 -5.73
C TYR C 33 34.84 -16.10 -5.45
N MET C 34 35.10 -17.08 -4.58
CA MET C 34 34.07 -18.01 -4.15
C MET C 34 34.07 -18.06 -2.63
N HIS C 35 32.94 -17.72 -2.02
CA HIS C 35 32.80 -17.70 -0.57
C HIS C 35 31.85 -18.79 -0.11
N TRP C 36 32.05 -19.23 1.14
CA TRP C 36 31.16 -20.17 1.79
C TRP C 36 30.56 -19.53 3.03
N VAL C 37 29.28 -19.80 3.27
CA VAL C 37 28.52 -19.19 4.35
C VAL C 37 27.75 -20.29 5.07
N LYS C 38 27.60 -20.15 6.38
CA LYS C 38 26.88 -21.09 7.21
C LYS C 38 25.63 -20.43 7.77
N GLN C 39 24.49 -21.11 7.66
CA GLN C 39 23.25 -20.64 8.26
C GLN C 39 22.79 -21.69 9.26
N SER C 40 23.11 -21.42 10.53
CA SER C 40 22.68 -22.16 11.70
C SER C 40 21.33 -21.61 12.15
N HIS C 41 20.59 -22.40 12.90
CA HIS C 41 19.32 -21.90 13.40
C HIS C 41 19.53 -20.62 14.22
N GLY C 42 18.49 -19.79 14.24
CA GLY C 42 18.65 -18.40 14.58
C GLY C 42 18.56 -17.52 13.34
N LYS C 43 18.64 -18.15 12.16
CA LYS C 43 18.56 -17.52 10.85
C LYS C 43 19.79 -16.67 10.58
N SER C 44 20.86 -16.90 11.32
CA SER C 44 22.05 -16.08 11.24
C SER C 44 22.95 -16.58 10.13
N LEU C 45 23.67 -15.64 9.52
CA LEU C 45 24.59 -15.94 8.43
C LEU C 45 26.01 -15.81 8.95
N GLU C 46 26.78 -16.89 8.86
CA GLU C 46 28.17 -16.90 9.29
C GLU C 46 29.03 -17.15 8.06
N TRP C 47 29.83 -16.16 7.68
CA TRP C 47 30.85 -16.36 6.66
C TRP C 47 31.79 -17.48 7.11
N ILE C 48 32.34 -18.20 6.13
CA ILE C 48 33.26 -19.30 6.38
C ILE C 48 34.64 -19.01 5.82
N GLY C 49 34.71 -18.64 4.54
CA GLY C 49 35.99 -18.36 3.93
C GLY C 49 35.82 -18.10 2.45
N TYR C 50 36.89 -17.61 1.85
CA TYR C 50 36.93 -17.31 0.43
C TYR C 50 38.03 -18.12 -0.23
N ILE C 51 37.92 -18.24 -1.55
CA ILE C 51 38.95 -18.88 -2.35
C ILE C 51 38.94 -18.24 -3.74
N TYR C 52 40.13 -17.95 -4.25
CA TYR C 52 40.26 -17.43 -5.60
C TYR C 52 40.55 -18.60 -6.53
N PRO C 53 39.63 -18.95 -7.43
CA PRO C 53 39.80 -20.17 -8.24
C PRO C 53 41.08 -20.21 -9.06
N ASP C 54 41.64 -19.06 -9.42
CA ASP C 54 42.88 -19.06 -10.19
C ASP C 54 44.00 -19.74 -9.41
N ASN C 55 43.99 -19.63 -8.09
CA ASN C 55 44.94 -20.38 -7.26
C ASN C 55 44.22 -20.90 -6.01
N GLY C 56 44.27 -20.15 -4.92
CA GLY C 56 43.59 -20.59 -3.72
C GLY C 56 43.61 -19.52 -2.64
N GLY C 57 43.03 -19.88 -1.50
CA GLY C 57 43.05 -19.01 -0.34
C GLY C 57 42.31 -19.67 0.81
N ASN C 58 42.20 -18.95 1.92
CA ASN C 58 41.43 -19.40 3.07
C ASN C 58 40.89 -18.17 3.79
N GLY C 59 40.09 -18.41 4.82
CA GLY C 59 39.54 -17.32 5.60
C GLY C 59 39.18 -17.68 7.03
N TYR C 60 38.45 -16.77 7.68
CA TYR C 60 37.93 -16.77 9.05
C TYR C 60 38.72 -17.59 10.07
N ASN C 61 39.07 -16.95 11.20
CA ASN C 61 39.79 -17.65 12.25
C ASN C 61 38.91 -18.70 12.91
N GLN C 62 37.63 -18.38 13.14
CA GLN C 62 36.75 -19.29 13.86
C GLN C 62 36.58 -20.63 13.13
N LYS C 63 36.72 -20.64 11.80
CA LYS C 63 36.60 -21.86 11.03
C LYS C 63 37.95 -22.44 10.62
N PHE C 64 39.04 -21.97 11.24
CA PHE C 64 40.37 -22.46 10.88
C PHE C 64 40.51 -23.96 11.10
N LYS C 65 40.14 -24.44 12.29
CA LYS C 65 40.26 -25.85 12.65
C LYS C 65 38.98 -26.64 12.36
N GLY C 66 38.47 -26.52 11.14
CA GLY C 66 37.29 -27.25 10.73
C GLY C 66 37.07 -27.23 9.24
N LYS C 67 37.14 -26.04 8.65
CA LYS C 67 36.83 -25.84 7.25
C LYS C 67 38.07 -25.96 6.39
N ALA C 68 37.91 -26.54 5.20
CA ALA C 68 38.99 -26.59 4.21
C ALA C 68 38.38 -26.40 2.82
N THR C 69 38.68 -25.26 2.19
CA THR C 69 38.12 -24.92 0.89
C THR C 69 39.15 -25.16 -0.20
N LEU C 70 38.72 -25.74 -1.31
CA LEU C 70 39.57 -26.03 -2.44
C LEU C 70 38.76 -25.82 -3.73
N THR C 71 39.45 -25.91 -4.87
CA THR C 71 38.81 -25.63 -6.14
C THR C 71 39.37 -26.56 -7.21
N VAL C 72 38.59 -26.73 -8.28
CA VAL C 72 38.99 -27.49 -9.46
C VAL C 72 38.49 -26.72 -10.67
N ASP C 73 39.41 -26.16 -11.45
CA ASP C 73 39.02 -25.43 -12.66
C ASP C 73 38.51 -26.37 -13.73
N LYS C 74 39.05 -27.58 -13.80
CA LYS C 74 38.65 -28.53 -14.83
C LYS C 74 37.15 -28.78 -14.81
N SER C 75 36.57 -28.86 -13.61
CA SER C 75 35.13 -29.04 -13.46
C SER C 75 34.41 -27.75 -13.07
N SER C 76 35.15 -26.64 -12.90
CA SER C 76 34.59 -25.37 -12.46
C SER C 76 33.81 -25.57 -11.16
N SER C 77 34.42 -26.29 -10.22
CA SER C 77 33.75 -26.69 -9.00
C SER C 77 34.57 -26.29 -7.78
N THR C 78 33.94 -25.59 -6.84
CA THR C 78 34.55 -25.28 -5.55
C THR C 78 34.09 -26.32 -4.55
N VAL C 79 35.03 -26.99 -3.90
CA VAL C 79 34.73 -28.04 -2.94
C VAL C 79 35.09 -27.53 -1.56
N TYR C 80 34.37 -28.05 -0.55
CA TYR C 80 34.46 -27.52 0.80
C TYR C 80 34.29 -28.66 1.78
N MET C 81 35.31 -28.88 2.62
CA MET C 81 35.39 -30.04 3.48
C MET C 81 35.27 -29.63 4.94
N GLU C 82 34.53 -30.43 5.71
CA GLU C 82 34.35 -30.25 7.15
C GLU C 82 35.01 -31.41 7.85
N LEU C 83 35.94 -31.10 8.75
CA LEU C 83 36.72 -32.09 9.47
C LEU C 83 36.27 -32.15 10.93
N ARG C 84 36.12 -33.37 11.45
CA ARG C 84 35.69 -33.62 12.83
C ARG C 84 34.40 -32.88 13.16
N SER C 85 33.30 -33.40 12.60
CA SER C 85 31.99 -32.81 12.79
C SER C 85 31.61 -32.82 14.27
N LEU C 86 30.83 -31.82 14.66
CA LEU C 86 30.38 -31.65 16.03
C LEU C 86 28.85 -31.53 16.05
N THR C 87 28.28 -31.51 17.24
CA THR C 87 26.85 -31.27 17.42
C THR C 87 26.46 -29.81 17.24
N SER C 88 27.41 -28.94 16.89
CA SER C 88 27.10 -27.54 16.63
C SER C 88 26.84 -27.27 15.15
N GLU C 89 27.53 -27.97 14.26
CA GLU C 89 27.25 -27.94 12.82
C GLU C 89 25.92 -28.60 12.47
N ASP C 90 25.17 -29.07 13.46
CA ASP C 90 23.97 -29.86 13.22
C ASP C 90 22.90 -29.06 12.51
N SER C 91 22.04 -29.78 11.78
CA SER C 91 20.96 -29.25 10.95
C SER C 91 21.24 -27.82 10.51
N ALA C 92 22.16 -27.66 9.56
CA ALA C 92 22.64 -26.34 9.18
C ALA C 92 22.72 -26.28 7.66
N LEU C 93 22.32 -25.15 7.11
CA LEU C 93 22.33 -24.98 5.66
C LEU C 93 23.56 -24.18 5.24
N TYR C 94 24.36 -24.77 4.36
CA TYR C 94 25.62 -24.18 3.93
C TYR C 94 25.45 -23.66 2.51
N TYR C 95 25.68 -22.37 2.33
CA TYR C 95 25.58 -21.72 1.03
C TYR C 95 26.98 -21.50 0.45
N CYS C 96 27.06 -21.56 -0.87
CA CYS C 96 28.20 -21.03 -1.61
C CYS C 96 27.73 -19.82 -2.40
N ALA C 97 28.54 -18.76 -2.38
CA ALA C 97 28.21 -17.51 -3.02
C ALA C 97 29.40 -17.03 -3.83
N ARG C 98 29.11 -16.18 -4.81
CA ARG C 98 30.13 -15.61 -5.69
C ARG C 98 30.35 -14.16 -5.30
N GLY C 99 31.61 -13.80 -5.07
CA GLY C 99 31.94 -12.40 -4.84
C GLY C 99 31.89 -11.61 -6.13
N THR C 100 31.66 -10.31 -6.00
CA THR C 100 31.54 -9.47 -7.17
C THR C 100 32.88 -9.40 -7.90
N TYR C 101 32.84 -8.89 -9.14
CA TYR C 101 33.98 -8.93 -10.04
C TYR C 101 35.21 -8.24 -9.46
N TYR C 102 35.11 -6.92 -9.26
CA TYR C 102 36.21 -6.16 -8.68
C TYR C 102 36.50 -6.68 -7.27
N ASP C 103 35.47 -7.25 -6.64
CA ASP C 103 35.41 -7.72 -5.26
C ASP C 103 35.36 -6.56 -4.30
N GLY C 104 34.16 -6.05 -4.05
CA GLY C 104 33.87 -5.20 -2.93
C GLY C 104 33.67 -6.00 -1.68
N SER C 105 33.76 -7.33 -1.82
CA SER C 105 33.64 -8.37 -0.82
C SER C 105 32.18 -8.70 -0.52
N TYR C 106 31.25 -8.21 -1.33
CA TYR C 106 29.85 -8.61 -1.23
C TYR C 106 29.53 -9.63 -2.30
N PHE C 107 28.44 -10.37 -2.09
CA PHE C 107 28.14 -11.57 -2.86
C PHE C 107 26.89 -11.33 -3.71
N ASP C 108 27.02 -11.54 -5.02
CA ASP C 108 25.94 -11.21 -5.95
C ASP C 108 25.16 -12.43 -6.44
N TYR C 109 25.69 -13.63 -6.26
CA TYR C 109 24.99 -14.85 -6.66
C TYR C 109 25.15 -15.89 -5.56
N TRP C 110 24.07 -16.63 -5.29
CA TRP C 110 24.04 -17.61 -4.22
C TRP C 110 23.53 -18.94 -4.75
N GLY C 111 24.04 -20.03 -4.17
CA GLY C 111 23.51 -21.34 -4.44
C GLY C 111 22.23 -21.61 -3.67
N GLN C 112 21.67 -22.80 -3.90
CA GLN C 112 20.45 -23.18 -3.20
C GLN C 112 20.71 -23.67 -1.79
N GLY C 113 21.94 -24.03 -1.48
CA GLY C 113 22.29 -24.46 -0.15
C GLY C 113 22.28 -25.98 0.00
N THR C 114 23.17 -26.47 0.86
CA THR C 114 23.25 -27.89 1.19
C THR C 114 22.92 -28.07 2.66
N THR C 115 21.99 -28.96 2.95
CA THR C 115 21.58 -29.23 4.33
C THR C 115 22.48 -30.31 4.92
N LEU C 116 23.15 -29.99 6.03
CA LEU C 116 23.99 -30.93 6.75
C LEU C 116 23.30 -31.31 8.05
N THR C 117 23.34 -32.61 8.37
CA THR C 117 22.79 -33.14 9.61
C THR C 117 23.81 -34.10 10.21
N VAL C 118 24.26 -33.81 11.42
CA VAL C 118 25.21 -34.65 12.14
C VAL C 118 24.48 -35.24 13.33
N SER C 119 24.16 -36.54 13.25
CA SER C 119 23.45 -37.22 14.31
C SER C 119 23.84 -38.69 14.30
N SER C 120 23.92 -39.29 15.49
CA SER C 120 24.19 -40.72 15.61
C SER C 120 23.05 -41.58 15.08
N ALA C 121 21.89 -41.00 14.83
CA ALA C 121 20.77 -41.76 14.29
C ALA C 121 21.04 -42.19 12.85
N SER C 122 20.29 -43.20 12.41
CA SER C 122 20.42 -43.74 11.07
C SER C 122 19.31 -43.22 10.18
N THR C 123 19.50 -43.39 8.87
CA THR C 123 18.53 -42.91 7.90
C THR C 123 17.24 -43.71 7.99
N LYS C 124 16.11 -43.04 7.73
CA LYS C 124 14.80 -43.66 7.76
C LYS C 124 13.96 -43.05 6.66
N GLY C 125 13.45 -43.89 5.77
CA GLY C 125 12.60 -43.43 4.69
C GLY C 125 11.22 -43.06 5.21
N PRO C 126 10.51 -42.22 4.47
CA PRO C 126 9.19 -41.76 4.93
C PRO C 126 8.04 -42.63 4.46
N SER C 127 7.01 -42.67 5.31
CA SER C 127 5.75 -43.32 4.97
C SER C 127 4.78 -42.24 4.51
N VAL C 128 4.23 -42.40 3.31
CA VAL C 128 3.37 -41.40 2.69
C VAL C 128 1.94 -41.92 2.73
N PHE C 129 1.10 -41.26 3.53
CA PHE C 129 -0.31 -41.60 3.59
C PHE C 129 -1.16 -40.50 2.98
N PRO C 130 -2.36 -40.80 2.50
CA PRO C 130 -3.21 -39.76 1.93
C PRO C 130 -4.11 -39.11 2.97
N LEU C 131 -4.46 -37.86 2.70
CA LEU C 131 -5.46 -37.10 3.45
C LEU C 131 -6.56 -36.82 2.42
N ALA C 132 -7.54 -37.73 2.36
CA ALA C 132 -8.53 -37.72 1.29
C ALA C 132 -9.57 -36.63 1.53
N PRO C 133 -10.06 -35.99 0.47
CA PRO C 133 -11.08 -34.96 0.62
C PRO C 133 -12.44 -35.58 0.91
N SER C 134 -12.88 -35.49 2.15
CA SER C 134 -14.19 -35.99 2.53
C SER C 134 -15.27 -35.13 1.88
N SER C 135 -16.17 -35.77 1.14
CA SER C 135 -17.24 -35.02 0.47
C SER C 135 -18.10 -34.26 1.46
N LYS C 136 -18.19 -34.74 2.70
CA LYS C 136 -18.92 -34.02 3.74
C LYS C 136 -18.07 -32.89 4.31
N SER C 137 -16.82 -33.18 4.69
CA SER C 137 -15.93 -32.19 5.28
C SER C 137 -15.27 -31.40 4.15
N THR C 138 -15.97 -30.36 3.71
CA THR C 138 -15.53 -29.54 2.59
C THR C 138 -16.32 -28.24 2.60
N SER C 139 -15.61 -27.11 2.52
CA SER C 139 -16.22 -25.80 2.69
C SER C 139 -16.63 -25.26 1.33
N GLY C 140 -17.93 -25.32 1.04
CA GLY C 140 -18.49 -24.75 -0.17
C GLY C 140 -17.97 -25.32 -1.48
N GLY C 141 -17.38 -24.45 -2.31
CA GLY C 141 -16.85 -24.84 -3.59
C GLY C 141 -15.39 -25.22 -3.59
N THR C 142 -14.73 -25.22 -2.44
CA THR C 142 -13.32 -25.55 -2.33
C THR C 142 -13.15 -26.76 -1.41
N ALA C 143 -12.32 -27.71 -1.84
CA ALA C 143 -12.04 -28.92 -1.09
C ALA C 143 -10.55 -29.02 -0.83
N ALA C 144 -10.19 -29.50 0.36
CA ALA C 144 -8.80 -29.65 0.78
C ALA C 144 -8.41 -31.11 0.75
N LEU C 145 -7.20 -31.38 0.26
CA LEU C 145 -6.69 -32.75 0.20
C LEU C 145 -5.17 -32.69 0.31
N GLY C 146 -4.58 -33.75 0.87
CA GLY C 146 -3.16 -33.66 1.10
C GLY C 146 -2.47 -34.99 1.28
N CYS C 147 -1.23 -34.91 1.76
CA CYS C 147 -0.38 -36.07 1.97
C CYS C 147 0.39 -35.91 3.28
N LEU C 148 0.39 -36.96 4.09
CA LEU C 148 1.11 -37.01 5.35
C LEU C 148 2.41 -37.79 5.17
N VAL C 149 3.53 -37.11 5.34
CA VAL C 149 4.86 -37.71 5.22
C VAL C 149 5.37 -37.93 6.63
N LYS C 150 5.25 -39.18 7.11
CA LYS C 150 5.50 -39.51 8.50
C LYS C 150 6.75 -40.37 8.65
N ASP C 151 7.39 -40.23 9.82
CA ASP C 151 8.51 -41.08 10.23
C ASP C 151 9.65 -41.12 9.23
N TYR C 152 10.45 -40.07 9.17
CA TYR C 152 11.65 -40.05 8.35
C TYR C 152 12.75 -39.29 9.07
N PHE C 153 13.98 -39.51 8.61
CA PHE C 153 15.15 -38.85 9.19
C PHE C 153 16.31 -39.03 8.22
N PRO C 154 17.13 -37.98 7.98
CA PRO C 154 16.94 -36.64 8.55
C PRO C 154 16.18 -35.71 7.60
N GLU C 155 16.22 -34.42 7.89
CA GLU C 155 15.71 -33.44 6.95
C GLU C 155 16.67 -33.32 5.77
N PRO C 156 16.17 -32.85 4.61
CA PRO C 156 14.79 -32.45 4.30
C PRO C 156 14.03 -33.46 3.45
N VAL C 157 12.82 -33.09 3.05
CA VAL C 157 11.97 -33.88 2.16
C VAL C 157 11.40 -32.95 1.10
N THR C 158 11.37 -33.42 -0.14
CA THR C 158 10.85 -32.63 -1.26
C THR C 158 9.47 -33.15 -1.63
N VAL C 159 8.45 -32.30 -1.47
CA VAL C 159 7.08 -32.66 -1.78
C VAL C 159 6.60 -31.78 -2.94
N SER C 160 6.01 -32.42 -3.95
CA SER C 160 5.43 -31.74 -5.10
C SER C 160 4.05 -32.31 -5.36
N TRP C 161 3.29 -31.64 -6.23
CA TRP C 161 1.95 -32.09 -6.60
C TRP C 161 1.85 -32.12 -8.12
N ASN C 162 1.49 -33.29 -8.66
CA ASN C 162 1.40 -33.51 -10.10
C ASN C 162 2.73 -33.19 -10.79
N SER C 163 3.83 -33.62 -10.16
CA SER C 163 5.19 -33.44 -10.68
C SER C 163 5.53 -31.97 -10.91
N GLY C 164 4.92 -31.08 -10.13
CA GLY C 164 5.17 -29.66 -10.22
C GLY C 164 4.13 -28.86 -10.98
N ALA C 165 3.22 -29.53 -11.69
CA ALA C 165 2.21 -28.82 -12.45
C ALA C 165 1.18 -28.13 -11.57
N LEU C 166 1.02 -28.57 -10.32
CA LEU C 166 0.06 -27.99 -9.38
C LEU C 166 0.84 -27.24 -8.32
N THR C 167 0.72 -25.92 -8.32
CA THR C 167 1.42 -25.08 -7.34
C THR C 167 0.46 -24.14 -6.63
N SER C 168 -0.63 -23.76 -7.30
CA SER C 168 -1.60 -22.85 -6.73
C SER C 168 -2.33 -23.51 -5.57
N GLY C 169 -2.31 -22.85 -4.41
CA GLY C 169 -3.02 -23.34 -3.25
C GLY C 169 -2.30 -24.41 -2.45
N VAL C 170 -1.03 -24.66 -2.72
CA VAL C 170 -0.27 -25.68 -2.02
C VAL C 170 0.30 -25.08 -0.73
N HIS C 171 0.33 -25.89 0.32
CA HIS C 171 0.93 -25.50 1.60
C HIS C 171 1.64 -26.72 2.16
N THR C 172 2.97 -26.69 2.15
CA THR C 172 3.79 -27.72 2.77
C THR C 172 4.31 -27.19 4.09
N PHE C 173 3.91 -27.84 5.17
CA PHE C 173 4.22 -27.34 6.50
C PHE C 173 5.62 -27.76 6.94
N PRO C 174 6.29 -26.93 7.76
CA PRO C 174 7.59 -27.33 8.29
C PRO C 174 7.50 -28.63 9.06
N ALA C 175 8.54 -29.45 8.96
CA ALA C 175 8.55 -30.73 9.65
C ALA C 175 8.60 -30.53 11.15
N VAL C 176 7.94 -31.42 11.87
CA VAL C 176 7.92 -31.43 13.33
C VAL C 176 8.62 -32.70 13.80
N LEU C 177 9.55 -32.55 14.75
CA LEU C 177 10.29 -33.68 15.29
C LEU C 177 9.42 -34.38 16.33
N GLN C 178 8.98 -35.59 16.00
CA GLN C 178 8.14 -36.37 16.90
C GLN C 178 8.95 -36.90 18.08
N SER C 179 8.23 -37.42 19.09
CA SER C 179 8.89 -37.97 20.27
C SER C 179 9.85 -39.09 19.90
N SER C 180 9.60 -39.78 18.79
CA SER C 180 10.44 -40.90 18.35
C SER C 180 11.75 -40.45 17.71
N GLY C 181 12.06 -39.15 17.73
CA GLY C 181 13.22 -38.63 17.06
C GLY C 181 13.11 -38.53 15.56
N LEU C 182 12.00 -38.96 14.98
CA LEU C 182 11.77 -38.89 13.54
C LEU C 182 10.92 -37.67 13.20
N TYR C 183 11.03 -37.24 11.94
CA TYR C 183 10.32 -36.08 11.45
C TYR C 183 9.01 -36.50 10.77
N SER C 184 8.11 -35.53 10.66
CA SER C 184 6.81 -35.75 10.03
C SER C 184 6.25 -34.40 9.61
N LEU C 185 5.56 -34.37 8.47
CA LEU C 185 4.96 -33.15 7.98
C LEU C 185 3.73 -33.49 7.15
N SER C 186 3.00 -32.46 6.76
CA SER C 186 1.84 -32.59 5.91
C SER C 186 1.92 -31.58 4.78
N SER C 187 1.42 -31.97 3.61
CA SER C 187 1.36 -31.09 2.46
C SER C 187 -0.07 -31.09 1.95
N VAL C 188 -0.74 -29.96 2.05
CA VAL C 188 -2.15 -29.84 1.69
C VAL C 188 -2.28 -28.96 0.45
N VAL C 189 -3.43 -29.08 -0.21
CA VAL C 189 -3.75 -28.28 -1.38
C VAL C 189 -5.27 -28.13 -1.44
N THR C 190 -5.71 -26.94 -1.81
CA THR C 190 -7.12 -26.64 -2.02
C THR C 190 -7.42 -26.60 -3.51
N VAL C 191 -8.53 -27.21 -3.89
CA VAL C 191 -8.92 -27.34 -5.30
C VAL C 191 -10.42 -27.14 -5.42
N PRO C 192 -10.90 -26.81 -6.62
CA PRO C 192 -12.36 -26.78 -6.83
C PRO C 192 -12.96 -28.16 -6.55
N SER C 193 -13.99 -28.19 -5.72
CA SER C 193 -14.57 -29.45 -5.30
C SER C 193 -15.11 -30.24 -6.49
N SER C 194 -15.72 -29.56 -7.45
CA SER C 194 -16.27 -30.23 -8.62
C SER C 194 -15.22 -31.01 -9.41
N SER C 195 -13.94 -30.67 -9.24
CA SER C 195 -12.88 -31.36 -9.95
C SER C 195 -12.42 -32.64 -9.26
N LEU C 196 -12.97 -32.95 -8.08
CA LEU C 196 -12.54 -34.16 -7.38
C LEU C 196 -12.86 -35.42 -8.18
N GLY C 197 -13.96 -35.40 -8.92
CA GLY C 197 -14.33 -36.54 -9.75
C GLY C 197 -13.88 -36.47 -11.19
N THR C 198 -13.47 -35.29 -11.65
CA THR C 198 -13.05 -35.09 -13.04
C THR C 198 -11.56 -34.86 -13.19
N GLN C 199 -10.78 -35.01 -12.13
CA GLN C 199 -9.36 -34.71 -12.18
C GLN C 199 -8.63 -35.54 -11.13
N THR C 200 -7.41 -35.96 -11.47
CA THR C 200 -6.57 -36.77 -10.61
C THR C 200 -5.47 -35.93 -9.98
N TYR C 201 -5.21 -36.18 -8.70
CA TYR C 201 -4.19 -35.46 -7.93
C TYR C 201 -3.23 -36.48 -7.32
N ILE C 202 -1.94 -36.33 -7.64
CA ILE C 202 -0.89 -37.19 -7.09
C ILE C 202 0.16 -36.31 -6.42
N CYS C 203 0.56 -36.68 -5.21
CA CYS C 203 1.64 -36.02 -4.49
C CYS C 203 2.92 -36.83 -4.63
N ASN C 204 4.01 -36.16 -4.96
CA ASN C 204 5.31 -36.79 -5.19
C ASN C 204 6.24 -36.41 -4.05
N VAL C 205 6.60 -37.40 -3.24
CA VAL C 205 7.52 -37.22 -2.12
C VAL C 205 8.87 -37.79 -2.51
N ASN C 206 9.94 -37.09 -2.12
CA ASN C 206 11.30 -37.50 -2.44
C ASN C 206 12.18 -37.27 -1.22
N HIS C 207 12.73 -38.34 -0.68
CA HIS C 207 13.65 -38.28 0.46
C HIS C 207 14.99 -38.84 -0.03
N LYS C 208 15.92 -37.93 -0.32
CA LYS C 208 17.21 -38.24 -0.91
C LYS C 208 18.16 -38.98 0.05
N PRO C 209 18.22 -38.61 1.34
CA PRO C 209 19.07 -39.39 2.25
C PRO C 209 18.76 -40.89 2.25
N SER C 210 17.50 -41.27 2.08
CA SER C 210 17.13 -42.67 1.97
C SER C 210 16.93 -43.13 0.53
N ASN C 211 17.01 -42.20 -0.43
CA ASN C 211 16.82 -42.51 -1.86
C ASN C 211 15.44 -43.13 -2.10
N THR C 212 14.41 -42.56 -1.48
CA THR C 212 13.05 -43.04 -1.62
C THR C 212 12.25 -42.01 -2.40
N LYS C 213 11.70 -42.44 -3.54
CA LYS C 213 10.92 -41.58 -4.42
C LYS C 213 9.51 -42.17 -4.52
N VAL C 214 8.60 -41.66 -3.69
CA VAL C 214 7.26 -42.19 -3.56
C VAL C 214 6.28 -41.27 -4.29
N ASP C 215 5.26 -41.86 -4.90
CA ASP C 215 4.15 -41.11 -5.46
C ASP C 215 2.85 -41.68 -4.91
N LYS C 216 1.93 -40.81 -4.52
CA LYS C 216 0.69 -41.24 -3.89
C LYS C 216 -0.47 -40.48 -4.51
N LYS C 217 -1.42 -41.20 -5.10
CA LYS C 217 -2.62 -40.59 -5.63
C LYS C 217 -3.64 -40.42 -4.52
N VAL C 218 -4.27 -39.25 -4.47
CA VAL C 218 -5.25 -38.89 -3.45
C VAL C 218 -6.61 -38.82 -4.12
N GLU C 219 -7.51 -39.71 -3.70
CA GLU C 219 -8.83 -39.85 -4.30
C GLU C 219 -9.91 -39.44 -3.31
N PRO C 220 -11.07 -38.98 -3.80
CA PRO C 220 -12.19 -38.72 -2.90
C PRO C 220 -12.65 -40.01 -2.23
N LYS C 221 -12.61 -40.01 -0.89
CA LYS C 221 -12.92 -41.20 -0.13
C LYS C 221 -14.38 -41.58 -0.37
N SER C 222 -14.59 -42.82 -0.81
CA SER C 222 -15.88 -43.25 -1.32
C SER C 222 -16.90 -43.48 -0.21
N CYS C 223 -18.16 -43.53 -0.61
CA CYS C 223 -19.28 -43.69 0.31
C CYS C 223 -19.60 -45.16 0.53
N ASP D 1 36.74 -9.14 15.37
CA ASP D 1 35.65 -9.09 14.40
C ASP D 1 34.85 -7.80 14.53
N ILE D 2 34.26 -7.36 13.43
CA ILE D 2 33.38 -6.20 13.43
C ILE D 2 31.95 -6.71 13.58
N VAL D 3 31.28 -6.28 14.64
CA VAL D 3 29.95 -6.80 14.96
C VAL D 3 28.89 -5.90 14.33
N MET D 4 28.00 -6.50 13.56
CA MET D 4 26.84 -5.81 12.98
C MET D 4 25.61 -6.17 13.79
N THR D 5 24.88 -5.14 14.23
CA THR D 5 23.72 -5.32 15.10
C THR D 5 22.51 -4.65 14.47
N GLN D 6 21.46 -5.42 14.23
CA GLN D 6 20.19 -4.89 13.74
C GLN D 6 19.25 -4.73 14.93
N SER D 7 18.73 -3.52 15.11
CA SER D 7 17.99 -3.18 16.33
C SER D 7 16.78 -4.09 16.53
N HIS D 8 15.96 -4.25 15.50
CA HIS D 8 14.71 -4.98 15.61
C HIS D 8 14.82 -6.32 14.88
N LYS D 9 14.44 -7.40 15.55
CA LYS D 9 14.42 -8.71 14.91
C LYS D 9 13.14 -8.94 14.13
N PHE D 10 12.04 -8.31 14.54
CA PHE D 10 10.77 -8.43 13.84
C PHE D 10 10.20 -7.04 13.59
N MET D 11 9.62 -6.86 12.41
CA MET D 11 8.96 -5.62 12.04
C MET D 11 7.70 -5.95 11.26
N SER D 12 6.61 -5.26 11.59
CA SER D 12 5.34 -5.40 10.91
C SER D 12 5.03 -4.12 10.16
N THR D 13 4.46 -4.25 8.96
CA THR D 13 4.15 -3.08 8.15
C THR D 13 2.94 -3.39 7.27
N LEU D 14 2.25 -2.33 6.88
CA LEU D 14 1.13 -2.43 5.97
C LEU D 14 1.60 -2.36 4.52
N VAL D 15 0.80 -2.93 3.62
CA VAL D 15 1.11 -2.84 2.19
C VAL D 15 0.94 -1.41 1.73
N GLY D 16 1.89 -0.94 0.93
CA GLY D 16 1.92 0.45 0.50
C GLY D 16 2.58 1.40 1.47
N ASP D 17 3.02 0.92 2.62
CA ASP D 17 3.63 1.75 3.65
C ASP D 17 5.15 1.73 3.53
N ARG D 18 5.77 2.57 4.34
CA ARG D 18 7.22 2.69 4.48
C ARG D 18 7.73 1.76 5.58
N VAL D 19 8.99 1.37 5.45
CA VAL D 19 9.67 0.61 6.51
C VAL D 19 11.15 0.94 6.43
N SER D 20 11.78 1.10 7.61
CA SER D 20 13.19 1.44 7.68
C SER D 20 13.85 0.56 8.75
N ILE D 21 14.72 -0.34 8.32
CA ILE D 21 15.49 -1.20 9.20
C ILE D 21 16.85 -0.55 9.44
N THR D 22 17.31 -0.57 10.69
CA THR D 22 18.58 0.04 11.06
C THR D 22 19.63 -1.03 11.36
N CYS D 23 20.88 -0.67 11.15
CA CYS D 23 22.00 -1.59 11.37
C CYS D 23 23.21 -0.78 11.82
N LYS D 24 23.79 -1.18 12.94
CA LYS D 24 24.88 -0.46 13.58
C LYS D 24 26.13 -1.33 13.59
N ALA D 25 27.27 -0.74 13.27
CA ALA D 25 28.54 -1.45 13.25
C ALA D 25 29.36 -1.11 14.49
N SER D 26 30.08 -2.11 15.00
CA SER D 26 30.92 -1.89 16.17
C SER D 26 32.11 -0.97 15.88
N GLN D 27 32.54 -0.90 14.63
CA GLN D 27 33.64 -0.05 14.21
C GLN D 27 33.23 0.69 12.93
N ASP D 28 34.05 1.66 12.55
CA ASP D 28 33.80 2.40 11.31
C ASP D 28 34.02 1.47 10.13
N VAL D 29 33.03 1.39 9.25
CA VAL D 29 33.11 0.55 8.06
C VAL D 29 32.83 1.40 6.83
N SER D 30 33.07 2.71 6.96
CA SER D 30 32.87 3.66 5.87
C SER D 30 31.47 3.56 5.28
N THR D 31 31.38 3.58 3.95
CA THR D 31 30.10 3.42 3.25
C THR D 31 29.97 2.03 2.63
N THR D 32 30.77 1.06 3.09
CA THR D 32 30.80 -0.27 2.48
C THR D 32 29.95 -1.22 3.33
N VAL D 33 28.64 -1.15 3.14
CA VAL D 33 27.69 -2.05 3.78
C VAL D 33 26.69 -2.51 2.72
N ALA D 34 26.40 -3.80 2.71
CA ALA D 34 25.47 -4.39 1.78
C ALA D 34 24.22 -4.88 2.52
N TRP D 35 23.12 -4.96 1.78
CA TRP D 35 21.84 -5.41 2.29
C TRP D 35 21.31 -6.51 1.40
N TYR D 36 21.00 -7.66 2.01
CA TYR D 36 20.47 -8.84 1.35
C TYR D 36 19.05 -9.12 1.80
N GLN D 37 18.29 -9.76 0.91
CA GLN D 37 16.90 -10.13 1.15
C GLN D 37 16.77 -11.63 0.96
N GLN D 38 16.29 -12.33 1.99
CA GLN D 38 16.10 -13.77 1.95
C GLN D 38 14.62 -14.07 2.16
N LYS D 39 13.94 -14.48 1.10
CA LYS D 39 12.53 -14.84 1.16
C LYS D 39 12.37 -16.25 1.70
N PRO D 40 11.17 -16.60 2.16
CA PRO D 40 10.96 -17.96 2.71
C PRO D 40 11.29 -19.04 1.70
N GLY D 41 12.16 -19.97 2.11
CA GLY D 41 12.53 -21.09 1.28
C GLY D 41 13.46 -20.76 0.14
N GLN D 42 14.03 -19.57 0.12
CA GLN D 42 14.92 -19.15 -0.95
C GLN D 42 16.28 -18.75 -0.39
N SER D 43 17.23 -18.53 -1.29
CA SER D 43 18.55 -18.06 -0.94
C SER D 43 18.58 -16.53 -0.84
N PRO D 44 19.55 -15.97 -0.12
CA PRO D 44 19.65 -14.51 -0.04
C PRO D 44 19.86 -13.87 -1.42
N LYS D 45 19.19 -12.74 -1.62
CA LYS D 45 19.29 -11.96 -2.84
C LYS D 45 19.96 -10.63 -2.51
N LEU D 46 21.07 -10.34 -3.20
CA LEU D 46 21.73 -9.06 -3.02
C LEU D 46 20.84 -7.93 -3.50
N LEU D 47 20.47 -7.02 -2.59
CA LEU D 47 19.67 -5.86 -2.95
C LEU D 47 20.49 -4.58 -3.02
N ILE D 48 21.36 -4.34 -2.05
CA ILE D 48 22.08 -3.07 -1.99
C ILE D 48 23.54 -3.34 -1.65
N TYR D 49 24.43 -2.56 -2.25
CA TYR D 49 25.85 -2.59 -1.91
C TYR D 49 26.33 -1.15 -1.73
N SER D 50 27.46 -1.01 -1.05
CA SER D 50 28.06 0.29 -0.78
C SER D 50 27.06 1.25 -0.14
N ALA D 51 26.30 0.73 0.83
CA ALA D 51 25.42 1.50 1.69
C ALA D 51 24.20 2.04 0.96
N SER D 52 24.40 2.67 -0.21
CA SER D 52 23.32 3.34 -0.91
C SER D 52 23.18 2.95 -2.38
N TYR D 53 24.08 2.13 -2.91
CA TYR D 53 24.03 1.76 -4.32
C TYR D 53 23.15 0.53 -4.52
N ARG D 54 22.20 0.65 -5.44
CA ARG D 54 21.27 -0.43 -5.74
C ARG D 54 21.85 -1.36 -6.78
N TYR D 55 21.79 -2.66 -6.51
CA TYR D 55 22.25 -3.66 -7.46
C TYR D 55 21.36 -3.68 -8.70
N THR D 56 21.92 -4.18 -9.80
CA THR D 56 21.20 -4.21 -11.07
C THR D 56 19.94 -5.05 -10.96
N GLY D 57 18.85 -4.56 -11.56
CA GLY D 57 17.58 -5.26 -11.59
C GLY D 57 16.75 -5.16 -10.34
N VAL D 58 17.25 -4.50 -9.30
CA VAL D 58 16.52 -4.33 -8.04
C VAL D 58 15.53 -3.18 -8.21
N PRO D 59 14.28 -3.33 -7.77
CA PRO D 59 13.32 -2.21 -7.88
C PRO D 59 13.79 -0.98 -7.12
N ASP D 60 13.30 0.18 -7.57
CA ASP D 60 13.72 1.45 -6.98
C ASP D 60 13.21 1.66 -5.57
N ARG D 61 12.17 0.93 -5.15
CA ARG D 61 11.62 1.15 -3.81
C ARG D 61 12.58 0.75 -2.71
N PHE D 62 13.63 0.00 -3.02
CA PHE D 62 14.66 -0.35 -2.04
C PHE D 62 15.77 0.69 -2.09
N THR D 63 16.07 1.29 -0.94
CA THR D 63 17.12 2.30 -0.84
C THR D 63 17.92 2.07 0.43
N GLY D 64 19.09 2.70 0.47
CA GLY D 64 19.95 2.58 1.64
C GLY D 64 20.68 3.88 1.89
N SER D 65 21.01 4.11 3.16
CA SER D 65 21.77 5.29 3.55
C SER D 65 22.62 4.95 4.76
N GLY D 66 23.52 5.85 5.10
CA GLY D 66 24.34 5.72 6.28
C GLY D 66 25.83 5.71 5.94
N SER D 67 26.62 5.74 7.00
CA SER D 67 28.08 5.79 6.86
C SER D 67 28.70 5.65 8.24
N GLY D 68 29.94 5.18 8.25
CA GLY D 68 30.66 5.00 9.50
C GLY D 68 30.13 3.85 10.33
N THR D 69 29.19 4.16 11.22
CA THR D 69 28.65 3.17 12.15
C THR D 69 27.16 2.90 11.97
N ASP D 70 26.39 3.88 11.51
CA ASP D 70 24.94 3.76 11.39
C ASP D 70 24.52 3.64 9.93
N PHE D 71 23.62 2.70 9.65
CA PHE D 71 23.11 2.48 8.30
C PHE D 71 21.63 2.13 8.37
N THR D 72 20.90 2.45 7.31
CA THR D 72 19.45 2.27 7.29
C THR D 72 19.01 1.84 5.90
N PHE D 73 18.32 0.71 5.84
CA PHE D 73 17.70 0.19 4.63
C PHE D 73 16.21 0.53 4.65
N THR D 74 15.69 1.03 3.53
CA THR D 74 14.34 1.57 3.51
C THR D 74 13.57 1.05 2.31
N ILE D 75 12.35 0.60 2.57
CA ILE D 75 11.37 0.29 1.53
C ILE D 75 10.31 1.38 1.56
N SER D 76 10.15 2.07 0.43
CA SER D 76 9.24 3.21 0.37
C SER D 76 7.79 2.78 0.24
N SER D 77 7.51 1.66 -0.43
CA SER D 77 6.15 1.16 -0.65
C SER D 77 6.21 -0.37 -0.59
N VAL D 78 5.98 -0.91 0.60
CA VAL D 78 6.06 -2.36 0.78
C VAL D 78 5.01 -3.05 -0.07
N GLN D 79 5.40 -4.17 -0.67
CA GLN D 79 4.52 -5.00 -1.48
C GLN D 79 4.46 -6.41 -0.90
N ALA D 80 3.46 -7.17 -1.36
CA ALA D 80 3.21 -8.50 -0.81
C ALA D 80 4.45 -9.39 -0.88
N GLU D 81 5.16 -9.36 -2.01
CA GLU D 81 6.32 -10.22 -2.18
C GLU D 81 7.53 -9.76 -1.37
N ASP D 82 7.49 -8.57 -0.78
CA ASP D 82 8.63 -8.05 -0.05
C ASP D 82 8.81 -8.68 1.33
N LEU D 83 7.88 -9.51 1.79
CA LEU D 83 8.06 -10.17 3.08
C LEU D 83 9.26 -11.12 3.01
N ALA D 84 10.20 -10.92 3.93
CA ALA D 84 11.46 -11.66 3.93
C ALA D 84 12.31 -11.27 5.14
N VAL D 85 13.47 -11.89 5.29
CA VAL D 85 14.44 -11.50 6.31
C VAL D 85 15.53 -10.67 5.62
N TYR D 86 15.77 -9.48 6.16
CA TYR D 86 16.74 -8.55 5.59
C TYR D 86 17.98 -8.51 6.47
N TYR D 87 19.14 -8.72 5.83
CA TYR D 87 20.43 -8.76 6.51
C TYR D 87 21.30 -7.59 6.06
N CYS D 88 22.06 -7.04 6.99
CA CYS D 88 23.15 -6.12 6.67
C CYS D 88 24.48 -6.85 6.85
N GLN D 89 25.43 -6.55 5.97
CA GLN D 89 26.75 -7.15 6.00
C GLN D 89 27.79 -6.06 5.77
N GLN D 90 28.80 -5.99 6.62
CA GLN D 90 29.91 -5.09 6.38
C GLN D 90 30.83 -5.75 5.36
N HIS D 91 30.94 -5.16 4.18
CA HIS D 91 31.91 -5.62 3.19
C HIS D 91 33.10 -4.67 3.16
N TYR D 92 33.66 -4.43 4.34
CA TYR D 92 34.75 -3.50 4.55
C TYR D 92 36.07 -4.18 4.86
N SER D 93 36.08 -5.18 5.74
CA SER D 93 37.31 -5.86 6.13
C SER D 93 37.01 -7.33 6.39
N ILE D 94 38.06 -8.08 6.71
CA ILE D 94 37.99 -9.50 7.00
C ILE D 94 38.18 -9.71 8.50
N PRO D 95 37.42 -10.59 9.16
CA PRO D 95 36.37 -11.46 8.59
C PRO D 95 35.09 -10.74 8.23
N ARG D 96 34.40 -11.26 7.21
CA ARG D 96 33.12 -10.71 6.81
C ARG D 96 32.06 -11.08 7.83
N THR D 97 31.30 -10.09 8.29
CA THR D 97 30.30 -10.32 9.32
C THR D 97 28.96 -9.76 8.88
N PHE D 98 27.90 -10.51 9.16
CA PHE D 98 26.53 -10.12 8.86
C PHE D 98 25.83 -9.59 10.09
N GLY D 99 24.64 -9.02 9.87
CA GLY D 99 23.77 -8.66 10.98
C GLY D 99 22.88 -9.81 11.40
N GLY D 100 22.13 -9.59 12.47
CA GLY D 100 21.23 -10.62 12.97
C GLY D 100 20.06 -10.89 12.05
N GLY D 101 19.67 -9.92 11.24
CA GLY D 101 18.53 -10.06 10.36
C GLY D 101 17.27 -9.46 10.95
N THR D 102 16.35 -9.10 10.06
CA THR D 102 15.06 -8.53 10.48
C THR D 102 13.97 -9.15 9.60
N LYS D 103 13.07 -9.93 10.22
CA LYS D 103 11.94 -10.51 9.52
C LYS D 103 10.86 -9.45 9.35
N LEU D 104 10.44 -9.21 8.11
CA LEU D 104 9.43 -8.20 7.79
C LEU D 104 8.10 -8.90 7.59
N GLU D 105 7.21 -8.79 8.58
CA GLU D 105 5.86 -9.29 8.46
C GLU D 105 4.96 -8.23 7.85
N ILE D 106 3.94 -8.68 7.12
CA ILE D 106 2.98 -7.81 6.48
C ILE D 106 1.69 -7.87 7.28
N LYS D 107 1.17 -6.70 7.63
CA LYS D 107 -0.07 -6.59 8.38
C LYS D 107 -1.24 -6.40 7.41
N ARG D 108 -2.32 -7.11 7.67
CA ARG D 108 -3.50 -7.06 6.82
C ARG D 108 -4.74 -7.23 7.69
N THR D 109 -5.91 -7.17 7.06
CA THR D 109 -7.15 -7.33 7.79
C THR D 109 -7.28 -8.74 8.34
N VAL D 110 -8.14 -8.88 9.36
CA VAL D 110 -8.35 -10.17 9.97
C VAL D 110 -8.97 -11.12 8.95
N ALA D 111 -8.55 -12.39 8.99
CA ALA D 111 -9.07 -13.41 8.09
C ALA D 111 -9.29 -14.68 8.89
N ALA D 112 -10.55 -15.11 8.97
CA ALA D 112 -10.86 -16.34 9.69
C ALA D 112 -10.31 -17.54 8.92
N PRO D 113 -9.84 -18.56 9.63
CA PRO D 113 -9.32 -19.75 8.94
C PRO D 113 -10.43 -20.63 8.40
N SER D 114 -10.12 -21.31 7.30
CA SER D 114 -10.98 -22.38 6.79
C SER D 114 -10.51 -23.68 7.43
N VAL D 115 -11.42 -24.35 8.14
CA VAL D 115 -11.07 -25.51 8.95
C VAL D 115 -11.48 -26.78 8.21
N PHE D 116 -10.57 -27.74 8.15
CA PHE D 116 -10.82 -29.04 7.57
C PHE D 116 -10.28 -30.11 8.51
N ILE D 117 -10.86 -31.31 8.44
CA ILE D 117 -10.43 -32.43 9.26
C ILE D 117 -10.32 -33.67 8.38
N PHE D 118 -9.21 -34.39 8.54
CA PHE D 118 -8.91 -35.59 7.78
C PHE D 118 -8.72 -36.76 8.74
N PRO D 119 -9.51 -37.83 8.60
CA PRO D 119 -9.31 -39.01 9.44
C PRO D 119 -8.10 -39.80 8.96
N PRO D 120 -7.61 -40.76 9.76
CA PRO D 120 -6.43 -41.52 9.32
C PRO D 120 -6.77 -42.44 8.16
N SER D 121 -5.79 -42.63 7.29
CA SER D 121 -5.95 -43.54 6.16
C SER D 121 -5.94 -44.99 6.64
N ASP D 122 -6.63 -45.85 5.88
CA ASP D 122 -6.65 -47.27 6.21
C ASP D 122 -5.26 -47.89 6.15
N GLU D 123 -4.39 -47.36 5.28
CA GLU D 123 -3.02 -47.85 5.20
C GLU D 123 -2.29 -47.63 6.51
N GLN D 124 -2.32 -46.40 7.03
CA GLN D 124 -1.67 -46.13 8.32
C GLN D 124 -2.32 -46.95 9.43
N LEU D 125 -3.63 -47.15 9.35
CA LEU D 125 -4.31 -48.00 10.33
C LEU D 125 -3.71 -49.41 10.34
N LYS D 126 -3.57 -50.02 9.16
CA LYS D 126 -2.90 -51.31 9.10
C LYS D 126 -1.47 -51.23 9.60
N SER D 127 -0.81 -50.08 9.42
CA SER D 127 0.54 -49.92 9.96
C SER D 127 0.56 -49.98 11.48
N GLY D 128 -0.54 -49.61 12.13
CA GLY D 128 -0.64 -49.68 13.58
C GLY D 128 -0.76 -48.36 14.30
N THR D 129 -0.97 -47.26 13.57
CA THR D 129 -1.05 -45.93 14.15
C THR D 129 -2.14 -45.15 13.42
N ALA D 130 -2.70 -44.15 14.09
CA ALA D 130 -3.74 -43.30 13.51
C ALA D 130 -3.34 -41.84 13.70
N SER D 131 -3.29 -41.10 12.60
CA SER D 131 -2.98 -39.68 12.62
C SER D 131 -4.16 -38.92 12.04
N VAL D 132 -4.85 -38.15 12.87
CA VAL D 132 -5.96 -37.32 12.44
C VAL D 132 -5.43 -35.91 12.27
N VAL D 133 -5.75 -35.27 11.15
CA VAL D 133 -5.19 -33.97 10.81
C VAL D 133 -6.27 -32.90 10.80
N CYS D 134 -5.95 -31.74 11.37
CA CYS D 134 -6.82 -30.57 11.34
C CYS D 134 -6.07 -29.44 10.66
N LEU D 135 -6.66 -28.90 9.59
CA LEU D 135 -6.03 -27.89 8.75
C LEU D 135 -6.78 -26.57 8.90
N LEU D 136 -6.06 -25.52 9.31
CA LEU D 136 -6.56 -24.15 9.31
C LEU D 136 -5.89 -23.43 8.14
N ASN D 137 -6.69 -22.94 7.20
CA ASN D 137 -6.17 -22.44 5.93
C ASN D 137 -6.48 -20.96 5.76
N ASN D 138 -5.45 -20.21 5.35
CA ASN D 138 -5.54 -18.81 4.91
C ASN D 138 -6.22 -17.94 5.98
N PHE D 139 -5.49 -17.75 7.07
CA PHE D 139 -5.94 -16.91 8.17
C PHE D 139 -4.85 -15.90 8.54
N TYR D 140 -5.28 -14.82 9.17
CA TYR D 140 -4.43 -13.78 9.72
C TYR D 140 -5.20 -13.12 10.85
N PRO D 141 -4.55 -12.82 11.99
CA PRO D 141 -3.12 -13.01 12.29
C PRO D 141 -2.69 -14.45 12.53
N ARG D 142 -1.41 -14.60 12.90
CA ARG D 142 -0.78 -15.91 13.03
C ARG D 142 -1.34 -16.71 14.21
N GLU D 143 -1.83 -16.03 15.24
CA GLU D 143 -2.19 -16.69 16.50
C GLU D 143 -3.58 -17.32 16.39
N ALA D 144 -3.64 -18.65 16.50
CA ALA D 144 -4.89 -19.39 16.50
C ALA D 144 -4.77 -20.60 17.40
N LYS D 145 -5.77 -20.83 18.24
CA LYS D 145 -5.76 -21.94 19.20
C LYS D 145 -6.57 -23.11 18.67
N VAL D 146 -6.03 -24.31 18.85
CA VAL D 146 -6.66 -25.55 18.38
C VAL D 146 -6.70 -26.54 19.52
N GLN D 147 -7.88 -27.08 19.82
CA GLN D 147 -8.06 -28.11 20.82
C GLN D 147 -8.65 -29.37 20.20
N TRP D 148 -8.24 -30.52 20.72
CA TRP D 148 -8.73 -31.81 20.23
C TRP D 148 -9.73 -32.40 21.20
N LYS D 149 -10.84 -32.90 20.67
CA LYS D 149 -11.89 -33.52 21.46
C LYS D 149 -12.22 -34.89 20.89
N VAL D 150 -12.07 -35.92 21.71
CA VAL D 150 -12.42 -37.29 21.35
C VAL D 150 -13.55 -37.71 22.29
N ASP D 151 -14.78 -37.78 21.77
CA ASP D 151 -15.96 -38.06 22.59
C ASP D 151 -16.11 -37.02 23.69
N ASN D 152 -15.93 -35.74 23.33
CA ASN D 152 -15.98 -34.58 24.20
C ASN D 152 -14.87 -34.58 25.25
N ALA D 153 -13.96 -35.54 25.23
CA ALA D 153 -12.84 -35.58 26.16
C ALA D 153 -11.70 -34.74 25.61
N LEU D 154 -11.26 -33.76 26.39
CA LEU D 154 -10.18 -32.87 25.96
C LEU D 154 -8.87 -33.63 25.90
N GLN D 155 -8.13 -33.45 24.80
CA GLN D 155 -6.85 -34.11 24.60
C GLN D 155 -5.72 -33.17 25.00
N SER D 156 -4.60 -33.78 25.42
CA SER D 156 -3.43 -33.00 25.82
C SER D 156 -2.19 -33.87 25.73
N GLY D 157 -1.13 -33.32 25.16
CA GLY D 157 0.15 -34.01 25.08
C GLY D 157 0.24 -35.07 24.01
N ASN D 158 -0.70 -35.11 23.06
CA ASN D 158 -0.68 -36.12 22.01
C ASN D 158 -0.93 -35.50 20.63
N SER D 159 -0.65 -34.22 20.47
CA SER D 159 -0.83 -33.53 19.20
C SER D 159 0.33 -32.58 18.96
N GLN D 160 0.62 -32.33 17.69
CA GLN D 160 1.70 -31.43 17.30
C GLN D 160 1.23 -30.49 16.20
N GLU D 161 1.61 -29.22 16.32
CA GLU D 161 1.21 -28.18 15.39
C GLU D 161 2.39 -27.73 14.53
N SER D 162 2.08 -27.31 13.31
CA SER D 162 3.07 -26.75 12.40
C SER D 162 2.41 -25.67 11.55
N VAL D 163 3.00 -24.47 11.55
CA VAL D 163 2.43 -23.32 10.85
C VAL D 163 3.38 -22.90 9.74
N THR D 164 2.82 -22.50 8.60
CA THR D 164 3.62 -22.06 7.47
C THR D 164 4.10 -20.62 7.66
N GLU D 165 5.01 -20.22 6.79
CA GLU D 165 5.40 -18.82 6.69
C GLU D 165 4.32 -18.03 5.95
N GLN D 166 4.33 -16.71 6.16
CA GLN D 166 3.31 -15.87 5.55
C GLN D 166 3.35 -15.99 4.04
N ASP D 167 2.19 -16.21 3.43
CA ASP D 167 2.10 -16.39 1.99
C ASP D 167 2.41 -15.08 1.28
N SER D 168 3.16 -15.18 0.18
CA SER D 168 3.53 -14.02 -0.60
C SER D 168 2.39 -13.53 -1.49
N LYS D 169 1.25 -14.22 -1.48
CA LYS D 169 0.14 -13.90 -2.36
C LYS D 169 -0.98 -13.17 -1.62
N ASP D 170 -1.49 -13.77 -0.54
CA ASP D 170 -2.56 -13.18 0.25
C ASP D 170 -2.13 -12.78 1.65
N SER D 171 -0.87 -12.97 2.01
CA SER D 171 -0.31 -12.54 3.30
C SER D 171 -0.98 -13.27 4.46
N THR D 172 -1.43 -14.50 4.24
CA THR D 172 -2.10 -15.30 5.25
C THR D 172 -1.17 -16.40 5.77
N TYR D 173 -1.69 -17.18 6.71
CA TYR D 173 -0.96 -18.31 7.28
C TYR D 173 -1.82 -19.56 7.17
N SER D 174 -1.16 -20.71 7.36
CA SER D 174 -1.84 -21.99 7.44
C SER D 174 -1.20 -22.81 8.54
N LEU D 175 -2.03 -23.60 9.23
CA LEU D 175 -1.62 -24.39 10.38
C LEU D 175 -2.15 -25.80 10.22
N SER D 176 -1.35 -26.78 10.64
CA SER D 176 -1.74 -28.19 10.63
C SER D 176 -1.48 -28.77 12.01
N SER D 177 -2.52 -29.33 12.62
CA SER D 177 -2.43 -29.98 13.91
C SER D 177 -2.67 -31.47 13.72
N THR D 178 -1.68 -32.28 14.08
CA THR D 178 -1.73 -33.73 13.92
C THR D 178 -1.91 -34.38 15.29
N LEU D 179 -3.00 -35.11 15.45
CA LEU D 179 -3.28 -35.91 16.64
C LEU D 179 -2.89 -37.35 16.36
N THR D 180 -2.00 -37.91 17.17
CA THR D 180 -1.45 -39.24 16.95
C THR D 180 -1.92 -40.17 18.06
N LEU D 181 -2.51 -41.30 17.66
CA LEU D 181 -2.99 -42.31 18.59
C LEU D 181 -2.62 -43.68 18.05
N SER D 182 -2.81 -44.70 18.88
CA SER D 182 -2.69 -46.08 18.43
C SER D 182 -4.01 -46.54 17.83
N LYS D 183 -3.93 -47.54 16.96
CA LYS D 183 -5.14 -48.09 16.37
C LYS D 183 -6.13 -48.57 17.43
N ALA D 184 -5.61 -49.13 18.53
CA ALA D 184 -6.47 -49.55 19.64
C ALA D 184 -7.23 -48.36 20.21
N ASP D 185 -6.49 -47.34 20.65
CA ASP D 185 -7.14 -46.16 21.23
C ASP D 185 -8.01 -45.45 20.21
N TYR D 186 -7.65 -45.50 18.93
CA TYR D 186 -8.46 -44.85 17.90
C TYR D 186 -9.80 -45.56 17.73
N GLU D 187 -9.78 -46.88 17.56
CA GLU D 187 -11.01 -47.64 17.42
C GLU D 187 -11.77 -47.73 18.74
N LYS D 188 -11.17 -47.34 19.86
CA LYS D 188 -11.87 -47.36 21.13
C LYS D 188 -12.92 -46.26 21.23
N HIS D 189 -12.79 -45.19 20.46
CA HIS D 189 -13.71 -44.06 20.50
C HIS D 189 -14.34 -43.83 19.13
N LYS D 190 -15.30 -42.90 19.09
CA LYS D 190 -16.11 -42.67 17.90
C LYS D 190 -15.94 -41.28 17.31
N VAL D 191 -16.15 -40.23 18.09
CA VAL D 191 -16.19 -38.88 17.57
C VAL D 191 -14.82 -38.24 17.72
N TYR D 192 -14.32 -37.62 16.65
CA TYR D 192 -13.05 -36.92 16.66
C TYR D 192 -13.27 -35.54 16.10
N ALA D 193 -12.90 -34.51 16.87
CA ALA D 193 -13.16 -33.14 16.49
C ALA D 193 -11.98 -32.26 16.84
N CYS D 194 -11.78 -31.22 16.03
CA CYS D 194 -10.89 -30.13 16.39
C CYS D 194 -11.70 -28.84 16.50
N GLU D 195 -11.50 -28.14 17.62
CA GLU D 195 -12.15 -26.88 17.91
C GLU D 195 -11.13 -25.76 17.75
N VAL D 196 -11.44 -24.79 16.91
CA VAL D 196 -10.53 -23.72 16.53
C VAL D 196 -11.08 -22.40 17.04
N THR D 197 -10.24 -21.62 17.69
CA THR D 197 -10.54 -20.26 18.07
C THR D 197 -9.50 -19.33 17.47
N HIS D 198 -9.94 -18.17 17.02
CA HIS D 198 -9.05 -17.24 16.33
C HIS D 198 -9.61 -15.85 16.53
N GLN D 199 -8.72 -14.86 16.40
CA GLN D 199 -9.18 -13.48 16.44
C GLN D 199 -10.27 -13.27 15.39
N GLY D 200 -10.33 -14.13 14.35
CA GLY D 200 -11.32 -14.02 13.30
C GLY D 200 -12.55 -14.87 13.47
N LEU D 201 -12.82 -15.43 14.66
CA LEU D 201 -14.00 -16.27 14.88
C LEU D 201 -14.86 -15.67 15.99
N SER D 202 -16.05 -15.19 15.63
CA SER D 202 -16.96 -14.64 16.64
C SER D 202 -17.41 -15.72 17.62
N SER D 203 -17.17 -16.98 17.30
CA SER D 203 -17.42 -18.11 18.18
C SER D 203 -16.55 -19.26 17.71
N PRO D 204 -16.22 -20.21 18.59
CA PRO D 204 -15.33 -21.31 18.18
C PRO D 204 -15.94 -22.10 17.03
N VAL D 205 -15.07 -22.58 16.15
CA VAL D 205 -15.48 -23.38 14.99
C VAL D 205 -15.02 -24.81 15.22
N THR D 206 -15.97 -25.73 15.28
CA THR D 206 -15.68 -27.13 15.54
C THR D 206 -15.89 -27.93 14.26
N LYS D 207 -14.88 -28.70 13.87
CA LYS D 207 -14.99 -29.62 12.74
C LYS D 207 -14.77 -31.04 13.27
N SER D 208 -15.72 -31.92 12.98
CA SER D 208 -15.75 -33.24 13.59
C SER D 208 -16.07 -34.30 12.56
N PHE D 209 -15.83 -35.56 12.95
CA PHE D 209 -16.25 -36.70 12.16
C PHE D 209 -16.46 -37.89 13.08
N ASN D 210 -17.36 -38.76 12.69
CA ASN D 210 -17.60 -40.00 13.41
C ASN D 210 -16.76 -41.11 12.78
N ARG D 211 -16.06 -41.87 13.62
CA ARG D 211 -15.21 -42.95 13.14
C ARG D 211 -16.01 -43.94 12.31
N GLY D 212 -15.44 -44.33 11.17
CA GLY D 212 -16.07 -45.33 10.31
C GLY D 212 -17.36 -44.87 9.66
N GLU D 213 -17.37 -43.67 9.10
CA GLU D 213 -18.56 -43.14 8.44
C GLU D 213 -18.18 -42.31 7.22
N GLU E 1 -26.69 11.24 38.66
CA GLU E 1 -26.25 9.89 38.29
C GLU E 1 -25.66 9.17 39.49
N VAL E 2 -25.39 7.87 39.32
CA VAL E 2 -24.80 7.09 40.39
C VAL E 2 -23.33 7.48 40.57
N GLN E 3 -22.90 7.56 41.83
CA GLN E 3 -21.54 7.96 42.15
C GLN E 3 -21.03 7.12 43.31
N LEU E 4 -19.80 6.63 43.19
CA LEU E 4 -19.11 5.92 44.26
C LEU E 4 -17.76 6.61 44.45
N GLN E 5 -17.69 7.53 45.40
CA GLN E 5 -16.49 8.32 45.64
C GLN E 5 -15.64 7.63 46.71
N GLN E 6 -14.42 7.27 46.34
CA GLN E 6 -13.49 6.61 47.22
C GLN E 6 -12.51 7.61 47.81
N SER E 7 -11.88 7.22 48.93
CA SER E 7 -10.89 8.05 49.58
C SER E 7 -9.66 8.22 48.68
N GLY E 8 -8.78 9.13 49.05
CA GLY E 8 -7.59 9.38 48.28
C GLY E 8 -6.54 8.30 48.49
N PRO E 9 -5.42 8.45 47.77
CA PRO E 9 -4.34 7.48 47.90
C PRO E 9 -3.73 7.53 49.29
N GLU E 10 -3.12 6.41 49.69
CA GLU E 10 -2.59 6.30 51.04
C GLU E 10 -1.19 5.71 51.04
N LEU E 11 -0.35 6.21 51.95
CA LEU E 11 0.96 5.64 52.26
C LEU E 11 0.97 5.18 53.70
N VAL E 12 1.40 3.93 53.93
CA VAL E 12 1.33 3.29 55.23
C VAL E 12 2.61 2.47 55.43
N LYS E 13 3.04 2.34 56.70
CA LYS E 13 4.20 1.54 57.01
C LYS E 13 3.87 0.05 57.02
N PRO E 14 4.85 -0.80 56.72
CA PRO E 14 4.60 -2.25 56.75
C PRO E 14 4.16 -2.72 58.13
N GLY E 15 3.24 -3.69 58.15
CA GLY E 15 2.70 -4.23 59.37
C GLY E 15 1.51 -3.46 59.93
N ALA E 16 1.37 -2.19 59.58
CA ALA E 16 0.26 -1.37 60.07
C ALA E 16 -1.00 -1.71 59.30
N SER E 17 -2.07 -0.93 59.50
CA SER E 17 -3.36 -1.17 58.91
C SER E 17 -3.82 0.05 58.13
N VAL E 18 -4.76 -0.17 57.22
CA VAL E 18 -5.30 0.90 56.38
C VAL E 18 -6.82 0.79 56.41
N LYS E 19 -7.49 1.91 56.14
CA LYS E 19 -8.95 1.95 56.10
C LYS E 19 -9.38 2.86 54.95
N MET E 20 -9.96 2.26 53.91
CA MET E 20 -10.44 2.99 52.75
C MET E 20 -11.96 3.14 52.82
N SER E 21 -12.46 4.22 52.23
CA SER E 21 -13.88 4.53 52.25
C SER E 21 -14.44 4.50 50.84
N CYS E 22 -15.75 4.30 50.74
CA CYS E 22 -16.46 4.32 49.45
C CYS E 22 -17.86 4.83 49.74
N LYS E 23 -18.09 6.12 49.50
CA LYS E 23 -19.38 6.74 49.73
C LYS E 23 -20.22 6.65 48.45
N ALA E 24 -21.39 6.02 48.55
CA ALA E 24 -22.29 5.87 47.43
C ALA E 24 -23.37 6.96 47.45
N SER E 25 -23.83 7.33 46.26
CA SER E 25 -24.88 8.33 46.14
C SER E 25 -25.56 8.18 44.78
N GLY E 26 -26.81 8.64 44.72
CA GLY E 26 -27.57 8.59 43.49
C GLY E 26 -28.50 7.41 43.35
N TYR E 27 -28.67 6.60 44.38
CA TYR E 27 -29.54 5.42 44.33
C TYR E 27 -29.85 4.97 45.75
N THR E 28 -30.76 4.02 45.86
CA THR E 28 -31.11 3.44 47.15
C THR E 28 -29.93 2.62 47.68
N PHE E 29 -29.22 3.16 48.67
CA PHE E 29 -27.96 2.56 49.11
C PHE E 29 -28.16 1.16 49.68
N SER E 30 -29.34 0.88 50.25
CA SER E 30 -29.55 -0.37 50.97
C SER E 30 -29.99 -1.52 50.08
N ASP E 31 -30.26 -1.28 48.80
CA ASP E 31 -30.82 -2.31 47.92
C ASP E 31 -29.78 -2.97 47.02
N TYR E 32 -28.52 -2.54 47.08
CA TYR E 32 -27.49 -3.05 46.19
C TYR E 32 -26.29 -3.55 46.99
N TYR E 33 -25.75 -4.69 46.56
CA TYR E 33 -24.50 -5.19 47.12
C TYR E 33 -23.36 -4.22 46.84
N MET E 34 -22.31 -4.30 47.66
CA MET E 34 -21.09 -3.54 47.45
C MET E 34 -19.91 -4.50 47.48
N HIS E 35 -19.15 -4.55 46.39
CA HIS E 35 -18.03 -5.45 46.26
C HIS E 35 -16.73 -4.66 46.24
N TRP E 36 -15.65 -5.31 46.65
CA TRP E 36 -14.32 -4.73 46.59
C TRP E 36 -13.44 -5.56 45.67
N VAL E 37 -12.63 -4.88 44.87
CA VAL E 37 -11.78 -5.52 43.87
C VAL E 37 -10.37 -4.95 43.99
N LYS E 38 -9.38 -5.81 43.76
CA LYS E 38 -7.98 -5.43 43.82
C LYS E 38 -7.36 -5.55 42.43
N GLN E 39 -6.63 -4.52 42.01
CA GLN E 39 -5.88 -4.55 40.76
C GLN E 39 -4.41 -4.38 41.16
N SER E 40 -3.69 -5.49 41.20
CA SER E 40 -2.27 -5.45 41.51
C SER E 40 -1.47 -5.15 40.25
N HIS E 41 -0.38 -4.40 40.44
CA HIS E 41 0.54 -4.04 39.36
C HIS E 41 -0.21 -3.48 38.14
N GLY E 42 -1.35 -2.85 38.39
CA GLY E 42 -2.29 -2.47 37.35
C GLY E 42 -2.47 -3.45 36.20
N LYS E 43 -2.71 -4.72 36.53
CA LYS E 43 -2.94 -5.73 35.50
C LYS E 43 -4.19 -6.56 35.81
N SER E 44 -4.04 -7.57 36.68
CA SER E 44 -5.10 -8.51 36.96
C SER E 44 -6.04 -7.99 38.03
N LEU E 45 -7.30 -8.43 37.96
CA LEU E 45 -8.35 -8.05 38.90
C LEU E 45 -8.65 -9.22 39.82
N GLU E 46 -8.53 -9.00 41.13
CA GLU E 46 -8.83 -10.01 42.13
C GLU E 46 -10.02 -9.53 42.96
N TRP E 47 -11.12 -10.28 42.90
CA TRP E 47 -12.23 -10.04 43.80
C TRP E 47 -11.77 -10.16 45.24
N ILE E 48 -12.38 -9.38 46.13
CA ILE E 48 -12.05 -9.35 47.54
C ILE E 48 -13.21 -9.82 48.40
N GLY E 49 -14.38 -9.23 48.21
CA GLY E 49 -15.53 -9.62 49.00
C GLY E 49 -16.71 -8.73 48.69
N TYR E 50 -17.86 -9.16 49.22
CA TYR E 50 -19.11 -8.44 49.05
C TYR E 50 -19.65 -8.06 50.43
N ILE E 51 -20.57 -7.09 50.44
CA ILE E 51 -21.26 -6.71 51.65
C ILE E 51 -22.66 -6.21 51.29
N TYR E 52 -23.65 -6.67 52.05
CA TYR E 52 -25.02 -6.20 51.92
C TYR E 52 -25.24 -5.11 52.95
N PRO E 53 -25.51 -3.87 52.54
CA PRO E 53 -25.55 -2.76 53.51
C PRO E 53 -26.52 -2.95 54.66
N ASP E 54 -27.62 -3.69 54.46
CA ASP E 54 -28.56 -3.92 55.55
C ASP E 54 -27.91 -4.65 56.73
N ASN E 55 -26.97 -5.55 56.45
CA ASN E 55 -26.25 -6.24 57.51
C ASN E 55 -24.77 -6.46 57.20
N GLY E 56 -24.43 -7.56 56.55
CA GLY E 56 -23.04 -7.88 56.31
C GLY E 56 -22.87 -9.02 55.32
N GLY E 57 -21.64 -9.49 55.20
CA GLY E 57 -21.36 -10.58 54.28
C GLY E 57 -19.94 -11.10 54.43
N ASN E 58 -19.59 -12.03 53.53
CA ASN E 58 -18.30 -12.70 53.48
C ASN E 58 -17.53 -12.30 52.22
N GLY E 59 -16.32 -12.86 52.08
CA GLY E 59 -15.48 -12.57 50.93
C GLY E 59 -14.51 -13.65 50.49
N TYR E 60 -13.54 -13.26 49.65
CA TYR E 60 -12.55 -14.18 49.10
C TYR E 60 -11.84 -14.98 50.18
N ASN E 61 -11.63 -16.27 49.89
CA ASN E 61 -10.88 -17.13 50.81
C ASN E 61 -9.43 -16.68 50.92
N GLN E 62 -8.81 -16.33 49.79
CA GLN E 62 -7.42 -15.90 49.78
C GLN E 62 -7.22 -14.62 50.58
N LYS E 63 -8.28 -13.81 50.70
CA LYS E 63 -8.22 -12.53 51.40
C LYS E 63 -8.72 -12.65 52.84
N PHE E 64 -8.82 -13.88 53.35
CA PHE E 64 -9.22 -14.08 54.74
C PHE E 64 -8.28 -13.36 55.70
N LYS E 65 -6.98 -13.52 55.50
CA LYS E 65 -5.96 -12.90 56.34
C LYS E 65 -5.54 -11.53 55.82
N GLY E 66 -6.51 -10.65 55.56
CA GLY E 66 -6.19 -9.31 55.12
C GLY E 66 -7.35 -8.33 55.16
N LYS E 67 -8.47 -8.72 54.58
CA LYS E 67 -9.60 -7.83 54.37
C LYS E 67 -10.59 -7.89 55.52
N ALA E 68 -11.17 -6.72 55.85
CA ALA E 68 -12.28 -6.63 56.80
C ALA E 68 -13.23 -5.55 56.28
N THR E 69 -14.40 -5.96 55.81
CA THR E 69 -15.34 -5.03 55.19
C THR E 69 -16.49 -4.71 56.16
N LEU E 70 -16.87 -3.43 56.20
CA LEU E 70 -17.94 -2.97 57.07
C LEU E 70 -18.72 -1.87 56.34
N THR E 71 -19.82 -1.45 56.95
CA THR E 71 -20.71 -0.49 56.31
C THR E 71 -21.31 0.44 57.37
N VAL E 72 -21.77 1.61 56.90
CA VAL E 72 -22.50 2.58 57.71
C VAL E 72 -23.62 3.10 56.82
N ASP E 73 -24.88 2.75 57.18
CA ASP E 73 -26.01 3.14 56.35
C ASP E 73 -26.32 4.63 56.44
N LYS E 74 -26.23 5.21 57.64
CA LYS E 74 -26.61 6.61 57.82
C LYS E 74 -25.78 7.52 56.91
N SER E 75 -24.50 7.21 56.73
CA SER E 75 -23.63 7.98 55.85
C SER E 75 -23.50 7.36 54.48
N SER E 76 -24.17 6.23 54.24
CA SER E 76 -24.12 5.51 52.96
C SER E 76 -22.69 5.23 52.52
N SER E 77 -21.89 4.72 53.46
CA SER E 77 -20.46 4.54 53.21
C SER E 77 -20.04 3.10 53.51
N THR E 78 -19.40 2.47 52.54
CA THR E 78 -18.80 1.15 52.73
C THR E 78 -17.31 1.35 53.04
N VAL E 79 -16.87 0.82 54.17
CA VAL E 79 -15.49 0.96 54.62
C VAL E 79 -14.80 -0.39 54.51
N TYR E 80 -13.49 -0.34 54.30
CA TYR E 80 -12.72 -1.54 53.96
C TYR E 80 -11.34 -1.44 54.60
N MET E 81 -11.00 -2.38 55.46
CA MET E 81 -9.80 -2.32 56.28
C MET E 81 -8.82 -3.40 55.87
N GLU E 82 -7.54 -3.04 55.84
CA GLU E 82 -6.44 -3.94 55.53
C GLU E 82 -5.59 -4.09 56.79
N LEU E 83 -5.39 -5.33 57.24
CA LEU E 83 -4.64 -5.63 58.45
C LEU E 83 -3.30 -6.24 58.11
N ARG E 84 -2.30 -5.94 58.95
CA ARG E 84 -0.92 -6.39 58.78
C ARG E 84 -0.46 -6.31 57.34
N SER E 85 -0.22 -5.10 56.85
CA SER E 85 0.18 -4.89 55.46
C SER E 85 1.50 -5.59 55.17
N LEU E 86 1.63 -6.07 53.92
CA LEU E 86 2.80 -6.78 53.45
C LEU E 86 3.29 -6.11 52.17
N THR E 87 4.41 -6.59 51.64
CA THR E 87 4.91 -6.11 50.35
C THR E 87 4.11 -6.66 49.17
N SER E 88 3.07 -7.45 49.42
CA SER E 88 2.19 -7.94 48.37
C SER E 88 0.95 -7.09 48.21
N GLU E 89 0.41 -6.56 49.31
CA GLU E 89 -0.67 -5.58 49.23
C GLU E 89 -0.20 -4.23 48.69
N ASP E 90 1.09 -4.07 48.38
CA ASP E 90 1.62 -2.77 48.00
C ASP E 90 1.07 -2.33 46.65
N SER E 91 1.72 -2.73 45.57
CA SER E 91 1.34 -2.32 44.22
C SER E 91 -0.10 -2.67 43.92
N ALA E 92 -1.06 -1.97 44.55
CA ALA E 92 -2.47 -2.31 44.35
C ALA E 92 -3.34 -1.06 44.33
N LEU E 93 -4.25 -1.05 43.36
CA LEU E 93 -5.34 -0.09 43.27
C LEU E 93 -6.63 -0.82 43.67
N TYR E 94 -7.34 -0.28 44.65
CA TYR E 94 -8.52 -0.93 45.21
C TYR E 94 -9.78 -0.20 44.75
N TYR E 95 -10.66 -0.93 44.07
CA TYR E 95 -11.93 -0.40 43.59
C TYR E 95 -13.07 -0.89 44.47
N CYS E 96 -14.09 -0.05 44.61
CA CYS E 96 -15.38 -0.46 45.11
C CYS E 96 -16.40 -0.41 43.97
N ALA E 97 -17.22 -1.44 43.87
CA ALA E 97 -18.19 -1.55 42.80
C ALA E 97 -19.54 -1.94 43.37
N ARG E 98 -20.58 -1.67 42.58
CA ARG E 98 -21.95 -1.95 42.97
C ARG E 98 -22.47 -3.14 42.17
N GLY E 99 -23.00 -4.14 42.87
CA GLY E 99 -23.63 -5.25 42.19
C GLY E 99 -24.98 -4.87 41.63
N THR E 100 -25.39 -5.59 40.58
CA THR E 100 -26.65 -5.28 39.93
C THR E 100 -27.83 -5.57 40.86
N TYR E 101 -29.01 -5.08 40.47
CA TYR E 101 -30.19 -5.08 41.34
C TYR E 101 -30.57 -6.48 41.78
N TYR E 102 -30.98 -7.34 40.83
CA TYR E 102 -31.36 -8.71 41.18
C TYR E 102 -30.18 -9.46 41.79
N ASP E 103 -28.96 -9.04 41.44
CA ASP E 103 -27.69 -9.65 41.81
C ASP E 103 -27.47 -10.91 40.97
N GLY E 104 -27.13 -10.72 39.71
CA GLY E 104 -26.59 -11.74 38.85
C GLY E 104 -25.12 -12.00 39.12
N SER E 105 -24.58 -11.24 40.08
CA SER E 105 -23.21 -11.28 40.60
C SER E 105 -22.23 -10.47 39.77
N TYR E 106 -22.68 -9.69 38.80
CA TYR E 106 -21.82 -8.78 38.06
C TYR E 106 -22.03 -7.35 38.55
N PHE E 107 -21.04 -6.49 38.26
CA PHE E 107 -20.95 -5.17 38.83
C PHE E 107 -21.14 -4.12 37.74
N ASP E 108 -22.10 -3.22 37.93
CA ASP E 108 -22.47 -2.27 36.88
C ASP E 108 -21.95 -0.86 37.12
N TYR E 109 -21.49 -0.53 38.32
CA TYR E 109 -20.93 0.78 38.60
C TYR E 109 -19.65 0.64 39.42
N TRP E 110 -18.66 1.46 39.11
CA TRP E 110 -17.35 1.36 39.73
C TRP E 110 -16.89 2.72 40.25
N GLY E 111 -16.12 2.69 41.34
CA GLY E 111 -15.47 3.87 41.84
C GLY E 111 -14.22 4.21 41.04
N GLN E 112 -13.57 5.31 41.45
CA GLN E 112 -12.34 5.73 40.77
C GLN E 112 -11.12 4.98 41.25
N GLY E 113 -11.18 4.34 42.41
CA GLY E 113 -10.07 3.54 42.90
C GLY E 113 -9.19 4.31 43.87
N THR E 114 -8.62 3.58 44.83
CA THR E 114 -7.68 4.13 45.79
C THR E 114 -6.34 3.44 45.60
N THR E 115 -5.28 4.24 45.45
CA THR E 115 -3.94 3.70 45.30
C THR E 115 -3.33 3.49 46.68
N LEU E 116 -2.92 2.26 46.97
CA LEU E 116 -2.31 1.96 48.26
C LEU E 116 -0.80 1.77 48.06
N THR E 117 -0.02 2.35 48.98
CA THR E 117 1.43 2.20 48.96
C THR E 117 1.89 1.92 50.38
N VAL E 118 2.51 0.77 50.59
CA VAL E 118 3.04 0.38 51.89
C VAL E 118 4.55 0.29 51.76
N SER E 119 5.25 1.25 52.35
CA SER E 119 6.71 1.30 52.31
C SER E 119 7.22 1.97 53.57
N SER E 120 8.36 1.50 54.07
CA SER E 120 8.99 2.13 55.23
C SER E 120 9.51 3.53 54.92
N ALA E 121 9.58 3.92 53.66
CA ALA E 121 10.03 5.25 53.29
C ALA E 121 8.99 6.29 53.73
N SER E 122 9.44 7.54 53.81
CA SER E 122 8.60 8.65 54.20
C SER E 122 8.14 9.44 52.98
N THR E 123 7.12 10.27 53.19
CA THR E 123 6.57 11.08 52.12
C THR E 123 7.57 12.15 51.69
N LYS E 124 7.57 12.46 50.39
CA LYS E 124 8.45 13.48 49.82
C LYS E 124 7.71 14.22 48.72
N GLY E 125 7.64 15.54 48.85
CA GLY E 125 7.01 16.37 47.84
C GLY E 125 7.86 16.47 46.60
N PRO E 126 7.24 16.82 45.48
CA PRO E 126 7.97 16.86 44.20
C PRO E 126 8.59 18.21 43.90
N SER E 127 9.71 18.15 43.17
CA SER E 127 10.38 19.34 42.64
C SER E 127 9.96 19.52 41.18
N VAL E 128 9.40 20.68 40.86
CA VAL E 128 8.86 20.96 39.54
C VAL E 128 9.80 21.93 38.84
N PHE E 129 10.45 21.47 37.78
CA PHE E 129 11.31 22.30 36.96
C PHE E 129 10.68 22.50 35.57
N PRO E 130 11.03 23.58 34.88
CA PRO E 130 10.47 23.81 33.54
C PRO E 130 11.28 23.16 32.44
N LEU E 131 10.58 22.85 31.35
CA LEU E 131 11.17 22.39 30.09
C LEU E 131 10.80 23.45 29.06
N ALA E 132 11.69 24.42 28.87
CA ALA E 132 11.41 25.62 28.09
C ALA E 132 11.41 25.31 26.61
N PRO E 133 10.53 25.95 25.83
CA PRO E 133 10.47 25.73 24.38
C PRO E 133 11.63 26.41 23.66
N SER E 134 12.58 25.62 23.20
CA SER E 134 13.71 26.15 22.45
C SER E 134 13.22 26.70 21.11
N SER E 135 13.48 27.98 20.85
CA SER E 135 13.06 28.60 19.61
C SER E 135 13.67 27.93 18.38
N LYS E 136 14.85 27.34 18.55
CA LYS E 136 15.49 26.62 17.44
C LYS E 136 14.89 25.23 17.26
N GLY E 140 10.04 25.30 13.98
CA GLY E 140 9.16 25.79 12.94
C GLY E 140 7.85 26.34 13.46
N GLY E 141 6.73 25.77 13.04
CA GLY E 141 5.45 26.23 13.50
C GLY E 141 4.89 25.51 14.70
N THR E 142 5.59 24.51 15.22
CA THR E 142 5.17 23.77 16.42
C THR E 142 6.26 23.88 17.47
N ALA E 143 5.86 24.16 18.71
CA ALA E 143 6.78 24.25 19.82
C ALA E 143 6.35 23.29 20.92
N ALA E 144 7.33 22.64 21.54
CA ALA E 144 7.09 21.72 22.64
C ALA E 144 7.57 22.35 23.92
N LEU E 145 6.78 22.19 24.99
CA LEU E 145 7.17 22.75 26.29
C LEU E 145 6.55 21.89 27.38
N GLY E 146 7.23 21.82 28.53
CA GLY E 146 6.73 20.91 29.54
C GLY E 146 7.22 21.21 30.94
N CYS E 147 7.01 20.23 31.82
CA CYS E 147 7.38 20.32 33.22
C CYS E 147 7.94 18.98 33.67
N LEU E 148 9.08 19.03 34.38
CA LEU E 148 9.71 17.85 34.94
C LEU E 148 9.38 17.80 36.44
N VAL E 149 8.62 16.79 36.84
CA VAL E 149 8.22 16.59 38.22
C VAL E 149 9.10 15.48 38.78
N LYS E 150 10.17 15.86 39.48
CA LYS E 150 11.22 14.95 39.90
C LYS E 150 11.23 14.77 41.41
N ASP E 151 11.74 13.61 41.84
CA ASP E 151 12.02 13.29 43.23
C ASP E 151 10.81 13.46 44.14
N TYR E 152 9.87 12.51 44.08
CA TYR E 152 8.73 12.48 44.97
C TYR E 152 8.38 11.04 45.30
N PHE E 153 7.61 10.87 46.38
CA PHE E 153 7.17 9.56 46.83
C PHE E 153 6.03 9.72 47.82
N PRO E 154 4.98 8.90 47.74
CA PRO E 154 4.77 7.88 46.71
C PRO E 154 3.90 8.37 45.55
N GLU E 155 3.44 7.45 44.73
CA GLU E 155 2.46 7.75 43.70
C GLU E 155 1.09 8.00 44.33
N PRO E 156 0.19 8.72 43.64
CA PRO E 156 0.34 9.33 42.33
C PRO E 156 0.53 10.85 42.35
N VAL E 157 0.57 11.45 41.16
CA VAL E 157 0.65 12.90 40.99
C VAL E 157 -0.33 13.30 39.90
N THR E 158 -1.02 14.42 40.12
CA THR E 158 -1.99 14.95 39.15
C THR E 158 -1.38 16.18 38.49
N VAL E 159 -1.17 16.10 37.18
CA VAL E 159 -0.59 17.19 36.41
C VAL E 159 -1.64 17.70 35.42
N SER E 160 -1.83 19.02 35.38
CA SER E 160 -2.74 19.66 34.46
C SER E 160 -2.03 20.85 33.81
N TRP E 161 -2.67 21.41 32.78
CA TRP E 161 -2.14 22.56 32.08
C TRP E 161 -3.23 23.62 31.96
N ASN E 162 -2.94 24.83 32.43
CA ASN E 162 -3.90 25.94 32.46
C ASN E 162 -5.14 25.57 33.27
N SER E 163 -4.93 24.87 34.39
CA SER E 163 -6.00 24.48 35.31
C SER E 163 -7.08 23.66 34.62
N GLY E 164 -6.70 22.93 33.56
CA GLY E 164 -7.63 22.10 32.82
C GLY E 164 -8.10 22.69 31.50
N ALA E 165 -7.84 23.98 31.26
CA ALA E 165 -8.28 24.60 30.01
C ALA E 165 -7.49 24.11 28.81
N LEU E 166 -6.29 23.58 29.02
CA LEU E 166 -5.43 23.09 27.94
C LEU E 166 -5.37 21.58 28.02
N THR E 167 -5.95 20.90 27.03
CA THR E 167 -5.97 19.45 27.00
C THR E 167 -5.44 18.92 25.67
N SER E 168 -5.64 19.68 24.60
CA SER E 168 -5.21 19.25 23.27
C SER E 168 -3.69 19.23 23.20
N GLY E 169 -3.12 18.09 22.82
CA GLY E 169 -1.69 17.96 22.64
C GLY E 169 -0.90 17.73 23.91
N VAL E 170 -1.56 17.48 25.03
CA VAL E 170 -0.88 17.24 26.30
C VAL E 170 -0.52 15.77 26.41
N HIS E 171 0.65 15.49 26.98
CA HIS E 171 1.12 14.13 27.21
C HIS E 171 1.80 14.09 28.58
N THR E 172 1.17 13.44 29.54
CA THR E 172 1.76 13.22 30.85
C THR E 172 2.29 11.80 30.91
N PHE E 173 3.60 11.66 31.05
CA PHE E 173 4.23 10.36 30.96
C PHE E 173 4.14 9.60 32.29
N PRO E 174 4.06 8.27 32.23
CA PRO E 174 4.08 7.48 33.46
C PRO E 174 5.36 7.71 34.26
N ALA E 175 5.23 7.70 35.57
CA ALA E 175 6.37 7.91 36.45
C ALA E 175 7.36 6.76 36.34
N VAL E 176 8.65 7.10 36.47
CA VAL E 176 9.73 6.12 36.45
C VAL E 176 10.37 6.10 37.84
N LEU E 177 10.55 4.90 38.38
CA LEU E 177 11.17 4.75 39.70
C LEU E 177 12.69 4.86 39.55
N GLN E 178 13.24 5.96 40.06
CA GLN E 178 14.68 6.19 39.99
C GLN E 178 15.42 5.27 40.95
N SER E 179 16.75 5.21 40.77
CA SER E 179 17.58 4.40 41.67
C SER E 179 17.44 4.83 43.11
N SER E 180 17.10 6.10 43.36
CA SER E 180 16.96 6.63 44.70
C SER E 180 15.65 6.22 45.38
N GLY E 181 14.86 5.34 44.74
CA GLY E 181 13.57 4.97 45.27
C GLY E 181 12.47 6.00 45.09
N LEU E 182 12.79 7.16 44.53
CA LEU E 182 11.81 8.21 44.29
C LEU E 182 11.32 8.19 42.85
N TYR E 183 10.14 8.75 42.64
CA TYR E 183 9.52 8.78 41.32
C TYR E 183 9.81 10.11 40.62
N SER E 184 9.66 10.09 39.31
CA SER E 184 9.88 11.27 38.48
C SER E 184 9.16 11.08 37.15
N LEU E 185 8.62 12.17 36.61
CA LEU E 185 7.90 12.12 35.35
C LEU E 185 8.02 13.46 34.65
N SER E 186 7.53 13.50 33.41
CA SER E 186 7.49 14.71 32.62
C SER E 186 6.12 14.86 32.00
N SER E 187 5.68 16.11 31.86
CA SER E 187 4.40 16.42 31.20
C SER E 187 4.69 17.46 30.13
N VAL E 188 4.48 17.08 28.87
CA VAL E 188 4.80 17.93 27.73
C VAL E 188 3.51 18.33 27.02
N VAL E 189 3.62 19.38 26.20
CA VAL E 189 2.51 19.86 25.40
C VAL E 189 3.07 20.52 24.14
N THR E 190 2.40 20.30 23.02
CA THR E 190 2.74 20.93 21.75
C THR E 190 1.74 22.05 21.47
N VAL E 191 2.27 23.19 21.03
CA VAL E 191 1.47 24.38 20.80
C VAL E 191 1.94 25.07 19.53
N PRO E 192 1.09 25.92 18.92
CA PRO E 192 1.57 26.76 17.82
C PRO E 192 2.69 27.67 18.28
N SER E 193 3.79 27.68 17.51
CA SER E 193 4.96 28.46 17.91
C SER E 193 4.66 29.93 18.05
N SER E 194 3.79 30.47 17.17
CA SER E 194 3.45 31.88 17.21
C SER E 194 2.84 32.30 18.55
N SER E 195 2.30 31.35 19.32
CA SER E 195 1.70 31.65 20.61
C SER E 195 2.71 31.68 21.75
N LEU E 196 3.99 31.39 21.48
CA LEU E 196 4.98 31.38 22.56
C LEU E 196 5.12 32.73 23.24
N GLY E 197 4.91 33.82 22.49
CA GLY E 197 5.01 35.15 23.05
C GLY E 197 3.71 35.74 23.55
N THR E 198 2.58 35.13 23.23
CA THR E 198 1.27 35.66 23.61
C THR E 198 0.63 34.83 24.72
N GLN E 199 0.15 33.63 24.40
CA GLN E 199 -0.55 32.81 25.39
C GLN E 199 0.40 32.36 26.49
N THR E 200 -0.11 32.28 27.71
CA THR E 200 0.66 31.88 28.88
C THR E 200 0.33 30.44 29.24
N TYR E 201 1.36 29.66 29.58
CA TYR E 201 1.20 28.25 29.88
C TYR E 201 1.74 27.97 31.28
N ILE E 202 0.88 27.44 32.15
CA ILE E 202 1.24 27.06 33.50
C ILE E 202 0.90 25.59 33.70
N CYS E 203 1.82 24.83 34.26
CA CYS E 203 1.58 23.45 34.63
C CYS E 203 1.26 23.39 36.13
N ASN E 204 0.19 22.69 36.46
CA ASN E 204 -0.31 22.57 37.82
C ASN E 204 -0.06 21.15 38.30
N VAL E 205 0.83 20.99 39.27
CA VAL E 205 1.16 19.70 39.86
C VAL E 205 0.50 19.60 41.22
N ASN E 206 -0.04 18.43 41.53
CA ASN E 206 -0.71 18.19 42.80
C ASN E 206 -0.32 16.81 43.30
N HIS E 207 0.34 16.77 44.45
CA HIS E 207 0.76 15.52 45.10
C HIS E 207 0.03 15.44 46.44
N LYS E 208 -1.02 14.64 46.48
CA LYS E 208 -1.88 14.51 47.65
C LYS E 208 -1.20 13.83 48.83
N PRO E 209 -0.40 12.76 48.63
CA PRO E 209 0.31 12.18 49.78
C PRO E 209 1.16 13.19 50.54
N SER E 210 1.76 14.17 49.87
CA SER E 210 2.51 15.22 50.54
C SER E 210 1.72 16.51 50.69
N ASN E 211 0.52 16.59 50.10
CA ASN E 211 -0.31 17.79 50.17
C ASN E 211 0.43 18.99 49.56
N THR E 212 1.07 18.77 48.41
CA THR E 212 1.85 19.79 47.72
C THR E 212 1.12 20.21 46.46
N LYS E 213 0.79 21.50 46.36
CA LYS E 213 0.08 22.06 45.22
C LYS E 213 0.95 23.12 44.56
N VAL E 214 1.69 22.72 43.52
CA VAL E 214 2.66 23.58 42.87
C VAL E 214 2.10 24.05 41.53
N ASP E 215 2.43 25.29 41.15
CA ASP E 215 2.15 25.82 39.83
C ASP E 215 3.44 26.39 39.26
N LYS E 216 3.71 26.09 37.99
CA LYS E 216 4.97 26.50 37.36
C LYS E 216 4.68 27.05 35.98
N LYS E 217 5.06 28.31 35.75
CA LYS E 217 4.99 28.89 34.42
C LYS E 217 6.23 28.53 33.62
N VAL E 218 6.01 28.14 32.37
CA VAL E 218 7.10 27.74 31.47
C VAL E 218 7.23 28.82 30.40
N GLU E 219 8.34 29.54 30.43
CA GLU E 219 8.58 30.63 29.49
C GLU E 219 9.78 30.31 28.61
N PRO E 220 9.79 30.81 27.37
CA PRO E 220 11.00 30.70 26.54
C PRO E 220 12.12 31.55 27.11
N LYS E 221 13.21 30.91 27.51
CA LYS E 221 14.33 31.64 28.09
C LYS E 221 14.99 32.51 27.03
N SER E 222 15.03 33.82 27.28
CA SER E 222 15.58 34.71 26.27
C SER E 222 17.10 34.69 26.34
N CYS E 223 17.73 34.98 25.21
CA CYS E 223 19.19 34.97 25.12
C CYS E 223 19.77 36.37 25.29
N ASP F 1 -12.05 -22.88 43.30
CA ASP F 1 -12.33 -21.68 42.50
C ASP F 1 -12.49 -22.02 41.02
N ILE F 2 -13.28 -21.22 40.33
CA ILE F 2 -13.44 -21.34 38.88
C ILE F 2 -12.46 -20.39 38.21
N VAL F 3 -11.56 -20.94 37.41
CA VAL F 3 -10.51 -20.16 36.78
C VAL F 3 -10.97 -19.71 35.40
N MET F 4 -10.90 -18.41 35.15
CA MET F 4 -11.20 -17.85 33.84
C MET F 4 -9.88 -17.54 33.14
N THR F 5 -9.74 -18.05 31.91
CA THR F 5 -8.50 -17.93 31.16
C THR F 5 -8.78 -17.29 29.82
N GLN F 6 -8.12 -16.17 29.55
CA GLN F 6 -8.20 -15.50 28.25
C GLN F 6 -6.98 -15.94 27.44
N SER F 7 -7.23 -16.47 26.25
CA SER F 7 -6.18 -17.15 25.48
C SER F 7 -5.01 -16.22 25.20
N HIS F 8 -5.28 -15.02 24.71
CA HIS F 8 -4.23 -14.09 24.30
C HIS F 8 -4.16 -12.94 25.30
N LYS F 9 -2.94 -12.61 25.72
CA LYS F 9 -2.73 -11.50 26.64
C LYS F 9 -2.72 -10.16 25.90
N PHE F 10 -2.32 -10.16 24.65
CA PHE F 10 -2.33 -8.96 23.82
C PHE F 10 -2.99 -9.28 22.48
N MET F 11 -3.74 -8.32 21.96
CA MET F 11 -4.37 -8.48 20.66
C MET F 11 -4.24 -7.20 19.86
N SER F 12 -3.93 -7.39 18.57
CA SER F 12 -3.74 -6.32 17.60
C SER F 12 -4.84 -6.33 16.54
N THR F 13 -5.31 -5.15 16.16
CA THR F 13 -6.34 -5.03 15.15
C THR F 13 -6.26 -3.70 14.43
N LEU F 14 -6.81 -3.67 13.23
CA LEU F 14 -6.95 -2.45 12.44
C LEU F 14 -8.29 -1.78 12.74
N VAL F 15 -8.33 -0.46 12.52
CA VAL F 15 -9.57 0.28 12.70
C VAL F 15 -10.55 -0.10 11.60
N GLY F 16 -11.81 -0.31 11.98
CA GLY F 16 -12.81 -0.78 11.06
C GLY F 16 -12.86 -2.28 10.86
N ASP F 17 -11.96 -3.02 11.50
CA ASP F 17 -11.88 -4.46 11.36
C ASP F 17 -12.65 -5.16 12.47
N ARG F 18 -12.81 -6.48 12.35
CA ARG F 18 -13.45 -7.15 13.46
C ARG F 18 -12.38 -7.71 14.40
N VAL F 19 -12.80 -7.98 15.64
CA VAL F 19 -11.95 -8.63 16.62
C VAL F 19 -12.82 -9.47 17.56
N SER F 20 -12.31 -10.65 17.92
CA SER F 20 -13.02 -11.58 18.79
C SER F 20 -12.05 -12.13 19.84
N ILE F 21 -12.25 -11.77 21.09
CA ILE F 21 -11.48 -12.27 22.22
C ILE F 21 -12.20 -13.47 22.82
N THR F 22 -11.47 -14.52 23.15
CA THR F 22 -12.03 -15.73 23.71
C THR F 22 -11.68 -15.86 25.19
N CYS F 23 -12.56 -16.57 25.92
CA CYS F 23 -12.38 -16.76 27.35
C CYS F 23 -12.99 -18.10 27.73
N LYS F 24 -12.19 -18.93 28.41
CA LYS F 24 -12.58 -20.28 28.76
C LYS F 24 -12.62 -20.43 30.28
N ALA F 25 -13.65 -21.13 30.76
CA ALA F 25 -13.82 -21.38 32.19
C ALA F 25 -13.43 -22.81 32.51
N SER F 26 -12.83 -23.00 33.69
CA SER F 26 -12.41 -24.33 34.11
C SER F 26 -13.59 -25.25 34.39
N GLN F 27 -14.76 -24.70 34.70
CA GLN F 27 -15.95 -25.47 34.96
C GLN F 27 -17.13 -24.87 34.19
N ASP F 28 -18.23 -25.61 34.18
CA ASP F 28 -19.44 -25.10 33.53
C ASP F 28 -19.99 -23.93 34.34
N VAL F 29 -20.20 -22.80 33.68
CA VAL F 29 -20.72 -21.61 34.33
C VAL F 29 -21.96 -21.12 33.59
N SER F 30 -22.62 -22.04 32.87
CA SER F 30 -23.82 -21.73 32.11
C SER F 30 -23.60 -20.56 31.16
N THR F 31 -24.56 -19.64 31.10
CA THR F 31 -24.46 -18.44 30.28
C THR F 31 -24.18 -17.20 31.11
N THR F 32 -23.68 -17.36 32.33
CA THR F 32 -23.48 -16.25 33.25
C THR F 32 -22.01 -15.83 33.23
N VAL F 33 -21.64 -15.07 32.20
CA VAL F 33 -20.32 -14.48 32.07
C VAL F 33 -20.49 -13.04 31.62
N ALA F 34 -19.76 -12.13 32.26
CA ALA F 34 -19.80 -10.71 31.95
C ALA F 34 -18.47 -10.27 31.34
N TRP F 35 -18.53 -9.19 30.58
CA TRP F 35 -17.39 -8.61 29.91
C TRP F 35 -17.27 -7.14 30.26
N TYR F 36 -16.11 -6.75 30.78
CA TYR F 36 -15.80 -5.39 31.17
C TYR F 36 -14.71 -4.80 30.28
N GLN F 37 -14.75 -3.48 30.14
CA GLN F 37 -13.79 -2.72 29.34
C GLN F 37 -13.12 -1.68 30.23
N GLN F 38 -11.79 -1.72 30.31
CA GLN F 38 -11.03 -0.76 31.11
C GLN F 38 -10.07 -0.02 30.19
N LYS F 39 -10.38 1.25 29.92
CA LYS F 39 -9.52 2.10 29.12
C LYS F 39 -8.39 2.66 29.98
N PRO F 40 -7.31 3.15 29.36
CA PRO F 40 -6.18 3.67 30.14
C PRO F 40 -6.62 4.80 31.08
N GLY F 41 -6.26 4.65 32.35
CA GLY F 41 -6.56 5.66 33.35
C GLY F 41 -8.01 5.71 33.80
N GLN F 42 -8.80 4.71 33.47
CA GLN F 42 -10.22 4.67 33.83
C GLN F 42 -10.52 3.42 34.64
N SER F 43 -11.73 3.38 35.18
CA SER F 43 -12.24 2.21 35.88
C SER F 43 -12.87 1.25 34.89
N PRO F 44 -13.00 -0.03 35.25
CA PRO F 44 -13.66 -0.97 34.36
C PRO F 44 -15.10 -0.54 34.09
N LYS F 45 -15.51 -0.67 32.83
CA LYS F 45 -16.86 -0.34 32.39
C LYS F 45 -17.57 -1.62 31.97
N LEU F 46 -18.70 -1.91 32.61
CA LEU F 46 -19.49 -3.08 32.25
C LEU F 46 -20.04 -2.93 30.84
N LEU F 47 -19.65 -3.85 29.96
CA LEU F 47 -20.17 -3.85 28.59
C LEU F 47 -21.22 -4.94 28.37
N ILE F 48 -20.99 -6.15 28.88
CA ILE F 48 -21.89 -7.26 28.58
C ILE F 48 -22.13 -8.05 29.87
N TYR F 49 -23.35 -8.54 30.04
CA TYR F 49 -23.70 -9.46 31.12
C TYR F 49 -24.47 -10.63 30.53
N SER F 50 -24.49 -11.74 31.28
CA SER F 50 -25.19 -12.96 30.87
C SER F 50 -24.74 -13.40 29.48
N ALA F 51 -23.43 -13.35 29.24
CA ALA F 51 -22.78 -13.90 28.05
C ALA F 51 -23.09 -13.10 26.78
N SER F 52 -24.35 -12.77 26.53
CA SER F 52 -24.74 -12.15 25.28
C SER F 52 -25.56 -10.87 25.42
N TYR F 53 -25.96 -10.49 26.63
CA TYR F 53 -26.77 -9.29 26.81
C TYR F 53 -25.86 -8.09 27.00
N ARG F 54 -26.07 -7.06 26.18
CA ARG F 54 -25.27 -5.84 26.27
C ARG F 54 -25.92 -4.89 27.26
N TYR F 55 -25.10 -4.31 28.13
CA TYR F 55 -25.58 -3.35 29.12
C TYR F 55 -26.11 -2.10 28.43
N THR F 56 -26.95 -1.35 29.15
CA THR F 56 -27.58 -0.17 28.60
C THR F 56 -26.55 0.86 28.15
N GLY F 57 -26.80 1.50 27.01
CA GLY F 57 -25.93 2.51 26.47
C GLY F 57 -24.72 2.00 25.71
N VAL F 58 -24.55 0.68 25.63
CA VAL F 58 -23.40 0.12 24.91
C VAL F 58 -23.70 0.13 23.42
N PRO F 59 -22.75 0.56 22.58
CA PRO F 59 -22.99 0.55 21.13
C PRO F 59 -23.29 -0.85 20.61
N ASP F 60 -23.94 -0.89 19.44
CA ASP F 60 -24.35 -2.17 18.88
C ASP F 60 -23.17 -3.01 18.43
N ARG F 61 -22.02 -2.40 18.17
CA ARG F 61 -20.84 -3.10 17.70
C ARG F 61 -20.20 -4.01 18.75
N PHE F 62 -20.57 -3.87 20.03
CA PHE F 62 -20.11 -4.80 21.06
C PHE F 62 -21.12 -5.93 21.22
N THR F 63 -20.66 -7.18 21.06
CA THR F 63 -21.53 -8.33 21.21
C THR F 63 -20.79 -9.43 21.98
N GLY F 64 -21.56 -10.40 22.45
CA GLY F 64 -20.99 -11.52 23.18
C GLY F 64 -21.75 -12.78 22.89
N SER F 65 -21.06 -13.91 22.99
CA SER F 65 -21.69 -15.21 22.79
C SER F 65 -20.95 -16.25 23.64
N GLY F 66 -21.54 -17.43 23.71
CA GLY F 66 -20.94 -18.56 24.40
C GLY F 66 -21.80 -19.08 25.53
N SER F 67 -21.36 -20.22 26.07
CA SER F 67 -22.09 -20.89 27.13
C SER F 67 -21.26 -22.05 27.65
N GLY F 68 -21.55 -22.45 28.88
CA GLY F 68 -20.83 -23.54 29.51
C GLY F 68 -19.41 -23.18 29.88
N THR F 69 -18.47 -23.46 28.97
CA THR F 69 -17.06 -23.23 29.22
C THR F 69 -16.42 -22.23 28.27
N ASP F 70 -16.94 -22.08 27.05
CA ASP F 70 -16.34 -21.23 26.04
C ASP F 70 -17.20 -19.99 25.83
N PHE F 71 -16.56 -18.82 25.78
CA PHE F 71 -17.25 -17.55 25.57
C PHE F 71 -16.38 -16.66 24.69
N THR F 72 -17.03 -15.76 23.94
CA THR F 72 -16.34 -14.92 22.97
C THR F 72 -16.98 -13.54 22.94
N PHE F 73 -16.17 -12.51 23.17
CA PHE F 73 -16.58 -11.12 23.07
C PHE F 73 -16.09 -10.56 21.74
N THR F 74 -16.95 -9.86 21.03
CA THR F 74 -16.66 -9.46 19.65
C THR F 74 -16.97 -7.99 19.42
N ILE F 75 -16.03 -7.30 18.78
CA ILE F 75 -16.24 -5.96 18.26
C ILE F 75 -16.32 -6.09 16.74
N SER F 76 -17.45 -5.65 16.17
CA SER F 76 -17.70 -5.83 14.75
C SER F 76 -16.95 -4.83 13.89
N SER F 77 -16.75 -3.60 14.38
CA SER F 77 -16.04 -2.56 13.64
C SER F 77 -15.25 -1.74 14.65
N VAL F 78 -13.98 -2.14 14.86
CA VAL F 78 -13.14 -1.48 15.85
C VAL F 78 -12.96 -0.01 15.49
N GLN F 79 -12.97 0.85 16.51
CA GLN F 79 -12.75 2.28 16.36
C GLN F 79 -11.55 2.69 17.18
N ALA F 80 -11.04 3.89 16.90
CA ALA F 80 -9.81 4.37 17.53
C ALA F 80 -9.92 4.36 19.05
N GLU F 81 -11.06 4.78 19.59
CA GLU F 81 -11.21 4.86 21.04
C GLU F 81 -11.38 3.50 21.70
N ASP F 82 -11.51 2.42 20.93
CA ASP F 82 -11.77 1.10 21.50
C ASP F 82 -10.55 0.45 22.15
N LEU F 83 -9.38 1.06 22.05
CA LEU F 83 -8.20 0.49 22.70
C LEU F 83 -8.38 0.50 24.21
N ALA F 84 -8.23 -0.67 24.83
CA ALA F 84 -8.47 -0.88 26.25
C ALA F 84 -8.13 -2.32 26.61
N VAL F 85 -8.23 -2.66 27.90
CA VAL F 85 -8.10 -4.05 28.34
C VAL F 85 -9.48 -4.60 28.59
N TYR F 86 -9.79 -5.73 27.97
CA TYR F 86 -11.10 -6.36 28.06
C TYR F 86 -11.00 -7.59 28.96
N TYR F 87 -11.86 -7.66 29.96
CA TYR F 87 -11.87 -8.73 30.94
C TYR F 87 -13.16 -9.53 30.85
N CYS F 88 -13.05 -10.84 31.06
CA CYS F 88 -14.20 -11.70 31.30
C CYS F 88 -14.27 -12.07 32.77
N GLN F 89 -15.49 -12.15 33.28
CA GLN F 89 -15.74 -12.49 34.68
C GLN F 89 -16.88 -13.48 34.75
N GLN F 90 -16.68 -14.59 35.47
CA GLN F 90 -17.78 -15.51 35.69
C GLN F 90 -18.65 -14.96 36.82
N HIS F 91 -19.89 -14.61 36.50
CA HIS F 91 -20.86 -14.23 37.54
C HIS F 91 -21.84 -15.39 37.77
N TYR F 92 -21.27 -16.56 38.00
CA TYR F 92 -22.01 -17.80 38.17
C TYR F 92 -21.99 -18.30 39.61
N SER F 93 -20.83 -18.30 40.26
CA SER F 93 -20.71 -18.81 41.61
C SER F 93 -19.68 -18.00 42.37
N ILE F 94 -19.50 -18.34 43.64
CA ILE F 94 -18.56 -17.68 44.54
C ILE F 94 -17.38 -18.62 44.76
N PRO F 95 -16.13 -18.13 44.79
CA PRO F 95 -15.71 -16.73 44.66
C PRO F 95 -15.82 -16.17 43.25
N ARG F 96 -16.07 -14.86 43.15
CA ARG F 96 -16.11 -14.21 41.86
C ARG F 96 -14.70 -14.14 41.29
N THR F 97 -14.53 -14.61 40.06
CA THR F 97 -13.20 -14.66 39.45
C THR F 97 -13.24 -13.98 38.09
N PHE F 98 -12.19 -13.21 37.81
CA PHE F 98 -12.03 -12.54 36.53
C PHE F 98 -11.03 -13.30 35.67
N GLY F 99 -10.95 -12.88 34.40
CA GLY F 99 -9.91 -13.37 33.52
C GLY F 99 -8.64 -12.54 33.64
N GLY F 100 -7.61 -13.00 32.94
CA GLY F 100 -6.34 -12.28 32.94
C GLY F 100 -6.39 -10.94 32.24
N GLY F 101 -7.35 -10.77 31.32
CA GLY F 101 -7.46 -9.55 30.55
C GLY F 101 -6.79 -9.66 29.20
N THR F 102 -7.26 -8.83 28.26
CA THR F 102 -6.70 -8.79 26.92
C THR F 102 -6.57 -7.34 26.51
N LYS F 103 -5.33 -6.87 26.36
CA LYS F 103 -5.07 -5.51 25.90
C LYS F 103 -5.23 -5.45 24.38
N LEU F 104 -6.08 -4.54 23.92
CA LEU F 104 -6.37 -4.38 22.50
C LEU F 104 -5.57 -3.21 21.95
N GLU F 105 -4.48 -3.51 21.25
CA GLU F 105 -3.70 -2.48 20.58
C GLU F 105 -4.24 -2.25 19.17
N ILE F 106 -4.09 -1.02 18.69
CA ILE F 106 -4.58 -0.62 17.38
C ILE F 106 -3.39 -0.43 16.43
N LYS F 107 -3.46 -1.04 15.25
CA LYS F 107 -2.43 -0.90 14.24
C LYS F 107 -2.82 0.18 13.24
N ARG F 108 -1.84 1.00 12.86
CA ARG F 108 -2.07 2.09 11.93
C ARG F 108 -0.83 2.25 11.07
N THR F 109 -0.88 3.22 10.15
CA THR F 109 0.25 3.46 9.29
C THR F 109 1.43 3.98 10.10
N VAL F 110 2.62 3.84 9.53
CA VAL F 110 3.83 4.29 10.21
C VAL F 110 3.80 5.80 10.37
N ALA F 111 4.27 6.28 11.51
CA ALA F 111 4.33 7.70 11.80
C ALA F 111 5.67 8.01 12.45
N ALA F 112 6.50 8.80 11.77
CA ALA F 112 7.79 9.17 12.32
C ALA F 112 7.61 10.09 13.54
N PRO F 113 8.47 9.96 14.54
CA PRO F 113 8.35 10.82 15.72
C PRO F 113 8.85 12.23 15.46
N SER F 114 8.23 13.19 16.14
CA SER F 114 8.74 14.55 16.19
C SER F 114 9.67 14.66 17.39
N VAL F 115 10.92 15.02 17.15
CA VAL F 115 11.95 14.98 18.17
C VAL F 115 12.20 16.39 18.69
N PHE F 116 12.22 16.53 20.01
CA PHE F 116 12.55 17.79 20.68
C PHE F 116 13.52 17.48 21.81
N ILE F 117 14.34 18.47 22.17
CA ILE F 117 15.31 18.30 23.25
C ILE F 117 15.23 19.51 24.16
N PHE F 118 15.20 19.26 25.48
CA PHE F 118 15.13 20.31 26.48
C PHE F 118 16.32 20.18 27.42
N PRO F 119 17.16 21.20 27.53
CA PRO F 119 18.27 21.15 28.48
C PRO F 119 17.78 21.38 29.90
N PRO F 120 18.60 21.09 30.90
CA PRO F 120 18.16 21.29 32.28
C PRO F 120 18.03 22.76 32.63
N SER F 121 17.07 23.06 33.49
CA SER F 121 16.87 24.43 33.95
C SER F 121 17.97 24.82 34.93
N ASP F 122 18.25 26.12 34.98
CA ASP F 122 19.26 26.62 35.91
C ASP F 122 18.90 26.31 37.36
N GLU F 123 17.60 26.23 37.67
CA GLU F 123 17.19 25.88 39.02
C GLU F 123 17.66 24.49 39.40
N GLN F 124 17.38 23.49 38.55
CA GLN F 124 17.81 22.12 38.83
C GLN F 124 19.33 22.04 38.91
N LEU F 125 20.02 22.79 38.06
CA LEU F 125 21.49 22.84 38.13
C LEU F 125 21.94 23.33 39.50
N LYS F 126 21.36 24.44 39.97
CA LYS F 126 21.64 24.92 41.31
C LYS F 126 21.32 23.87 42.36
N SER F 127 20.31 23.05 42.13
CA SER F 127 20.01 21.96 43.06
C SER F 127 21.15 20.95 43.13
N GLY F 128 21.94 20.82 42.07
CA GLY F 128 23.07 19.92 42.04
C GLY F 128 22.97 18.77 41.06
N THR F 129 21.96 18.77 40.20
CA THR F 129 21.75 17.70 39.23
C THR F 129 21.27 18.32 37.93
N ALA F 130 21.51 17.62 36.82
CA ALA F 130 21.09 18.08 35.51
C ALA F 130 20.33 16.96 34.81
N SER F 131 19.09 17.24 34.39
CA SER F 131 18.27 16.29 33.65
C SER F 131 17.94 16.89 32.30
N VAL F 132 18.50 16.33 31.24
CA VAL F 132 18.17 16.74 29.87
C VAL F 132 17.17 15.74 29.30
N VAL F 133 16.11 16.23 28.70
CA VAL F 133 15.02 15.37 28.25
C VAL F 133 14.92 15.40 26.73
N CYS F 134 14.68 14.23 26.14
CA CYS F 134 14.46 14.07 24.71
C CYS F 134 13.05 13.53 24.52
N LEU F 135 12.24 14.26 23.76
CA LEU F 135 10.82 13.98 23.58
C LEU F 135 10.56 13.52 22.15
N LEU F 136 10.01 12.32 22.01
CA LEU F 136 9.52 11.80 20.74
C LEU F 136 7.99 11.88 20.76
N ASN F 137 7.42 12.60 19.81
CA ASN F 137 6.01 12.94 19.85
C ASN F 137 5.28 12.33 18.66
N ASN F 138 4.15 11.66 18.96
CA ASN F 138 3.18 11.17 17.98
C ASN F 138 3.85 10.33 16.90
N PHE F 139 4.28 9.14 17.32
CA PHE F 139 4.90 8.18 16.41
C PHE F 139 4.22 6.83 16.53
N TYR F 140 4.39 6.03 15.47
CA TYR F 140 3.90 4.66 15.45
C TYR F 140 4.74 3.88 14.46
N PRO F 141 5.13 2.63 14.76
CA PRO F 141 4.80 1.83 15.94
C PRO F 141 5.51 2.24 17.23
N ARG F 142 5.29 1.45 18.28
CA ARG F 142 5.77 1.82 19.62
C ARG F 142 7.28 1.76 19.71
N GLU F 143 7.93 0.91 18.91
CA GLU F 143 9.36 0.66 19.07
C GLU F 143 10.16 1.77 18.41
N ALA F 144 10.91 2.52 19.22
CA ALA F 144 11.79 3.55 18.71
C ALA F 144 13.02 3.58 19.60
N LYS F 145 14.20 3.61 18.99
CA LYS F 145 15.44 3.55 19.73
C LYS F 145 16.00 4.95 19.90
N VAL F 146 16.48 5.24 21.11
CA VAL F 146 17.03 6.55 21.46
C VAL F 146 18.40 6.32 22.07
N GLN F 147 19.41 6.99 21.53
CA GLN F 147 20.75 6.93 22.08
C GLN F 147 21.16 8.33 22.50
N TRP F 148 21.90 8.41 23.60
CA TRP F 148 22.38 9.69 24.10
C TRP F 148 23.86 9.82 23.76
N LYS F 149 24.25 10.99 23.26
CA LYS F 149 25.63 11.29 22.92
C LYS F 149 26.02 12.56 23.64
N VAL F 150 27.04 12.45 24.48
CA VAL F 150 27.62 13.58 25.20
C VAL F 150 29.03 13.73 24.66
N ASP F 151 29.22 14.76 23.83
CA ASP F 151 30.47 15.02 23.12
C ASP F 151 30.81 13.85 22.19
N ASN F 152 29.81 13.39 21.44
CA ASN F 152 29.97 12.26 20.52
C ASN F 152 30.30 10.96 21.25
N ALA F 153 30.37 11.00 22.58
CA ALA F 153 30.59 9.81 23.38
C ALA F 153 29.24 9.19 23.70
N LEU F 154 29.06 7.92 23.32
CA LEU F 154 27.80 7.24 23.55
C LEU F 154 27.60 6.98 25.04
N GLN F 155 26.40 7.28 25.54
CA GLN F 155 26.05 7.08 26.94
C GLN F 155 25.32 5.76 27.11
N SER F 156 25.45 5.18 28.31
CA SER F 156 24.80 3.92 28.61
C SER F 156 24.65 3.80 30.12
N GLY F 157 23.47 3.37 30.57
CA GLY F 157 23.22 3.17 31.98
C GLY F 157 22.96 4.42 32.78
N ASN F 158 22.71 5.56 32.13
CA ASN F 158 22.47 6.82 32.82
C ASN F 158 21.25 7.55 32.27
N SER F 159 20.32 6.82 31.65
CA SER F 159 19.12 7.42 31.08
C SER F 159 17.93 6.51 31.36
N GLN F 160 16.74 7.11 31.42
CA GLN F 160 15.52 6.37 31.68
C GLN F 160 14.43 6.79 30.70
N GLU F 161 13.69 5.81 30.20
CA GLU F 161 12.65 6.05 29.21
C GLU F 161 11.26 5.85 29.81
N SER F 162 10.30 6.58 29.25
CA SER F 162 8.90 6.45 29.65
C SER F 162 8.01 6.66 28.43
N VAL F 163 7.11 5.72 28.18
CA VAL F 163 6.25 5.73 27.00
C VAL F 163 4.81 5.89 27.45
N THR F 164 4.05 6.68 26.68
CA THR F 164 2.65 6.89 26.99
C THR F 164 1.82 5.71 26.48
N GLU F 165 0.56 5.66 26.90
CA GLU F 165 -0.36 4.70 26.33
C GLU F 165 -0.82 5.16 24.95
N GLN F 166 -1.30 4.20 24.15
CA GLN F 166 -1.75 4.50 22.80
C GLN F 166 -2.87 5.52 22.82
N ASP F 167 -2.74 6.57 22.02
CA ASP F 167 -3.72 7.64 22.01
C ASP F 167 -5.04 7.14 21.43
N SER F 168 -6.15 7.56 22.06
CA SER F 168 -7.47 7.14 21.63
C SER F 168 -7.97 7.89 20.40
N LYS F 169 -7.22 8.88 19.92
CA LYS F 169 -7.63 9.70 18.79
C LYS F 169 -6.88 9.35 17.51
N ASP F 170 -5.56 9.39 17.53
CA ASP F 170 -4.74 9.09 16.36
C ASP F 170 -3.94 7.79 16.50
N SER F 171 -4.08 7.09 17.61
CA SER F 171 -3.45 5.77 17.82
C SER F 171 -1.92 5.86 17.81
N THR F 172 -1.37 6.98 18.25
CA THR F 172 0.07 7.18 18.26
C THR F 172 0.61 7.04 19.68
N TYR F 173 1.93 7.13 19.81
CA TYR F 173 2.62 7.06 21.10
C TYR F 173 3.52 8.27 21.27
N SER F 174 3.96 8.48 22.50
CA SER F 174 4.95 9.49 22.82
C SER F 174 5.92 8.92 23.85
N LEU F 175 7.17 9.33 23.74
CA LEU F 175 8.26 8.82 24.57
C LEU F 175 9.06 9.97 25.13
N SER F 176 9.52 9.81 26.37
CA SER F 176 10.39 10.79 27.01
C SER F 176 11.59 10.03 27.57
N SER F 177 12.78 10.43 27.13
CA SER F 177 14.03 9.85 27.62
C SER F 177 14.77 10.92 28.40
N THR F 178 15.00 10.65 29.68
CA THR F 178 15.65 11.59 30.58
C THR F 178 17.05 11.11 30.87
N LEU F 179 18.05 11.93 30.51
CA LEU F 179 19.44 11.69 30.84
C LEU F 179 19.78 12.52 32.07
N THR F 180 20.23 11.85 33.13
CA THR F 180 20.51 12.48 34.41
C THR F 180 22.00 12.42 34.69
N LEU F 181 22.60 13.57 34.98
CA LEU F 181 24.01 13.67 35.31
C LEU F 181 24.18 14.61 36.50
N SER F 182 25.39 14.64 37.03
CA SER F 182 25.72 15.60 38.06
C SER F 182 26.14 16.92 37.40
N LYS F 183 26.00 18.01 38.15
CA LYS F 183 26.41 19.32 37.64
C LYS F 183 27.87 19.31 37.20
N ALA F 184 28.71 18.58 37.94
CA ALA F 184 30.12 18.44 37.54
C ALA F 184 30.24 17.78 36.18
N ASP F 185 29.68 16.57 36.04
CA ASP F 185 29.74 15.86 34.76
C ASP F 185 29.03 16.63 33.65
N TYR F 186 27.98 17.39 34.00
CA TYR F 186 27.26 18.15 32.99
C TYR F 186 28.12 19.31 32.47
N GLU F 187 28.67 20.11 33.38
CA GLU F 187 29.53 21.21 32.99
C GLU F 187 30.89 20.77 32.45
N LYS F 188 31.24 19.48 32.61
CA LYS F 188 32.49 18.99 32.06
C LYS F 188 32.46 18.89 30.55
N HIS F 189 31.26 18.81 29.95
CA HIS F 189 31.10 18.67 28.51
C HIS F 189 30.24 19.81 27.97
N LYS F 190 30.15 19.91 26.64
CA LYS F 190 29.45 21.02 26.00
C LYS F 190 28.29 20.57 25.12
N VAL F 191 28.46 19.58 24.24
CA VAL F 191 27.41 19.22 23.29
C VAL F 191 26.61 18.06 23.88
N TYR F 192 25.28 18.16 23.83
CA TYR F 192 24.42 17.08 24.28
C TYR F 192 23.39 16.79 23.21
N ALA F 193 23.29 15.52 22.79
CA ALA F 193 22.43 15.15 21.67
C ALA F 193 21.71 13.85 21.97
N CYS F 194 20.51 13.72 21.42
CA CYS F 194 19.81 12.44 21.37
C CYS F 194 19.59 12.08 19.90
N GLU F 195 19.96 10.84 19.56
CA GLU F 195 19.81 10.29 18.22
C GLU F 195 18.69 9.26 18.25
N VAL F 196 17.70 9.45 17.39
CA VAL F 196 16.49 8.63 17.37
C VAL F 196 16.46 7.85 16.07
N THR F 197 16.21 6.55 16.17
CA THR F 197 15.96 5.70 15.02
C THR F 197 14.58 5.06 15.19
N HIS F 198 13.86 4.95 14.08
CA HIS F 198 12.49 4.46 14.12
C HIS F 198 12.15 3.82 12.78
N GLN F 199 11.12 2.97 12.79
CA GLN F 199 10.68 2.32 11.56
C GLN F 199 10.32 3.34 10.49
N GLY F 200 9.91 4.54 10.88
CA GLY F 200 9.53 5.59 9.96
C GLY F 200 10.58 6.61 9.64
N LEU F 201 11.85 6.36 9.98
CA LEU F 201 12.94 7.29 9.70
C LEU F 201 13.91 6.62 8.74
N SER F 202 13.99 7.14 7.52
CA SER F 202 14.93 6.62 6.53
C SER F 202 16.38 6.83 6.94
N SER F 203 16.63 7.68 7.94
CA SER F 203 17.96 7.88 8.49
C SER F 203 17.80 8.43 9.90
N PRO F 204 18.80 8.25 10.76
CA PRO F 204 18.66 8.69 12.16
C PRO F 204 18.42 10.20 12.25
N VAL F 205 17.63 10.59 13.24
CA VAL F 205 17.32 11.99 13.50
C VAL F 205 18.02 12.39 14.78
N THR F 206 18.94 13.34 14.69
CA THR F 206 19.73 13.78 15.83
C THR F 206 19.28 15.18 16.23
N LYS F 207 18.95 15.36 17.50
CA LYS F 207 18.64 16.67 18.05
C LYS F 207 19.65 16.98 19.15
N SER F 208 20.31 18.13 19.05
CA SER F 208 21.45 18.43 19.91
C SER F 208 21.38 19.88 20.38
N PHE F 209 22.20 20.18 21.39
CA PHE F 209 22.34 21.54 21.84
C PHE F 209 23.70 21.74 22.49
N ASN F 210 24.20 22.96 22.37
CA ASN F 210 25.41 23.37 23.06
C ASN F 210 25.03 24.13 24.31
N ARG F 211 25.74 23.84 25.40
CA ARG F 211 25.39 24.44 26.69
C ARG F 211 25.21 25.95 26.59
N GLY F 212 26.03 26.61 25.77
CA GLY F 212 25.90 28.03 25.57
C GLY F 212 24.91 28.38 24.47
N GLU F 213 23.60 28.29 24.77
CA GLU F 213 22.58 28.57 23.78
C GLU F 213 22.09 30.02 23.84
N ASP G 21 -53.10 27.33 -20.15
CA ASP G 21 -52.68 26.04 -20.71
C ASP G 21 -53.49 24.92 -20.08
N TYR G 22 -54.09 24.08 -20.93
CA TYR G 22 -54.90 22.96 -20.47
C TYR G 22 -53.99 21.74 -20.42
N SER G 23 -53.42 21.50 -19.25
CA SER G 23 -52.49 20.40 -19.03
C SER G 23 -53.18 19.43 -18.10
N PHE G 24 -52.80 18.16 -18.20
CA PHE G 24 -53.51 17.15 -17.43
C PHE G 24 -52.56 16.00 -17.12
N SER G 25 -53.02 15.15 -16.21
CA SER G 25 -52.28 13.99 -15.74
C SER G 25 -53.22 12.81 -15.69
N CYS G 26 -52.73 11.66 -16.12
CA CYS G 26 -53.53 10.44 -16.18
C CYS G 26 -52.80 9.34 -15.41
N TYR G 27 -53.58 8.34 -15.01
CA TYR G 27 -53.04 7.14 -14.39
C TYR G 27 -53.98 5.98 -14.69
N SER G 28 -53.39 4.80 -14.88
CA SER G 28 -54.13 3.61 -15.30
C SER G 28 -54.01 2.54 -14.24
N GLN G 29 -55.12 2.22 -13.59
CA GLN G 29 -55.21 1.10 -12.66
C GLN G 29 -55.69 -0.13 -13.43
N LEU G 30 -54.89 -1.19 -13.42
CA LEU G 30 -55.17 -2.38 -14.21
C LEU G 30 -55.83 -3.45 -13.35
N GLU G 31 -56.78 -4.15 -13.96
CA GLU G 31 -57.49 -5.28 -13.33
C GLU G 31 -58.14 -4.86 -12.00
N VAL G 32 -58.75 -3.67 -11.99
CA VAL G 32 -59.42 -3.19 -10.78
C VAL G 32 -60.72 -3.95 -10.55
N ASN G 33 -61.55 -4.05 -11.58
CA ASN G 33 -62.83 -4.76 -11.52
C ASN G 33 -62.66 -6.04 -12.33
N GLY G 34 -62.39 -7.15 -11.65
CA GLY G 34 -62.10 -8.38 -12.35
C GLY G 34 -60.89 -8.17 -13.24
N SER G 35 -61.14 -8.07 -14.55
CA SER G 35 -60.10 -7.75 -15.52
C SER G 35 -60.29 -6.40 -16.20
N GLN G 36 -61.33 -5.66 -15.85
CA GLN G 36 -61.63 -4.37 -16.48
C GLN G 36 -60.67 -3.30 -15.98
N HIS G 37 -59.92 -2.71 -16.91
CA HIS G 37 -58.98 -1.65 -16.55
C HIS G 37 -59.67 -0.30 -16.45
N SER G 38 -59.03 0.63 -15.74
CA SER G 38 -59.58 1.96 -15.50
C SER G 38 -58.52 3.01 -15.72
N LEU G 39 -58.72 3.86 -16.71
CA LEU G 39 -57.80 4.97 -17.00
C LEU G 39 -58.46 6.27 -16.57
N THR G 40 -57.88 6.90 -15.54
CA THR G 40 -58.39 8.15 -15.02
C THR G 40 -57.47 9.29 -15.45
N CYS G 41 -58.07 10.46 -15.65
CA CYS G 41 -57.35 11.66 -16.04
C CYS G 41 -57.98 12.86 -15.33
N ALA G 42 -57.15 13.87 -15.09
CA ALA G 42 -57.59 15.06 -14.38
C ALA G 42 -56.72 16.23 -14.78
N PHE G 43 -57.23 17.44 -14.51
CA PHE G 43 -56.53 18.67 -14.83
C PHE G 43 -55.58 19.03 -13.70
N GLU G 44 -54.51 19.74 -14.06
CA GLU G 44 -53.51 20.12 -13.07
C GLU G 44 -54.10 21.08 -12.03
N ASP G 45 -54.80 22.11 -12.48
CA ASP G 45 -55.43 23.00 -11.53
C ASP G 45 -56.95 22.99 -11.71
N PRO G 46 -57.72 22.96 -10.62
CA PRO G 46 -59.18 22.97 -10.74
C PRO G 46 -59.80 24.32 -11.08
N ASP G 47 -58.99 25.31 -11.47
CA ASP G 47 -59.56 26.61 -11.82
C ASP G 47 -60.24 26.56 -13.17
N VAL G 48 -59.75 25.70 -14.06
CA VAL G 48 -60.24 25.58 -15.42
C VAL G 48 -61.73 25.26 -15.40
N ASN G 49 -62.51 26.14 -16.03
CA ASN G 49 -63.95 25.92 -16.11
C ASN G 49 -64.23 24.63 -16.86
N THR G 50 -65.15 23.82 -16.32
CA THR G 50 -65.43 22.52 -16.92
C THR G 50 -66.08 22.66 -18.29
N THR G 51 -67.00 23.62 -18.44
CA THR G 51 -67.68 23.93 -19.70
C THR G 51 -68.25 22.63 -20.26
N ASN G 52 -68.00 22.30 -21.53
CA ASN G 52 -68.40 21.02 -22.14
C ASN G 52 -67.13 20.41 -22.73
N LEU G 53 -66.34 19.77 -21.86
CA LEU G 53 -65.06 19.19 -22.24
C LEU G 53 -65.15 17.66 -22.22
N GLU G 54 -64.39 17.03 -23.10
CA GLU G 54 -64.37 15.58 -23.23
C GLU G 54 -62.94 15.11 -23.49
N PHE G 55 -62.62 13.94 -22.98
CA PHE G 55 -61.35 13.29 -23.24
C PHE G 55 -61.57 12.08 -24.15
N GLU G 56 -60.68 11.91 -25.12
CA GLU G 56 -60.78 10.86 -26.13
C GLU G 56 -59.47 10.09 -26.19
N ILE G 57 -59.57 8.77 -26.27
CA ILE G 57 -58.40 7.89 -26.35
C ILE G 57 -58.44 7.21 -27.70
N CYS G 58 -57.42 7.46 -28.52
CA CYS G 58 -57.22 6.76 -29.78
C CYS G 58 -55.87 6.05 -29.74
N GLY G 59 -55.84 4.80 -30.15
CA GLY G 59 -54.57 4.11 -30.15
C GLY G 59 -54.52 3.02 -29.08
N ALA G 60 -53.73 1.98 -29.36
CA ALA G 60 -53.57 0.80 -28.51
C ALA G 60 -54.88 0.35 -27.90
N LEU G 61 -55.76 -0.24 -28.72
CA LEU G 61 -57.04 -0.77 -28.27
C LEU G 61 -57.33 -2.07 -29.02
N VAL G 62 -58.10 -2.94 -28.37
CA VAL G 62 -58.45 -4.23 -28.97
C VAL G 62 -59.28 -3.96 -30.23
N GLU G 63 -60.51 -3.47 -30.03
CA GLU G 63 -61.35 -3.06 -31.15
C GLU G 63 -60.92 -1.65 -31.52
N VAL G 64 -59.87 -1.58 -32.33
CA VAL G 64 -59.24 -0.33 -32.76
C VAL G 64 -60.24 0.76 -33.11
N LYS G 65 -60.48 1.66 -32.16
CA LYS G 65 -61.37 2.80 -32.38
C LYS G 65 -60.92 3.97 -31.50
N CYS G 66 -61.87 4.73 -30.97
CA CYS G 66 -61.57 5.80 -30.02
C CYS G 66 -62.69 5.80 -28.99
N LEU G 67 -62.33 6.12 -27.75
CA LEU G 67 -63.29 6.07 -26.66
C LEU G 67 -63.34 7.39 -25.92
N ASN G 68 -64.51 7.69 -25.36
CA ASN G 68 -64.79 8.92 -24.64
C ASN G 68 -64.79 8.67 -23.14
N PHE G 69 -64.52 9.72 -22.37
CA PHE G 69 -64.51 9.59 -20.92
C PHE G 69 -65.88 9.93 -20.34
N ARG G 70 -66.13 9.42 -19.14
CA ARG G 70 -67.27 9.82 -18.35
C ARG G 70 -66.83 10.83 -17.29
N LYS G 71 -67.72 11.73 -16.95
CA LYS G 71 -67.40 12.83 -16.05
C LYS G 71 -68.20 12.67 -14.76
N LEU G 72 -67.47 12.68 -13.64
CA LEU G 72 -68.06 12.67 -12.31
C LEU G 72 -67.18 13.61 -11.49
N GLN G 73 -67.77 14.67 -10.97
CA GLN G 73 -67.00 15.74 -10.33
C GLN G 73 -65.99 16.27 -11.35
N GLU G 74 -65.14 17.20 -10.96
CA GLU G 74 -64.14 17.73 -11.89
C GLU G 74 -63.05 16.71 -12.25
N ILE G 75 -63.43 15.46 -12.55
CA ILE G 75 -62.49 14.39 -12.87
C ILE G 75 -63.07 13.53 -13.99
N TYR G 76 -62.18 13.00 -14.84
CA TYR G 76 -62.56 12.21 -16.02
C TYR G 76 -62.01 10.79 -15.91
N PHE G 77 -62.85 9.80 -16.15
CA PHE G 77 -62.44 8.40 -16.05
C PHE G 77 -63.00 7.58 -17.21
N ILE G 78 -62.34 6.47 -17.50
CA ILE G 78 -62.86 5.44 -18.38
C ILE G 78 -62.67 4.09 -17.69
N GLU G 79 -63.73 3.28 -17.70
CA GLU G 79 -63.67 1.91 -17.18
C GLU G 79 -63.97 0.98 -18.35
N THR G 80 -62.93 0.34 -18.89
CA THR G 80 -63.11 -0.50 -20.08
C THR G 80 -62.13 -1.65 -20.04
N LYS G 81 -62.49 -2.72 -20.75
CA LYS G 81 -61.65 -3.91 -20.86
C LYS G 81 -60.73 -3.87 -22.07
N LYS G 82 -61.11 -3.17 -23.14
CA LYS G 82 -60.34 -3.13 -24.37
C LYS G 82 -59.15 -2.19 -24.21
N PHE G 83 -58.05 -2.75 -23.73
CA PHE G 83 -56.80 -2.01 -23.55
C PHE G 83 -55.64 -2.91 -23.97
N LEU G 84 -54.66 -2.33 -24.65
CA LEU G 84 -53.46 -3.05 -25.06
C LEU G 84 -52.33 -2.77 -24.08
N LEU G 85 -51.08 -3.02 -24.50
CA LEU G 85 -49.93 -2.78 -23.64
C LEU G 85 -48.71 -2.37 -24.45
N ILE G 86 -48.71 -2.66 -25.74
CA ILE G 86 -47.61 -2.30 -26.63
C ILE G 86 -48.11 -1.18 -27.53
N GLY G 87 -47.39 -0.07 -27.54
CA GLY G 87 -47.76 1.05 -28.38
C GLY G 87 -48.31 2.19 -27.53
N LYS G 88 -47.99 3.42 -27.93
CA LYS G 88 -48.48 4.61 -27.26
C LYS G 88 -49.91 4.91 -27.70
N SER G 89 -50.58 5.77 -26.94
CA SER G 89 -51.96 6.16 -27.21
C SER G 89 -52.08 7.66 -27.10
N ASN G 90 -52.84 8.25 -28.03
CA ASN G 90 -53.10 9.68 -28.02
C ASN G 90 -54.37 9.96 -27.22
N ILE G 91 -54.21 10.70 -26.13
CA ILE G 91 -55.33 11.20 -25.33
C ILE G 91 -55.50 12.66 -25.72
N CYS G 92 -56.61 12.96 -26.39
CA CYS G 92 -56.89 14.30 -26.90
C CYS G 92 -58.19 14.83 -26.31
N VAL G 93 -58.15 16.06 -25.82
CA VAL G 93 -59.35 16.72 -25.33
C VAL G 93 -60.07 17.31 -26.53
N LYS G 94 -61.36 16.96 -26.65
CA LYS G 94 -62.17 17.37 -27.79
C LYS G 94 -63.36 18.18 -27.30
N VAL G 95 -63.55 19.36 -27.88
CA VAL G 95 -64.70 20.21 -27.59
C VAL G 95 -65.60 20.13 -28.83
N GLY G 96 -66.61 19.27 -28.78
CA GLY G 96 -67.42 19.01 -29.96
C GLY G 96 -66.71 18.07 -30.91
N GLU G 97 -65.57 18.51 -31.45
CA GLU G 97 -64.74 17.67 -32.31
C GLU G 97 -63.34 18.28 -32.36
N LYS G 98 -62.51 17.71 -33.23
CA LYS G 98 -61.11 18.10 -33.41
C LYS G 98 -60.30 17.86 -32.15
N SER G 99 -58.99 18.06 -32.22
CA SER G 99 -58.11 17.86 -31.08
C SER G 99 -57.70 19.23 -30.57
N LEU G 100 -58.02 19.51 -29.30
CA LEU G 100 -57.62 20.77 -28.67
C LEU G 100 -56.23 20.63 -28.07
N THR G 101 -56.07 19.68 -27.15
CA THR G 101 -54.77 19.40 -26.56
C THR G 101 -54.62 17.88 -26.56
N CYS G 102 -53.46 17.41 -27.00
CA CYS G 102 -53.19 15.99 -27.10
C CYS G 102 -51.93 15.63 -26.33
N LYS G 103 -51.88 14.38 -25.89
CA LYS G 103 -50.71 13.83 -25.22
C LYS G 103 -50.56 12.38 -25.65
N LYS G 104 -49.39 12.03 -26.17
CA LYS G 104 -49.09 10.66 -26.58
C LYS G 104 -48.42 9.97 -25.40
N ILE G 105 -49.19 9.19 -24.65
CA ILE G 105 -48.71 8.57 -23.42
C ILE G 105 -48.88 7.06 -23.54
N ASP G 106 -48.02 6.31 -22.85
CA ASP G 106 -48.11 4.87 -22.82
C ASP G 106 -48.92 4.43 -21.61
N LEU G 107 -49.83 3.48 -21.83
CA LEU G 107 -50.67 2.97 -20.76
C LEU G 107 -49.90 2.20 -19.70
N THR G 108 -48.74 1.66 -20.05
CA THR G 108 -47.95 0.86 -19.12
C THR G 108 -46.93 1.68 -18.33
N THR G 109 -46.88 2.99 -18.53
CA THR G 109 -45.94 3.85 -17.82
C THR G 109 -46.62 4.82 -16.87
N ILE G 110 -47.91 4.61 -16.59
CA ILE G 110 -48.65 5.49 -15.68
C ILE G 110 -49.53 4.65 -14.75
N VAL G 111 -49.02 3.50 -14.33
CA VAL G 111 -49.82 2.56 -13.55
C VAL G 111 -49.82 2.96 -12.09
N LYS G 112 -50.99 2.94 -11.48
CA LYS G 112 -51.14 3.20 -10.04
C LYS G 112 -51.68 1.96 -9.35
N PRO G 113 -50.89 1.30 -8.50
CA PRO G 113 -51.38 0.08 -7.85
C PRO G 113 -52.54 0.37 -6.91
N GLU G 114 -53.25 -0.69 -6.55
CA GLU G 114 -54.29 -0.59 -5.55
C GLU G 114 -53.65 -0.55 -4.16
N ALA G 115 -54.24 0.22 -3.26
CA ALA G 115 -53.69 0.40 -1.94
C ALA G 115 -53.69 -0.93 -1.19
N PRO G 116 -52.60 -1.27 -0.50
CA PRO G 116 -52.60 -2.48 0.34
C PRO G 116 -53.67 -2.40 1.41
N PHE G 117 -53.90 -3.54 2.06
CA PHE G 117 -54.97 -3.64 3.06
C PHE G 117 -54.60 -4.69 4.08
N ASP G 118 -55.43 -4.79 5.12
CA ASP G 118 -55.24 -5.75 6.20
C ASP G 118 -53.87 -5.57 6.87
N LEU G 119 -53.51 -4.31 7.12
CA LEU G 119 -52.26 -4.03 7.80
C LEU G 119 -52.36 -4.38 9.27
N SER G 120 -51.30 -4.99 9.80
CA SER G 120 -51.31 -5.49 11.17
C SER G 120 -49.89 -5.50 11.72
N VAL G 121 -49.78 -5.24 13.02
CA VAL G 121 -48.52 -5.32 13.75
C VAL G 121 -48.76 -6.18 14.97
N VAL G 122 -47.87 -7.16 15.20
CA VAL G 122 -48.01 -8.09 16.31
C VAL G 122 -46.70 -8.17 17.06
N TYR G 123 -46.75 -7.97 18.37
CA TYR G 123 -45.57 -8.03 19.22
C TYR G 123 -45.33 -9.47 19.67
N ARG G 124 -44.13 -9.97 19.44
CA ARG G 124 -43.73 -11.31 19.88
C ARG G 124 -42.87 -11.16 21.13
N GLU G 125 -43.45 -11.51 22.29
CA GLU G 125 -42.76 -11.32 23.56
C GLU G 125 -41.46 -12.12 23.62
N GLY G 126 -41.45 -13.31 23.02
CA GLY G 126 -40.27 -14.15 23.09
C GLY G 126 -39.09 -13.59 22.30
N ALA G 127 -39.35 -13.15 21.07
CA ALA G 127 -38.29 -12.70 20.18
C ALA G 127 -37.96 -11.21 20.32
N ASN G 128 -38.73 -10.46 21.11
CA ASN G 128 -38.55 -9.03 21.27
C ASN G 128 -38.56 -8.31 19.92
N ASP G 129 -39.68 -8.47 19.22
CA ASP G 129 -39.82 -7.84 17.91
C ASP G 129 -41.30 -7.69 17.57
N PHE G 130 -41.54 -7.01 16.44
CA PHE G 130 -42.87 -6.76 15.93
C PHE G 130 -42.94 -7.26 14.50
N VAL G 131 -43.89 -8.14 14.22
CA VAL G 131 -44.12 -8.64 12.87
C VAL G 131 -45.21 -7.78 12.23
N VAL G 132 -44.88 -7.17 11.10
CA VAL G 132 -45.81 -6.34 10.33
C VAL G 132 -46.24 -7.12 9.11
N THR G 133 -47.55 -7.21 8.89
CA THR G 133 -48.10 -7.98 7.79
C THR G 133 -49.17 -7.17 7.07
N PHE G 134 -49.25 -7.37 5.76
CA PHE G 134 -50.27 -6.73 4.94
C PHE G 134 -50.51 -7.61 3.72
N ASN G 135 -51.56 -7.26 2.96
CA ASN G 135 -51.94 -8.00 1.77
C ASN G 135 -52.13 -7.02 0.62
N THR G 136 -52.07 -7.55 -0.60
CA THR G 136 -52.24 -6.72 -1.79
C THR G 136 -52.89 -7.55 -2.88
N SER G 137 -53.95 -7.02 -3.48
CA SER G 137 -54.66 -7.71 -4.54
C SER G 137 -53.81 -7.96 -5.78
N HIS G 138 -52.60 -7.38 -5.85
CA HIS G 138 -51.74 -7.52 -7.01
C HIS G 138 -51.04 -8.87 -7.08
N LEU G 139 -50.90 -9.56 -5.94
CA LEU G 139 -50.25 -10.87 -5.97
C LEU G 139 -50.99 -11.85 -6.88
N GLN G 140 -52.32 -11.81 -6.87
CA GLN G 140 -53.15 -12.70 -7.67
C GLN G 140 -53.48 -12.12 -9.04
N LYS G 141 -52.86 -11.02 -9.43
CA LYS G 141 -53.15 -10.39 -10.71
C LYS G 141 -52.27 -10.95 -11.82
N LYS G 142 -52.78 -10.86 -13.05
CA LYS G 142 -52.09 -11.41 -14.20
C LYS G 142 -50.95 -10.50 -14.67
N TYR G 143 -51.24 -9.23 -14.93
CA TYR G 143 -50.24 -8.33 -15.49
C TYR G 143 -49.32 -7.78 -14.42
N VAL G 144 -49.85 -6.90 -13.55
CA VAL G 144 -49.06 -6.29 -12.50
C VAL G 144 -49.09 -7.24 -11.30
N LYS G 145 -48.06 -8.06 -11.17
CA LYS G 145 -47.93 -9.00 -10.07
C LYS G 145 -46.67 -8.81 -9.25
N VAL G 146 -45.74 -7.98 -9.70
CA VAL G 146 -44.51 -7.69 -8.96
C VAL G 146 -44.57 -6.23 -8.55
N LEU G 147 -44.47 -5.98 -7.25
CA LEU G 147 -44.52 -4.64 -6.70
C LEU G 147 -43.36 -4.45 -5.73
N MET G 148 -43.14 -3.19 -5.37
CA MET G 148 -42.21 -2.82 -4.31
C MET G 148 -43.01 -1.97 -3.33
N HIS G 149 -42.98 -2.38 -2.06
CA HIS G 149 -43.80 -1.78 -1.02
C HIS G 149 -42.93 -0.90 -0.13
N ASP G 150 -43.50 0.23 0.27
CA ASP G 150 -42.87 1.18 1.17
C ASP G 150 -43.68 1.19 2.46
N VAL G 151 -43.09 0.70 3.54
CA VAL G 151 -43.70 0.70 4.84
C VAL G 151 -43.13 1.88 5.61
N ALA G 152 -43.98 2.84 5.97
CA ALA G 152 -43.55 4.02 6.69
C ALA G 152 -44.17 4.00 8.09
N TYR G 153 -43.34 4.20 9.10
CA TYR G 153 -43.80 4.24 10.49
C TYR G 153 -43.21 5.46 11.18
N ARG G 154 -44.02 6.05 12.05
CA ARG G 154 -43.70 7.28 12.76
C ARG G 154 -44.11 7.12 14.22
N GLN G 155 -43.50 7.91 15.08
CA GLN G 155 -43.90 7.95 16.48
C GLN G 155 -45.01 9.00 16.65
N GLU G 156 -45.82 8.81 17.70
CA GLU G 156 -46.95 9.70 17.93
C GLU G 156 -46.51 11.16 18.07
N LYS G 157 -45.39 11.39 18.77
CA LYS G 157 -44.93 12.76 18.99
C LYS G 157 -44.54 13.43 17.68
N ASP G 158 -43.85 12.70 16.80
CA ASP G 158 -43.37 13.26 15.54
C ASP G 158 -44.53 13.69 14.66
N GLU G 159 -44.48 14.94 14.17
CA GLU G 159 -45.55 15.45 13.33
C GLU G 159 -45.43 14.98 11.89
N ASN G 160 -44.28 15.23 11.25
CA ASN G 160 -44.11 14.94 9.83
C ASN G 160 -42.81 14.19 9.53
N LYS G 161 -42.28 13.43 10.49
CA LYS G 161 -41.10 12.60 10.22
C LYS G 161 -41.53 11.14 10.11
N TRP G 162 -41.00 10.45 9.10
CA TRP G 162 -41.34 9.07 8.86
C TRP G 162 -40.09 8.24 8.61
N THR G 163 -40.02 7.07 9.24
CA THR G 163 -39.00 6.08 8.90
C THR G 163 -39.58 5.13 7.86
N HIS G 164 -38.92 5.04 6.71
CA HIS G 164 -39.39 4.23 5.59
C HIS G 164 -38.54 2.99 5.44
N VAL G 165 -39.19 1.91 4.98
CA VAL G 165 -38.55 0.63 4.73
C VAL G 165 -39.08 0.08 3.41
N ASN G 166 -38.19 -0.18 2.47
CA ASN G 166 -38.55 -0.76 1.18
C ASN G 166 -38.44 -2.27 1.24
N LEU G 167 -39.42 -2.95 0.65
CA LEU G 167 -39.42 -4.41 0.63
C LEU G 167 -40.21 -4.91 -0.57
N SER G 168 -40.12 -6.21 -0.82
CA SER G 168 -40.83 -6.84 -1.92
C SER G 168 -41.89 -7.84 -1.47
N SER G 169 -41.71 -8.46 -0.31
CA SER G 169 -42.67 -9.43 0.21
C SER G 169 -43.85 -8.73 0.86
N THR G 170 -44.57 -9.43 1.74
CA THR G 170 -45.66 -8.84 2.51
C THR G 170 -45.45 -8.91 4.01
N LYS G 171 -44.24 -9.24 4.47
CA LYS G 171 -43.95 -9.37 5.89
C LYS G 171 -42.67 -8.60 6.24
N LEU G 172 -42.66 -7.99 7.42
CA LEU G 172 -41.52 -7.23 7.91
C LEU G 172 -41.35 -7.49 9.40
N THR G 173 -40.13 -7.30 9.89
CA THR G 173 -39.81 -7.50 11.31
C THR G 173 -39.06 -6.28 11.83
N LEU G 174 -39.59 -5.68 12.89
CA LEU G 174 -38.98 -4.53 13.54
C LEU G 174 -38.46 -4.96 14.91
N LEU G 175 -37.18 -4.74 15.16
CA LEU G 175 -36.59 -5.13 16.43
C LEU G 175 -37.02 -4.17 17.54
N GLN G 176 -37.29 -4.72 18.72
CA GLN G 176 -37.72 -3.89 19.84
C GLN G 176 -36.61 -2.94 20.28
N ARG G 177 -35.36 -3.40 20.22
CA ARG G 177 -34.25 -2.55 20.63
C ARG G 177 -34.09 -1.33 19.73
N LYS G 178 -34.51 -1.44 18.47
CA LYS G 178 -34.43 -0.34 17.52
C LYS G 178 -35.69 0.52 17.51
N LEU G 179 -36.43 0.54 18.61
CA LEU G 179 -37.64 1.36 18.74
C LEU G 179 -37.65 2.01 20.11
N GLN G 180 -38.24 3.20 20.18
CA GLN G 180 -38.29 3.94 21.42
C GLN G 180 -39.22 3.24 22.41
N PRO G 181 -38.80 3.03 23.66
CA PRO G 181 -39.67 2.37 24.63
C PRO G 181 -40.85 3.25 25.03
N ALA G 182 -41.95 2.59 25.39
CA ALA G 182 -43.14 3.27 25.90
C ALA G 182 -43.65 4.33 24.93
N ALA G 183 -43.67 3.99 23.65
CA ALA G 183 -44.07 4.92 22.61
C ALA G 183 -45.11 4.30 21.71
N MET G 184 -46.01 5.13 21.19
CA MET G 184 -47.02 4.72 20.23
C MET G 184 -46.55 5.05 18.83
N TYR G 185 -46.68 4.08 17.93
CA TYR G 185 -46.26 4.22 16.54
C TYR G 185 -47.45 4.05 15.61
N GLU G 186 -47.52 4.93 14.62
CA GLU G 186 -48.42 4.80 13.48
C GLU G 186 -47.63 4.21 12.31
N ILE G 187 -48.28 3.38 11.51
CA ILE G 187 -47.59 2.67 10.43
C ILE G 187 -48.56 2.50 9.27
N LYS G 188 -48.03 2.57 8.05
CA LYS G 188 -48.83 2.41 6.85
C LYS G 188 -47.93 1.96 5.72
N VAL G 189 -48.55 1.62 4.58
CA VAL G 189 -47.85 0.97 3.48
C VAL G 189 -48.35 1.52 2.14
N ARG G 190 -47.44 1.64 1.18
CA ARG G 190 -47.74 1.96 -0.21
C ARG G 190 -47.11 0.92 -1.12
N SER G 191 -47.51 0.94 -2.39
CA SER G 191 -46.99 0.01 -3.38
C SER G 191 -46.69 0.74 -4.68
N ILE G 192 -45.73 0.21 -5.43
CA ILE G 192 -45.36 0.76 -6.74
C ILE G 192 -44.96 -0.38 -7.66
N PRO G 193 -45.28 -0.25 -8.95
CA PRO G 193 -44.78 -1.22 -9.93
C PRO G 193 -43.25 -1.22 -9.98
N ASP G 194 -42.67 -2.41 -10.11
CA ASP G 194 -41.22 -2.54 -10.18
C ASP G 194 -40.86 -3.71 -11.11
N HIS G 195 -41.40 -3.71 -12.33
CA HIS G 195 -41.07 -4.70 -13.33
C HIS G 195 -41.20 -4.04 -14.70
N TYR G 196 -41.84 -4.70 -15.67
CA TYR G 196 -42.10 -4.04 -16.95
C TYR G 196 -42.89 -2.75 -16.76
N PHE G 197 -43.79 -2.73 -15.79
CA PHE G 197 -44.66 -1.58 -15.62
C PHE G 197 -44.01 -0.55 -14.72
N LYS G 198 -44.21 0.72 -15.05
CA LYS G 198 -43.80 1.85 -14.25
C LYS G 198 -45.00 2.75 -14.09
N GLY G 199 -44.98 3.59 -13.06
CA GLY G 199 -46.12 4.44 -12.83
C GLY G 199 -45.99 5.31 -11.60
N PHE G 200 -46.92 5.17 -10.66
CA PHE G 200 -47.00 6.00 -9.49
C PHE G 200 -47.18 5.12 -8.26
N TRP G 201 -47.10 5.77 -7.10
CA TRP G 201 -47.35 5.09 -5.84
C TRP G 201 -48.85 4.94 -5.63
N SER G 202 -49.24 3.84 -4.98
CA SER G 202 -50.63 3.66 -4.61
C SER G 202 -51.00 4.61 -3.48
N GLU G 203 -52.26 4.59 -3.09
CA GLU G 203 -52.68 5.37 -1.94
C GLU G 203 -52.22 4.68 -0.66
N TRP G 204 -52.05 5.46 0.39
CA TRP G 204 -51.65 4.90 1.67
C TRP G 204 -52.74 3.97 2.19
N SER G 205 -52.32 2.79 2.65
CA SER G 205 -53.26 1.89 3.29
C SER G 205 -53.75 2.52 4.59
N PRO G 206 -54.91 2.09 5.09
CA PRO G 206 -55.36 2.58 6.40
C PRO G 206 -54.29 2.33 7.46
N SER G 207 -54.06 3.33 8.29
CA SER G 207 -52.96 3.26 9.24
C SER G 207 -53.25 2.24 10.32
N TYR G 208 -52.19 1.80 10.99
CA TYR G 208 -52.28 0.92 12.14
C TYR G 208 -51.42 1.49 13.25
N TYR G 209 -51.81 1.19 14.49
CA TYR G 209 -51.17 1.79 15.65
C TYR G 209 -50.74 0.70 16.61
N PHE G 210 -49.55 0.84 17.18
CA PHE G 210 -49.06 -0.17 18.12
C PHE G 210 -48.13 0.49 19.13
N ARG G 211 -48.06 -0.11 20.32
CA ARG G 211 -47.28 0.45 21.41
C ARG G 211 -46.07 -0.43 21.70
N THR G 212 -45.16 0.11 22.51
CA THR G 212 -43.88 -0.46 22.86
C THR G 212 -43.78 -0.66 24.37
N PRO G 213 -43.17 -1.75 24.84
CA PRO G 213 -43.03 -1.95 26.29
C PRO G 213 -42.28 -0.81 26.95
N GLU G 214 -42.47 -0.70 28.27
CA GLU G 214 -41.94 0.45 29.00
C GLU G 214 -40.48 0.28 29.41
N ILE G 215 -40.07 -0.94 29.73
CA ILE G 215 -38.68 -1.18 30.14
C ILE G 215 -37.70 -0.81 29.04
N GLU H 1 1.49 48.16 0.13
CA GLU H 1 1.94 47.32 -0.96
C GLU H 1 1.40 47.81 -2.30
N VAL H 2 1.89 47.20 -3.39
CA VAL H 2 1.42 47.57 -4.72
C VAL H 2 0.02 47.02 -4.93
N GLN H 3 -0.83 47.82 -5.57
CA GLN H 3 -2.21 47.45 -5.83
C GLN H 3 -2.61 47.93 -7.22
N LEU H 4 -3.28 47.05 -7.97
CA LEU H 4 -3.84 47.38 -9.28
C LEU H 4 -5.31 46.99 -9.28
N GLN H 5 -6.18 47.96 -9.02
CA GLN H 5 -7.62 47.71 -8.93
C GLN H 5 -8.25 47.97 -10.28
N GLN H 6 -8.88 46.93 -10.85
CA GLN H 6 -9.52 47.03 -12.15
C GLN H 6 -11.02 47.26 -12.01
N SER H 7 -11.62 47.77 -13.09
CA SER H 7 -13.05 48.00 -13.11
C SER H 7 -13.83 46.70 -13.01
N GLY H 8 -15.13 46.83 -12.79
CA GLY H 8 -15.99 45.67 -12.63
C GLY H 8 -16.29 44.98 -13.94
N PRO H 9 -17.05 43.89 -13.86
CA PRO H 9 -17.40 43.15 -15.07
C PRO H 9 -18.27 43.96 -16.00
N GLU H 10 -18.24 43.61 -17.29
CA GLU H 10 -18.99 44.37 -18.27
C GLU H 10 -19.76 43.45 -19.21
N LEU H 11 -20.98 43.87 -19.56
CA LEU H 11 -21.79 43.26 -20.59
C LEU H 11 -22.06 44.30 -21.68
N VAL H 12 -21.79 43.93 -22.93
CA VAL H 12 -21.83 44.86 -24.05
C VAL H 12 -22.42 44.13 -25.26
N LYS H 13 -23.12 44.88 -26.11
CA LYS H 13 -23.69 44.33 -27.32
C LYS H 13 -22.60 44.17 -28.40
N PRO H 14 -22.77 43.20 -29.30
CA PRO H 14 -21.80 43.04 -30.39
C PRO H 14 -21.70 44.31 -31.23
N GLY H 15 -20.48 44.62 -31.65
CA GLY H 15 -20.21 45.82 -32.42
C GLY H 15 -19.96 47.07 -31.60
N ALA H 16 -20.46 47.11 -30.36
CA ALA H 16 -20.27 48.28 -29.51
C ALA H 16 -18.85 48.28 -28.94
N SER H 17 -18.57 49.20 -28.02
CA SER H 17 -17.24 49.39 -27.48
C SER H 17 -17.27 49.31 -25.96
N VAL H 18 -16.09 49.05 -25.37
CA VAL H 18 -15.93 48.94 -23.93
C VAL H 18 -14.69 49.74 -23.53
N LYS H 19 -14.67 50.17 -22.27
CA LYS H 19 -13.52 50.91 -21.73
C LYS H 19 -13.30 50.44 -20.30
N MET H 20 -12.19 49.73 -20.07
CA MET H 20 -11.83 49.20 -18.76
C MET H 20 -10.76 50.08 -18.12
N SER H 21 -10.77 50.11 -16.79
CA SER H 21 -9.83 50.92 -16.02
C SER H 21 -8.93 50.02 -15.17
N CYS H 22 -7.77 50.58 -14.82
CA CYS H 22 -6.81 49.90 -13.95
C CYS H 22 -6.11 50.98 -13.14
N LYS H 23 -6.55 51.18 -11.91
CA LYS H 23 -5.98 52.20 -11.03
C LYS H 23 -4.83 51.58 -10.24
N ALA H 24 -3.64 52.15 -10.39
CA ALA H 24 -2.44 51.69 -9.71
C ALA H 24 -2.19 52.52 -8.45
N SER H 25 -1.58 51.88 -7.45
CA SER H 25 -1.23 52.55 -6.21
C SER H 25 -0.12 51.78 -5.53
N GLY H 26 0.64 52.49 -4.70
CA GLY H 26 1.72 51.90 -3.94
C GLY H 26 3.10 52.04 -4.54
N TYR H 27 3.26 52.78 -5.64
CA TYR H 27 4.56 52.96 -6.26
C TYR H 27 4.48 54.16 -7.20
N THR H 28 5.64 54.55 -7.72
CA THR H 28 5.72 55.65 -8.67
C THR H 28 5.09 55.22 -9.99
N PHE H 29 3.89 55.72 -10.27
CA PHE H 29 3.10 55.24 -11.40
C PHE H 29 3.80 55.48 -12.73
N SER H 30 4.62 56.52 -12.82
CA SER H 30 5.21 56.94 -14.09
C SER H 30 6.48 56.19 -14.45
N ASP H 31 7.03 55.37 -13.57
CA ASP H 31 8.32 54.74 -13.78
C ASP H 31 8.22 53.29 -14.25
N TYR H 32 7.01 52.74 -14.37
CA TYR H 32 6.82 51.34 -14.72
C TYR H 32 5.89 51.21 -15.92
N TYR H 33 6.24 50.30 -16.83
CA TYR H 33 5.35 49.96 -17.94
C TYR H 33 4.05 49.37 -17.42
N MET H 34 3.01 49.44 -18.25
CA MET H 34 1.73 48.84 -17.93
C MET H 34 1.30 47.97 -19.12
N HIS H 35 1.12 46.68 -18.88
CA HIS H 35 0.76 45.75 -19.95
C HIS H 35 -0.66 45.24 -19.73
N TRP H 36 -1.30 44.86 -20.82
CA TRP H 36 -2.63 44.25 -20.77
C TRP H 36 -2.56 42.84 -21.33
N VAL H 37 -3.28 41.92 -20.68
CA VAL H 37 -3.24 40.51 -21.02
C VAL H 37 -4.67 39.99 -21.13
N LYS H 38 -4.89 39.07 -22.05
CA LYS H 38 -6.19 38.46 -22.28
C LYS H 38 -6.11 36.98 -21.94
N GLN H 39 -7.09 36.50 -21.17
CA GLN H 39 -7.22 35.08 -20.84
C GLN H 39 -8.58 34.66 -21.40
N SER H 40 -8.55 34.00 -22.55
CA SER H 40 -9.77 33.57 -23.24
C SER H 40 -10.31 32.27 -22.63
N HIS H 41 -11.43 32.38 -21.92
CA HIS H 41 -12.09 31.23 -21.29
C HIS H 41 -11.08 30.44 -20.46
N GLY H 42 -10.48 31.11 -19.49
CA GLY H 42 -9.28 30.59 -18.86
C GLY H 42 -8.26 30.23 -19.93
N LYS H 43 -7.75 29.00 -19.88
CA LYS H 43 -6.83 28.51 -20.91
C LYS H 43 -5.59 29.37 -21.08
N SER H 44 -5.40 29.91 -22.29
CA SER H 44 -4.19 30.60 -22.71
C SER H 44 -4.19 32.08 -22.35
N LEU H 45 -2.98 32.62 -22.17
CA LEU H 45 -2.73 34.02 -21.88
C LEU H 45 -2.18 34.68 -23.13
N GLU H 46 -2.83 35.74 -23.60
CA GLU H 46 -2.40 36.49 -24.77
C GLU H 46 -2.02 37.91 -24.36
N TRP H 47 -0.76 38.27 -24.55
CA TRP H 47 -0.35 39.66 -24.42
C TRP H 47 -1.16 40.52 -25.39
N ILE H 48 -1.44 41.76 -24.97
CA ILE H 48 -2.22 42.70 -25.77
C ILE H 48 -1.38 43.91 -26.17
N GLY H 49 -0.73 44.54 -25.19
CA GLY H 49 0.08 45.70 -25.48
C GLY H 49 0.59 46.31 -24.20
N TYR H 50 1.52 47.25 -24.39
CA TYR H 50 2.13 47.98 -23.29
C TYR H 50 1.86 49.47 -23.45
N ILE H 51 2.03 50.20 -22.35
CA ILE H 51 1.95 51.65 -22.36
C ILE H 51 2.88 52.17 -21.28
N TYR H 52 3.67 53.20 -21.63
CA TYR H 52 4.54 53.86 -20.68
C TYR H 52 3.82 55.09 -20.16
N PRO H 53 3.47 55.15 -18.88
CA PRO H 53 2.63 56.26 -18.38
C PRO H 53 3.21 57.64 -18.64
N ASP H 54 4.54 57.75 -18.74
CA ASP H 54 5.16 59.05 -19.00
C ASP H 54 4.69 59.65 -20.32
N ASN H 55 4.47 58.81 -21.33
CA ASN H 55 3.99 59.27 -22.63
C ASN H 55 3.00 58.32 -23.28
N GLY H 56 3.48 57.25 -23.91
CA GLY H 56 2.61 56.38 -24.66
C GLY H 56 3.26 55.03 -24.92
N GLY H 57 2.63 54.27 -25.80
CA GLY H 57 3.13 52.94 -26.11
C GLY H 57 2.41 52.31 -27.28
N ASN H 58 2.72 51.03 -27.52
CA ASN H 58 2.19 50.25 -28.63
C ASN H 58 1.95 48.83 -28.15
N GLY H 59 1.40 47.98 -29.02
CA GLY H 59 1.16 46.60 -28.64
C GLY H 59 1.15 45.55 -29.74
N TYR H 60 0.70 44.35 -29.38
CA TYR H 60 0.62 43.22 -30.31
C TYR H 60 -0.18 43.56 -31.56
N ASN H 61 0.31 43.07 -32.70
CA ASN H 61 -0.38 43.26 -33.96
C ASN H 61 -1.77 42.64 -33.93
N GLN H 62 -1.91 41.48 -33.26
CA GLN H 62 -3.21 40.83 -33.20
C GLN H 62 -4.25 41.72 -32.54
N LYS H 63 -3.82 42.59 -31.63
CA LYS H 63 -4.71 43.52 -30.95
C LYS H 63 -4.60 44.94 -31.49
N PHE H 64 -3.94 45.13 -32.63
CA PHE H 64 -3.86 46.45 -33.23
C PHE H 64 -5.25 46.99 -33.52
N LYS H 65 -6.09 46.18 -34.15
CA LYS H 65 -7.46 46.54 -34.46
C LYS H 65 -8.33 46.08 -33.30
N GLY H 66 -8.82 47.02 -32.51
CA GLY H 66 -9.68 46.69 -31.39
C GLY H 66 -9.19 47.30 -30.09
N LYS H 67 -7.90 47.10 -29.79
CA LYS H 67 -7.35 47.55 -28.52
C LYS H 67 -6.80 48.96 -28.66
N ALA H 68 -7.03 49.79 -27.65
CA ALA H 68 -6.46 51.12 -27.59
C ALA H 68 -6.15 51.44 -26.13
N THR H 69 -4.86 51.56 -25.80
CA THR H 69 -4.44 51.79 -24.43
C THR H 69 -4.07 53.25 -24.23
N LEU H 70 -4.51 53.82 -23.11
CA LEU H 70 -4.25 55.21 -22.77
C LEU H 70 -4.02 55.29 -21.26
N THR H 71 -3.61 56.46 -20.79
CA THR H 71 -3.26 56.61 -19.39
C THR H 71 -3.65 57.99 -18.89
N VAL H 72 -3.78 58.09 -17.57
CA VAL H 72 -4.03 59.35 -16.87
C VAL H 72 -3.15 59.36 -15.63
N ASP H 73 -2.14 60.22 -15.60
CA ASP H 73 -1.26 60.32 -14.46
C ASP H 73 -1.97 60.91 -13.25
N LYS H 74 -2.93 61.81 -13.49
CA LYS H 74 -3.66 62.46 -12.40
C LYS H 74 -4.27 61.45 -11.44
N SER H 75 -4.87 60.40 -11.98
CA SER H 75 -5.49 59.36 -11.18
C SER H 75 -4.64 58.09 -11.11
N SER H 76 -3.46 58.09 -11.74
CA SER H 76 -2.60 56.90 -11.80
C SER H 76 -3.39 55.72 -12.37
N SER H 77 -4.09 55.97 -13.46
CA SER H 77 -5.02 54.99 -14.02
C SER H 77 -4.71 54.73 -15.48
N THR H 78 -4.55 53.45 -15.82
CA THR H 78 -4.40 53.02 -17.21
C THR H 78 -5.76 52.57 -17.72
N VAL H 79 -6.22 53.16 -18.82
CA VAL H 79 -7.51 52.86 -19.41
C VAL H 79 -7.27 52.09 -20.70
N TYR H 80 -8.23 51.25 -21.07
CA TYR H 80 -8.04 50.31 -22.16
C TYR H 80 -9.38 50.10 -22.86
N MET H 81 -9.44 50.43 -24.16
CA MET H 81 -10.69 50.45 -24.90
C MET H 81 -10.70 49.37 -25.97
N GLU H 82 -11.86 48.71 -26.10
CA GLU H 82 -12.13 47.70 -27.11
C GLU H 82 -13.21 48.18 -28.06
N LEU H 83 -12.93 48.12 -29.35
CA LEU H 83 -13.88 48.53 -30.38
C LEU H 83 -14.48 47.28 -31.01
N ARG H 84 -15.30 47.47 -32.05
CA ARG H 84 -16.10 46.45 -32.73
C ARG H 84 -16.07 45.07 -32.07
N SER H 85 -16.70 44.97 -30.90
CA SER H 85 -16.72 43.72 -30.15
C SER H 85 -17.46 42.62 -30.90
N LEU H 86 -16.98 41.39 -30.72
CA LEU H 86 -17.56 40.17 -31.28
C LEU H 86 -17.68 39.14 -30.16
N THR H 87 -18.16 37.95 -30.50
CA THR H 87 -18.20 36.84 -29.55
C THR H 87 -16.82 36.25 -29.29
N SER H 88 -15.75 36.79 -29.87
CA SER H 88 -14.40 36.35 -29.56
C SER H 88 -13.67 37.26 -28.58
N GLU H 89 -13.86 38.58 -28.68
CA GLU H 89 -13.27 39.48 -27.69
C GLU H 89 -13.94 39.38 -26.33
N ASP H 90 -15.11 38.74 -26.26
CA ASP H 90 -15.85 38.67 -25.00
C ASP H 90 -15.28 37.61 -24.07
N SER H 91 -15.34 36.35 -24.49
CA SER H 91 -14.93 35.19 -23.69
C SER H 91 -13.53 35.38 -23.13
N ALA H 92 -13.34 36.47 -22.39
CA ALA H 92 -12.02 36.82 -21.88
C ALA H 92 -12.09 37.52 -20.54
N LEU H 93 -11.12 37.17 -19.70
CA LEU H 93 -10.79 37.92 -18.49
C LEU H 93 -9.55 38.73 -18.82
N TYR H 94 -9.64 40.04 -18.63
CA TYR H 94 -8.58 40.96 -19.03
C TYR H 94 -7.84 41.44 -17.79
N TYR H 95 -6.53 41.19 -17.77
CA TYR H 95 -5.64 41.59 -16.69
C TYR H 95 -4.84 42.82 -17.09
N CYS H 96 -4.55 43.66 -16.11
CA CYS H 96 -3.51 44.67 -16.23
C CYS H 96 -2.35 44.28 -15.30
N ALA H 97 -1.13 44.37 -15.81
CA ALA H 97 0.05 43.96 -15.09
C ALA H 97 1.13 45.04 -15.21
N ARG H 98 2.07 45.01 -14.26
CA ARG H 98 3.15 45.97 -14.20
C ARG H 98 4.47 45.34 -14.62
N GLY H 99 5.16 45.99 -15.56
CA GLY H 99 6.51 45.56 -15.91
C GLY H 99 7.52 46.00 -14.88
N THR H 100 8.64 45.25 -14.82
CA THR H 100 9.68 45.50 -13.84
C THR H 100 10.40 46.83 -14.09
N TYR H 101 11.21 47.22 -13.10
CA TYR H 101 11.85 48.53 -13.10
C TYR H 101 12.74 48.71 -14.33
N TYR H 102 13.80 47.91 -14.44
CA TYR H 102 14.68 47.99 -15.61
C TYR H 102 13.89 47.68 -16.86
N ASP H 103 12.82 46.90 -16.70
CA ASP H 103 11.95 46.32 -17.73
C ASP H 103 12.68 45.16 -18.39
N GLY H 104 12.61 44.00 -17.76
CA GLY H 104 13.00 42.74 -18.35
C GLY H 104 11.93 42.15 -19.22
N SER H 105 10.78 42.84 -19.31
CA SER H 105 9.61 42.53 -20.11
C SER H 105 8.72 41.49 -19.45
N TYR H 106 9.00 41.10 -18.21
CA TYR H 106 8.13 40.23 -17.44
C TYR H 106 7.37 41.04 -16.40
N PHE H 107 6.28 40.46 -15.89
CA PHE H 107 5.30 41.19 -15.11
C PHE H 107 5.31 40.67 -13.67
N ASP H 108 5.52 41.59 -12.72
CA ASP H 108 5.68 41.22 -11.32
C ASP H 108 4.45 41.50 -10.47
N TYR H 109 3.50 42.30 -10.96
CA TYR H 109 2.27 42.57 -10.24
C TYR H 109 1.10 42.52 -11.22
N TRP H 110 -0.01 41.94 -10.77
CA TRP H 110 -1.18 41.71 -11.60
C TRP H 110 -2.43 42.23 -10.92
N GLY H 111 -3.38 42.70 -11.72
CA GLY H 111 -4.69 43.06 -11.22
C GLY H 111 -5.56 41.85 -10.98
N GLN H 112 -6.78 42.11 -10.49
CA GLN H 112 -7.71 41.02 -10.22
C GLN H 112 -8.43 40.54 -11.48
N GLY H 113 -8.43 41.34 -12.54
CA GLY H 113 -9.03 40.96 -13.80
C GLY H 113 -10.44 41.48 -13.96
N THR H 114 -10.80 41.79 -15.20
CA THR H 114 -12.15 42.22 -15.56
C THR H 114 -12.75 41.22 -16.53
N THR H 115 -13.94 40.72 -16.22
CA THR H 115 -14.63 39.78 -17.09
C THR H 115 -15.45 40.54 -18.12
N LEU H 116 -15.21 40.28 -19.41
CA LEU H 116 -15.99 40.91 -20.45
C LEU H 116 -16.95 39.90 -21.06
N THR H 117 -18.18 40.34 -21.33
CA THR H 117 -19.18 39.50 -21.98
C THR H 117 -19.87 40.32 -23.05
N VAL H 118 -19.80 39.85 -24.29
CA VAL H 118 -20.42 40.51 -25.43
C VAL H 118 -21.51 39.59 -25.96
N SER H 119 -22.77 39.98 -25.72
CA SER H 119 -23.91 39.20 -26.16
C SER H 119 -25.08 40.14 -26.40
N SER H 120 -25.88 39.83 -27.42
CA SER H 120 -27.09 40.59 -27.66
C SER H 120 -28.12 40.40 -26.55
N ALA H 121 -27.93 39.41 -25.70
CA ALA H 121 -28.84 39.18 -24.58
C ALA H 121 -28.74 40.32 -23.57
N SER H 122 -29.77 40.43 -22.74
CA SER H 122 -29.85 41.47 -21.73
C SER H 122 -29.48 40.91 -20.36
N THR H 123 -29.22 41.82 -19.43
CA THR H 123 -28.84 41.44 -18.08
C THR H 123 -30.01 40.78 -17.36
N LYS H 124 -29.69 39.83 -16.49
CA LYS H 124 -30.70 39.12 -15.70
C LYS H 124 -30.15 38.88 -14.31
N GLY H 125 -30.86 39.38 -13.30
CA GLY H 125 -30.47 39.19 -11.93
C GLY H 125 -30.74 37.77 -11.48
N PRO H 126 -30.05 37.33 -10.42
CA PRO H 126 -30.19 35.95 -9.95
C PRO H 126 -31.29 35.78 -8.91
N SER H 127 -31.89 34.60 -8.94
CA SER H 127 -32.85 34.18 -7.91
C SER H 127 -32.09 33.30 -6.92
N VAL H 128 -32.12 33.69 -5.65
CA VAL H 128 -31.35 33.00 -4.61
C VAL H 128 -32.34 32.22 -3.75
N PHE H 129 -32.27 30.91 -3.81
CA PHE H 129 -33.09 30.03 -2.98
C PHE H 129 -32.22 29.29 -1.98
N PRO H 130 -32.78 28.87 -0.86
CA PRO H 130 -31.99 28.14 0.14
C PRO H 130 -31.97 26.64 -0.11
N LEU H 131 -30.89 26.01 0.35
CA LEU H 131 -30.73 24.57 0.40
C LEU H 131 -30.62 24.28 1.88
N ALA H 132 -31.76 24.01 2.50
CA ALA H 132 -31.89 23.93 3.94
C ALA H 132 -31.30 22.63 4.48
N PRO H 133 -30.68 22.64 5.65
CA PRO H 133 -30.14 21.41 6.21
C PRO H 133 -31.24 20.51 6.76
N SER H 134 -31.56 19.45 6.03
CA SER H 134 -32.56 18.50 6.49
C SER H 134 -32.03 17.75 7.70
N SER H 135 -32.81 17.74 8.79
CA SER H 135 -32.38 17.08 10.01
C SER H 135 -32.06 15.61 9.76
N LYS H 136 -32.70 15.00 8.76
CA LYS H 136 -32.36 13.64 8.39
C LYS H 136 -31.11 13.59 7.51
N SER H 137 -30.88 14.65 6.71
CA SER H 137 -29.72 14.71 5.83
C SER H 137 -28.55 15.41 6.52
N THR H 138 -28.16 14.85 7.66
CA THR H 138 -27.00 15.31 8.43
C THR H 138 -26.07 14.11 8.61
N SER H 139 -24.89 14.17 7.98
CA SER H 139 -23.91 13.09 8.07
C SER H 139 -23.21 13.18 9.42
N GLY H 140 -23.55 12.26 10.32
CA GLY H 140 -22.99 12.26 11.66
C GLY H 140 -23.23 13.56 12.40
N GLY H 141 -22.15 14.21 12.81
CA GLY H 141 -22.20 15.48 13.51
C GLY H 141 -22.10 16.71 12.64
N THR H 142 -22.03 16.54 11.32
CA THR H 142 -21.89 17.64 10.38
C THR H 142 -23.08 17.68 9.44
N ALA H 143 -23.59 18.89 9.20
CA ALA H 143 -24.73 19.12 8.33
C ALA H 143 -24.33 20.07 7.21
N ALA H 144 -24.86 19.82 6.01
CA ALA H 144 -24.58 20.63 4.83
C ALA H 144 -25.78 21.52 4.53
N LEU H 145 -25.49 22.77 4.16
CA LEU H 145 -26.53 23.74 3.82
C LEU H 145 -25.95 24.72 2.81
N GLY H 146 -26.80 25.26 1.96
CA GLY H 146 -26.26 26.09 0.91
C GLY H 146 -27.27 27.04 0.29
N CYS H 147 -26.88 27.58 -0.86
CA CYS H 147 -27.69 28.54 -1.60
C CYS H 147 -27.61 28.23 -3.09
N LEU H 148 -28.77 28.21 -3.73
CA LEU H 148 -28.88 28.01 -5.17
C LEU H 148 -29.08 29.37 -5.82
N VAL H 149 -28.11 29.79 -6.63
CA VAL H 149 -28.15 31.04 -7.35
C VAL H 149 -28.52 30.70 -8.79
N LYS H 150 -29.81 30.85 -9.13
CA LYS H 150 -30.34 30.37 -10.40
C LYS H 150 -30.72 31.52 -11.31
N ASP H 151 -30.66 31.23 -12.62
CA ASP H 151 -31.17 32.11 -13.67
C ASP H 151 -30.59 33.52 -13.59
N TYR H 152 -29.34 33.68 -14.01
CA TYR H 152 -28.74 35.01 -14.10
C TYR H 152 -27.84 35.06 -15.32
N PHE H 153 -27.51 36.30 -15.72
CA PHE H 153 -26.65 36.54 -16.87
C PHE H 153 -26.19 37.98 -16.81
N PRO H 154 -24.90 38.26 -17.10
CA PRO H 154 -23.87 37.28 -17.41
C PRO H 154 -23.03 36.90 -16.19
N GLU H 155 -21.89 36.27 -16.42
CA GLU H 155 -20.92 36.06 -15.37
C GLU H 155 -20.23 37.39 -15.03
N PRO H 156 -19.67 37.52 -13.82
CA PRO H 156 -19.62 36.54 -12.73
C PRO H 156 -20.59 36.85 -11.59
N VAL H 157 -20.51 36.04 -10.54
CA VAL H 157 -21.27 36.25 -9.31
C VAL H 157 -20.35 36.02 -8.13
N THR H 158 -20.45 36.88 -7.11
CA THR H 158 -19.64 36.77 -5.91
C THR H 158 -20.51 36.23 -4.79
N VAL H 159 -20.16 35.06 -4.27
CA VAL H 159 -20.89 34.42 -3.19
C VAL H 159 -20.00 34.36 -1.96
N SER H 160 -20.54 34.80 -0.83
CA SER H 160 -19.85 34.77 0.45
C SER H 160 -20.79 34.19 1.50
N TRP H 161 -20.24 33.88 2.68
CA TRP H 161 -21.02 33.36 3.79
C TRP H 161 -20.69 34.17 5.04
N ASN H 162 -21.73 34.73 5.66
CA ASN H 162 -21.59 35.58 6.85
C ASN H 162 -20.67 36.76 6.57
N SER H 163 -20.83 37.35 5.37
CA SER H 163 -20.05 38.52 4.95
C SER H 163 -18.56 38.27 4.98
N GLY H 164 -18.16 37.00 4.79
CA GLY H 164 -16.76 36.62 4.78
C GLY H 164 -16.28 35.96 6.04
N ALA H 165 -17.06 36.00 7.12
CA ALA H 165 -16.63 35.39 8.38
C ALA H 165 -16.61 33.88 8.32
N LEU H 166 -17.34 33.27 7.38
CA LEU H 166 -17.41 31.82 7.24
C LEU H 166 -16.67 31.43 5.96
N THR H 167 -15.53 30.75 6.12
CA THR H 167 -14.73 30.34 4.97
C THR H 167 -14.42 28.85 5.02
N SER H 168 -14.32 28.30 6.23
CA SER H 168 -13.98 26.89 6.40
C SER H 168 -15.13 26.00 5.91
N GLY H 169 -14.81 25.09 4.99
CA GLY H 169 -15.78 24.13 4.51
C GLY H 169 -16.71 24.62 3.43
N VAL H 170 -16.45 25.80 2.86
CA VAL H 170 -17.30 26.37 1.82
C VAL H 170 -16.88 25.79 0.48
N HIS H 171 -17.87 25.56 -0.38
CA HIS H 171 -17.63 25.09 -1.74
C HIS H 171 -18.61 25.81 -2.66
N THR H 172 -18.09 26.73 -3.47
CA THR H 172 -18.90 27.41 -4.48
C THR H 172 -18.60 26.78 -5.83
N PHE H 173 -19.60 26.17 -6.42
CA PHE H 173 -19.36 25.40 -7.64
C PHE H 173 -19.29 26.32 -8.85
N PRO H 174 -18.50 25.95 -9.86
CA PRO H 174 -18.44 26.76 -11.08
C PRO H 174 -19.83 26.87 -11.70
N ALA H 175 -20.12 28.03 -12.27
CA ALA H 175 -21.42 28.25 -12.86
C ALA H 175 -21.58 27.33 -14.08
N VAL H 176 -22.80 26.85 -14.27
CA VAL H 176 -23.14 26.04 -15.43
C VAL H 176 -24.11 26.85 -16.27
N LEU H 177 -23.84 26.93 -17.56
CA LEU H 177 -24.73 27.65 -18.44
C LEU H 177 -25.93 26.76 -18.67
N GLN H 178 -27.07 27.14 -18.10
CA GLN H 178 -28.25 26.32 -18.29
C GLN H 178 -28.67 26.42 -19.75
N SER H 179 -29.56 25.52 -20.15
CA SER H 179 -30.02 25.58 -21.53
C SER H 179 -30.61 26.94 -21.87
N SER H 180 -31.14 27.65 -20.88
CA SER H 180 -31.84 28.94 -21.07
C SER H 180 -30.93 30.08 -21.38
N GLY H 181 -29.64 29.87 -21.60
CA GLY H 181 -28.74 30.98 -21.79
C GLY H 181 -28.43 31.74 -20.53
N LEU H 182 -29.06 31.38 -19.42
CA LEU H 182 -28.79 31.97 -18.12
C LEU H 182 -27.88 31.04 -17.33
N TYR H 183 -27.16 31.62 -16.38
CA TYR H 183 -26.23 30.86 -15.56
C TYR H 183 -26.88 30.48 -14.23
N SER H 184 -26.31 29.47 -13.59
CA SER H 184 -26.81 28.99 -12.31
C SER H 184 -25.69 28.24 -11.61
N LEU H 185 -25.65 28.36 -10.29
CA LEU H 185 -24.63 27.68 -9.51
C LEU H 185 -25.18 27.41 -8.11
N SER H 186 -24.42 26.65 -7.34
CA SER H 186 -24.75 26.36 -5.95
C SER H 186 -23.52 26.59 -5.09
N SER H 187 -23.77 27.07 -3.87
CA SER H 187 -22.70 27.27 -2.89
C SER H 187 -23.10 26.58 -1.60
N VAL H 188 -22.35 25.55 -1.22
CA VAL H 188 -22.66 24.75 -0.06
C VAL H 188 -21.61 24.98 1.03
N VAL H 189 -21.96 24.63 2.26
CA VAL H 189 -21.09 24.74 3.41
C VAL H 189 -21.46 23.64 4.40
N THR H 190 -20.45 23.04 5.00
CA THR H 190 -20.64 22.06 6.06
C THR H 190 -20.33 22.69 7.40
N VAL H 191 -21.20 22.44 8.38
CA VAL H 191 -21.07 23.04 9.71
C VAL H 191 -21.45 22.01 10.76
N PRO H 192 -21.00 22.20 12.00
CA PRO H 192 -21.46 21.33 13.09
C PRO H 192 -22.98 21.43 13.25
N SER H 193 -23.63 20.27 13.27
CA SER H 193 -25.08 20.23 13.33
C SER H 193 -25.61 20.91 14.60
N SER H 194 -24.90 20.73 15.72
CA SER H 194 -25.34 21.32 16.98
C SER H 194 -25.47 22.84 16.91
N SER H 195 -24.78 23.49 15.97
CA SER H 195 -24.85 24.93 15.81
C SER H 195 -26.03 25.40 14.97
N LEU H 196 -26.81 24.47 14.41
CA LEU H 196 -27.92 24.87 13.54
C LEU H 196 -28.96 25.70 14.29
N GLY H 197 -29.13 25.47 15.59
CA GLY H 197 -30.07 26.24 16.37
C GLY H 197 -29.50 27.44 17.08
N THR H 198 -28.17 27.54 17.15
CA THR H 198 -27.50 28.63 17.86
C THR H 198 -26.84 29.64 16.95
N GLN H 199 -26.35 29.21 15.79
CA GLN H 199 -25.62 30.07 14.86
C GLN H 199 -26.48 30.37 13.64
N THR H 200 -26.36 31.58 13.13
CA THR H 200 -27.10 32.02 11.96
C THR H 200 -26.18 32.01 10.75
N TYR H 201 -26.70 31.51 9.62
CA TYR H 201 -25.94 31.41 8.39
C TYR H 201 -26.68 32.16 7.30
N ILE H 202 -26.02 33.15 6.71
CA ILE H 202 -26.56 33.93 5.60
C ILE H 202 -25.57 33.84 4.46
N CYS H 203 -26.07 33.58 3.26
CA CYS H 203 -25.26 33.61 2.06
C CYS H 203 -25.48 34.95 1.37
N ASN H 204 -24.38 35.59 0.99
CA ASN H 204 -24.41 36.92 0.38
C ASN H 204 -24.03 36.75 -1.08
N VAL H 205 -24.99 36.99 -1.96
CA VAL H 205 -24.79 36.91 -3.41
C VAL H 205 -24.71 38.31 -3.95
N ASN H 206 -23.80 38.53 -4.89
CA ASN H 206 -23.60 39.85 -5.49
C ASN H 206 -23.39 39.68 -6.99
N HIS H 207 -24.31 40.22 -7.78
CA HIS H 207 -24.24 40.21 -9.23
C HIS H 207 -24.20 41.68 -9.67
N LYS H 208 -23.01 42.15 -10.01
CA LYS H 208 -22.78 43.56 -10.33
C LYS H 208 -23.38 43.99 -11.68
N PRO H 209 -23.32 43.17 -12.73
CA PRO H 209 -23.99 43.57 -13.98
C PRO H 209 -25.46 43.93 -13.82
N SER H 210 -26.17 43.28 -12.90
CA SER H 210 -27.56 43.58 -12.63
C SER H 210 -27.76 44.48 -11.42
N ASN H 211 -26.69 44.86 -10.72
CA ASN H 211 -26.79 45.67 -9.51
C ASN H 211 -27.64 44.97 -8.47
N THR H 212 -27.39 43.68 -8.29
CA THR H 212 -28.14 42.84 -7.36
C THR H 212 -27.27 42.48 -6.17
N LYS H 213 -27.68 42.91 -4.98
CA LYS H 213 -26.97 42.61 -3.74
C LYS H 213 -27.95 41.88 -2.83
N VAL H 214 -27.94 40.55 -2.88
CA VAL H 214 -28.91 39.71 -2.18
C VAL H 214 -28.25 39.07 -0.97
N ASP H 215 -29.04 38.94 0.09
CA ASP H 215 -28.67 38.15 1.26
C ASP H 215 -29.79 37.16 1.53
N LYS H 216 -29.43 35.92 1.83
CA LYS H 216 -30.42 34.88 2.05
C LYS H 216 -30.06 34.08 3.29
N LYS H 217 -30.97 34.04 4.26
CA LYS H 217 -30.77 33.22 5.44
C LYS H 217 -31.20 31.80 5.16
N VAL H 218 -30.39 30.83 5.58
CA VAL H 218 -30.65 29.42 5.37
C VAL H 218 -30.95 28.80 6.72
N GLU H 219 -32.19 28.38 6.91
CA GLU H 219 -32.67 27.81 8.18
C GLU H 219 -33.06 26.36 8.00
N PRO H 220 -32.94 25.53 9.05
CA PRO H 220 -33.50 24.18 8.99
C PRO H 220 -35.01 24.23 8.89
N LYS H 221 -35.54 23.68 7.80
CA LYS H 221 -36.98 23.75 7.55
C LYS H 221 -37.75 22.93 8.57
N SER H 222 -38.61 23.60 9.34
CA SER H 222 -39.41 22.98 10.38
C SER H 222 -40.67 22.34 9.79
N CYS H 223 -41.27 21.45 10.56
CA CYS H 223 -42.49 20.76 10.12
C CYS H 223 -43.73 21.51 10.59
N ASP I 21 36.23 16.39 48.36
CA ASP I 21 36.83 16.14 47.06
C ASP I 21 37.15 14.66 46.90
N TYR I 22 36.62 14.06 45.82
CA TYR I 22 36.82 12.65 45.55
C TYR I 22 36.95 12.39 44.05
N SER I 23 37.38 13.39 43.30
CA SER I 23 37.45 13.31 41.84
C SER I 23 38.11 14.57 41.30
N PHE I 24 38.69 14.44 40.11
CA PHE I 24 39.40 15.52 39.45
C PHE I 24 39.26 15.32 37.95
N SER I 25 39.66 16.32 37.17
CA SER I 25 39.48 16.25 35.72
C SER I 25 40.77 16.66 35.02
N CYS I 26 41.11 15.90 33.99
CA CYS I 26 42.33 16.08 33.22
C CYS I 26 42.00 16.21 31.74
N TYR I 27 42.97 16.71 30.98
CA TYR I 27 42.90 16.72 29.53
C TYR I 27 44.33 16.67 28.99
N SER I 28 44.51 15.96 27.88
CA SER I 28 45.84 15.73 27.31
C SER I 28 45.87 16.29 25.90
N GLN I 29 46.70 17.31 25.69
CA GLN I 29 46.99 17.83 24.36
C GLN I 29 48.22 17.11 23.82
N LEU I 30 48.07 16.44 22.68
CA LEU I 30 49.12 15.61 22.14
C LEU I 30 49.89 16.34 21.07
N GLU I 31 51.22 16.12 21.05
CA GLU I 31 52.10 16.67 20.03
C GLU I 31 51.94 18.19 19.91
N VAL I 32 51.95 18.85 21.07
CA VAL I 32 51.81 20.30 21.09
C VAL I 32 53.01 20.96 20.42
N ASN I 33 54.22 20.49 20.75
CA ASN I 33 55.44 20.96 20.09
C ASN I 33 56.27 19.74 19.71
N GLY I 34 56.23 19.38 18.43
CA GLY I 34 56.91 18.18 17.95
C GLY I 34 56.37 16.89 18.54
N SER I 35 57.12 16.30 19.48
CA SER I 35 56.69 15.10 20.18
C SER I 35 56.35 15.36 21.64
N GLN I 36 56.42 16.62 22.07
CA GLN I 36 56.15 16.98 23.46
C GLN I 36 54.65 16.96 23.73
N HIS I 37 54.22 16.02 24.57
CA HIS I 37 52.82 15.92 25.00
C HIS I 37 52.61 16.78 26.25
N SER I 38 51.36 17.14 26.50
CA SER I 38 51.03 17.98 27.65
C SER I 38 49.79 17.44 28.34
N LEU I 39 49.94 16.98 29.57
CA LEU I 39 48.85 16.46 30.38
C LEU I 39 48.53 17.45 31.48
N THR I 40 47.35 18.08 31.42
CA THR I 40 46.90 19.04 32.40
C THR I 40 45.80 18.41 33.25
N CYS I 41 45.74 18.80 34.52
CA CYS I 41 44.76 18.28 35.47
C CYS I 41 44.37 19.38 36.45
N ALA I 42 43.16 19.29 36.98
CA ALA I 42 42.67 20.24 37.95
C ALA I 42 41.61 19.60 38.83
N PHE I 43 41.43 20.17 40.01
CA PHE I 43 40.42 19.72 40.95
C PHE I 43 39.11 20.46 40.73
N GLU I 44 38.00 19.77 40.99
CA GLU I 44 36.70 20.41 40.83
C GLU I 44 36.46 21.47 41.90
N ASP I 45 36.64 21.11 43.17
CA ASP I 45 36.44 22.10 44.22
C ASP I 45 37.74 22.84 44.53
N PRO I 46 37.69 24.16 44.72
CA PRO I 46 38.91 24.91 45.05
C PRO I 46 39.35 24.75 46.50
N ASP I 47 40.31 23.87 46.77
CA ASP I 47 40.80 23.69 48.13
C ASP I 47 42.31 23.43 48.06
N VAL I 48 42.86 22.91 49.15
CA VAL I 48 44.30 22.72 49.33
C VAL I 48 44.96 24.09 49.13
N ASN I 49 44.34 25.12 49.71
CA ASN I 49 44.84 26.49 49.68
C ASN I 49 45.35 26.95 48.32
N ASN I 52 51.93 22.28 47.85
CA ASN I 52 52.77 21.45 47.01
C ASN I 52 52.42 19.98 47.14
N LEU I 53 51.30 19.59 46.53
CA LEU I 53 50.88 18.20 46.48
C LEU I 53 51.22 17.61 45.11
N GLU I 54 51.20 16.29 45.04
CA GLU I 54 51.62 15.63 43.82
C GLU I 54 50.53 14.72 43.29
N PHE I 55 50.60 14.46 42.00
CA PHE I 55 49.80 13.45 41.34
C PHE I 55 50.74 12.37 40.83
N GLU I 56 50.26 11.13 40.87
CA GLU I 56 51.08 9.98 40.56
C GLU I 56 50.42 9.24 39.41
N ILE I 57 51.21 8.93 38.39
CA ILE I 57 50.75 8.20 37.23
C ILE I 57 51.60 6.95 37.15
N CYS I 58 50.99 5.79 37.39
CA CYS I 58 51.64 4.50 37.21
C CYS I 58 50.91 3.74 36.13
N GLY I 59 51.66 3.15 35.20
CA GLY I 59 51.06 2.39 34.12
C GLY I 59 51.23 3.11 32.79
N ALA I 60 51.14 2.32 31.71
CA ALA I 60 51.32 2.82 30.35
C ALA I 60 52.65 3.54 30.20
N LEU I 61 53.64 3.12 30.97
CA LEU I 61 55.00 3.67 30.90
C LEU I 61 55.97 2.51 31.08
N VAL I 62 56.57 2.06 29.98
CA VAL I 62 57.49 0.92 30.04
C VAL I 62 58.93 1.38 30.21
N GLU I 63 59.32 2.41 29.45
CA GLU I 63 60.62 3.06 29.65
C GLU I 63 60.88 3.30 31.13
N VAL I 64 60.19 4.28 31.70
CA VAL I 64 60.29 4.66 33.11
C VAL I 64 59.08 4.11 33.85
N LYS I 65 59.24 3.86 35.15
CA LYS I 65 58.16 3.36 36.00
C LYS I 65 57.68 4.47 36.93
N CYS I 66 56.67 5.23 36.45
CA CYS I 66 55.87 6.23 37.15
C CYS I 66 56.58 7.57 37.36
N LEU I 67 55.82 8.67 37.25
CA LEU I 67 56.29 10.06 37.31
C LEU I 67 55.41 10.94 38.18
N ASN I 68 55.94 12.10 38.60
CA ASN I 68 55.25 13.07 39.43
C ASN I 68 54.69 14.21 38.54
N PHE I 69 54.18 15.27 39.16
CA PHE I 69 53.56 16.39 38.47
C PHE I 69 54.25 17.73 38.77
N ARG I 70 54.05 18.69 37.87
CA ARG I 70 54.42 20.07 38.10
C ARG I 70 53.18 20.91 38.43
N LYS I 71 53.35 21.96 39.24
CA LYS I 71 52.24 22.75 39.75
C LYS I 71 52.31 24.19 39.26
N LEU I 72 51.18 24.68 38.69
CA LEU I 72 51.04 26.06 38.22
C LEU I 72 49.61 26.55 38.43
N GLN I 73 49.44 27.62 39.21
CA GLN I 73 48.16 28.33 39.38
C GLN I 73 47.00 27.39 39.72
N GLU I 74 47.16 26.62 40.79
CA GLU I 74 46.15 25.65 41.24
C GLU I 74 45.73 24.75 40.08
N ILE I 75 46.74 24.35 39.30
CA ILE I 75 46.61 23.50 38.13
C ILE I 75 47.84 22.60 38.13
N TYR I 76 47.70 21.37 37.66
CA TYR I 76 48.81 20.44 37.65
C TYR I 76 49.10 20.09 36.21
N PHE I 77 50.33 20.33 35.78
CA PHE I 77 50.70 20.13 34.39
C PHE I 77 51.96 19.29 34.31
N ILE I 78 52.05 18.55 33.21
CA ILE I 78 53.27 17.86 32.81
C ILE I 78 53.45 18.08 31.32
N GLU I 79 54.67 18.40 30.92
CA GLU I 79 55.06 18.48 29.52
C GLU I 79 56.14 17.43 29.34
N THR I 80 55.81 16.32 28.69
CA THR I 80 56.75 15.22 28.60
C THR I 80 56.66 14.51 27.26
N LYS I 81 57.79 13.94 26.84
CA LYS I 81 57.90 13.16 25.61
C LYS I 81 57.77 11.67 25.84
N LYS I 82 58.17 11.19 27.02
CA LYS I 82 58.17 9.75 27.33
C LYS I 82 56.75 9.33 27.66
N PHE I 83 56.03 8.91 26.62
CA PHE I 83 54.66 8.44 26.75
C PHE I 83 54.51 7.19 25.89
N LEU I 84 53.79 6.20 26.39
CA LEU I 84 53.49 5.01 25.63
C LEU I 84 52.10 5.08 24.99
N LEU I 85 51.27 6.04 25.41
CA LEU I 85 49.96 6.30 24.85
C LEU I 85 49.01 5.12 25.01
N ILE I 86 49.35 3.98 24.42
CA ILE I 86 48.50 2.79 24.52
C ILE I 86 48.56 2.24 25.93
N GLY I 87 47.39 2.03 26.53
CA GLY I 87 47.29 1.48 27.87
C GLY I 87 46.81 2.52 28.86
N LYS I 88 46.02 2.07 29.84
CA LYS I 88 45.50 2.95 30.87
C LYS I 88 46.56 3.21 31.94
N SER I 89 46.35 4.28 32.71
CA SER I 89 47.26 4.67 33.77
C SER I 89 46.46 5.05 35.01
N ASN I 90 46.97 4.66 36.18
CA ASN I 90 46.36 5.01 37.45
C ASN I 90 46.94 6.34 37.91
N ILE I 91 46.08 7.35 38.01
CA ILE I 91 46.42 8.66 38.55
C ILE I 91 45.88 8.74 39.97
N CYS I 92 46.79 8.86 40.93
CA CYS I 92 46.49 8.90 42.35
C CYS I 92 47.01 10.20 42.93
N VAL I 93 46.18 10.90 43.71
CA VAL I 93 46.63 12.12 44.35
C VAL I 93 47.43 11.73 45.58
N LYS I 94 48.66 12.20 45.67
CA LYS I 94 49.59 11.83 46.72
C LYS I 94 50.07 13.04 47.51
N VAL I 95 50.08 12.88 48.84
CA VAL I 95 50.87 13.68 49.76
C VAL I 95 52.02 12.79 50.22
N GLY I 96 53.24 13.19 49.90
CA GLY I 96 54.38 12.29 50.10
C GLY I 96 54.35 11.17 49.08
N GLU I 97 54.04 9.96 49.52
CA GLU I 97 53.88 8.82 48.62
C GLU I 97 52.75 7.91 49.12
N LYS I 98 51.62 8.54 49.47
CA LYS I 98 50.43 7.81 49.91
C LYS I 98 49.24 8.24 49.08
N SER I 99 48.39 7.27 48.74
CA SER I 99 47.32 7.48 47.77
C SER I 99 46.07 8.05 48.45
N LEU I 100 45.59 9.19 47.96
CA LEU I 100 44.34 9.79 48.46
C LEU I 100 43.15 9.25 47.66
N THR I 101 43.09 9.59 46.37
CA THR I 101 42.03 9.12 45.49
C THR I 101 42.68 8.73 44.17
N CYS I 102 42.25 7.60 43.61
CA CYS I 102 42.85 7.09 42.38
C CYS I 102 41.80 6.93 41.29
N LYS I 103 42.24 7.08 40.05
CA LYS I 103 41.40 6.86 38.88
C LYS I 103 42.26 6.27 37.77
N LYS I 104 41.86 5.12 37.24
CA LYS I 104 42.58 4.48 36.13
C LYS I 104 41.93 4.93 34.83
N ILE I 105 42.59 5.87 34.15
CA ILE I 105 42.04 6.49 32.94
C ILE I 105 43.00 6.22 31.79
N ASP I 106 42.45 6.20 30.57
CA ASP I 106 43.24 5.98 29.38
C ASP I 106 43.67 7.32 28.79
N LEU I 107 44.94 7.38 28.35
CA LEU I 107 45.48 8.60 27.77
C LEU I 107 44.82 8.96 26.45
N THR I 108 44.24 7.98 25.77
CA THR I 108 43.60 8.20 24.47
C THR I 108 42.13 8.55 24.59
N THR I 109 41.59 8.63 25.80
CA THR I 109 40.20 8.98 26.04
C THR I 109 40.06 10.32 26.76
N ILE I 110 41.14 11.10 26.83
CA ILE I 110 41.12 12.37 27.53
C ILE I 110 41.84 13.42 26.70
N VAL I 111 41.73 13.31 25.38
CA VAL I 111 42.48 14.15 24.45
C VAL I 111 41.72 15.46 24.21
N LYS I 112 42.45 16.58 24.25
CA LYS I 112 41.90 17.88 23.91
C LYS I 112 42.66 18.44 22.73
N PRO I 113 42.05 18.60 21.55
CA PRO I 113 42.80 19.11 20.40
C PRO I 113 43.27 20.53 20.63
N GLU I 114 44.25 20.94 19.83
CA GLU I 114 44.69 22.32 19.83
C GLU I 114 43.70 23.17 19.05
N ALA I 115 43.47 24.39 19.53
CA ALA I 115 42.49 25.26 18.90
C ALA I 115 42.91 25.58 17.47
N PRO I 116 42.00 25.49 16.50
CA PRO I 116 42.33 25.92 15.13
C PRO I 116 42.72 27.39 15.10
N PHE I 117 43.24 27.81 13.95
CA PHE I 117 43.75 29.16 13.80
C PHE I 117 43.64 29.58 12.34
N ASP I 118 43.95 30.87 12.10
CA ASP I 118 43.94 31.46 10.77
C ASP I 118 42.58 31.31 10.10
N LEU I 119 41.52 31.58 10.86
CA LEU I 119 40.18 31.54 10.29
C LEU I 119 39.96 32.74 9.38
N SER I 120 39.30 32.49 8.25
CA SER I 120 39.12 33.51 7.23
C SER I 120 37.86 33.24 6.44
N VAL I 121 37.20 34.32 6.02
CA VAL I 121 36.01 34.25 5.18
C VAL I 121 36.24 35.16 3.98
N VAL I 122 35.97 34.65 2.78
CA VAL I 122 36.19 35.39 1.54
C VAL I 122 34.94 35.31 0.69
N TYR I 123 34.43 36.46 0.26
CA TYR I 123 33.26 36.53 -0.60
C TYR I 123 33.68 36.42 -2.06
N ARG I 124 33.08 35.48 -2.78
CA ARG I 124 33.34 35.31 -4.21
C ARG I 124 32.17 35.93 -4.97
N GLU I 125 32.44 37.10 -5.58
CA GLU I 125 31.37 37.83 -6.27
C GLU I 125 30.79 37.03 -7.42
N GLY I 126 31.63 36.26 -8.11
CA GLY I 126 31.14 35.51 -9.26
C GLY I 126 30.19 34.39 -8.87
N ALA I 127 30.57 33.61 -7.86
CA ALA I 127 29.78 32.45 -7.46
C ALA I 127 28.70 32.78 -6.44
N ASN I 128 28.69 34.01 -5.91
CA ASN I 128 27.72 34.43 -4.90
C ASN I 128 27.74 33.49 -3.69
N ASP I 129 28.91 33.39 -3.06
CA ASP I 129 29.07 32.54 -1.90
C ASP I 129 30.24 33.05 -1.07
N PHE I 130 30.43 32.42 0.09
CA PHE I 130 31.51 32.77 1.02
C PHE I 130 32.29 31.50 1.32
N VAL I 131 33.60 31.53 1.08
CA VAL I 131 34.50 30.43 1.39
C VAL I 131 35.12 30.69 2.75
N VAL I 132 34.95 29.74 3.67
CA VAL I 132 35.50 29.79 5.01
C VAL I 132 36.67 28.82 5.07
N THR I 133 37.81 29.29 5.56
CA THR I 133 39.03 28.50 5.62
C THR I 133 39.66 28.63 7.01
N PHE I 134 40.30 27.55 7.45
CA PHE I 134 41.02 27.55 8.72
C PHE I 134 42.13 26.52 8.65
N ASN I 135 42.99 26.54 9.67
CA ASN I 135 44.15 25.66 9.75
C ASN I 135 44.16 24.98 11.11
N THR I 136 44.82 23.83 11.18
CA THR I 136 44.95 23.09 12.42
C THR I 136 46.25 22.31 12.40
N SER I 137 47.04 22.44 13.47
CA SER I 137 48.31 21.74 13.57
C SER I 137 48.17 20.22 13.58
N HIS I 138 46.94 19.70 13.67
CA HIS I 138 46.71 18.26 13.73
C HIS I 138 46.85 17.58 12.38
N LEU I 139 46.76 18.33 11.28
CA LEU I 139 46.87 17.72 9.96
C LEU I 139 48.20 16.99 9.78
N GLN I 140 49.30 17.59 10.23
CA GLN I 140 50.64 17.02 10.08
C GLN I 140 51.08 16.19 11.28
N LYS I 141 50.18 15.89 12.21
CA LYS I 141 50.56 15.14 13.40
C LYS I 141 50.54 13.64 13.12
N LYS I 142 51.35 12.91 13.89
CA LYS I 142 51.52 11.48 13.65
C LYS I 142 50.33 10.67 14.18
N TYR I 143 49.99 10.85 15.45
CA TYR I 143 48.96 10.02 16.07
C TYR I 143 47.55 10.52 15.74
N VAL I 144 47.19 11.69 16.27
CA VAL I 144 45.86 12.27 16.08
C VAL I 144 45.88 13.05 14.78
N LYS I 145 45.40 12.43 13.70
CA LYS I 145 45.35 13.10 12.41
C LYS I 145 43.94 13.19 11.81
N VAL I 146 42.95 12.53 12.41
CA VAL I 146 41.57 12.60 11.97
C VAL I 146 40.76 13.30 13.05
N LEU I 147 40.12 14.41 12.70
CA LEU I 147 39.33 15.21 13.61
C LEU I 147 37.99 15.57 12.97
N MET I 148 37.11 16.12 13.81
CA MET I 148 35.83 16.68 13.39
C MET I 148 35.75 18.12 13.84
N HIS I 149 35.47 19.03 12.89
CA HIS I 149 35.46 20.46 13.16
C HIS I 149 34.02 20.99 13.17
N ASP I 150 33.76 21.91 14.09
CA ASP I 150 32.48 22.59 14.22
C ASP I 150 32.68 24.07 13.92
N VAL I 151 32.06 24.52 12.84
CA VAL I 151 32.08 25.93 12.46
C VAL I 151 30.78 26.55 12.93
N ALA I 152 30.87 27.51 13.84
CA ALA I 152 29.70 28.19 14.38
C ALA I 152 29.72 29.65 13.94
N TYR I 153 28.61 30.11 13.39
CA TYR I 153 28.47 31.49 12.94
C TYR I 153 27.16 32.09 13.42
N ARG I 154 27.21 33.39 13.72
CA ARG I 154 26.10 34.13 14.29
C ARG I 154 25.93 35.46 13.54
N GLN I 155 24.71 35.98 13.57
CA GLN I 155 24.34 37.26 12.98
C GLN I 155 24.51 38.40 13.97
N GLU I 156 24.60 39.62 13.42
CA GLU I 156 24.75 40.82 14.23
C GLU I 156 23.58 40.98 15.22
N LYS I 157 22.35 40.74 14.75
CA LYS I 157 21.18 40.96 15.59
C LYS I 157 21.12 39.97 16.76
N ASP I 158 21.37 38.69 16.49
CA ASP I 158 21.25 37.65 17.51
C ASP I 158 22.26 37.85 18.63
N GLU I 159 21.74 37.92 19.88
CA GLU I 159 22.61 38.16 21.03
C GLU I 159 23.40 36.90 21.38
N ASN I 160 22.84 35.73 21.13
CA ASN I 160 23.50 34.47 21.47
C ASN I 160 22.78 33.30 20.84
N LYS I 161 22.61 33.33 19.52
CA LYS I 161 22.16 32.19 18.75
C LYS I 161 23.25 31.86 17.75
N TRP I 162 23.57 30.58 17.63
CA TRP I 162 24.65 30.15 16.76
C TRP I 162 24.14 29.10 15.78
N THR I 163 24.48 29.27 14.50
CA THR I 163 24.27 28.23 13.50
C THR I 163 25.54 27.41 13.43
N HIS I 164 25.42 26.11 13.68
CA HIS I 164 26.58 25.22 13.73
C HIS I 164 26.60 24.33 12.49
N VAL I 165 27.81 24.00 12.05
CA VAL I 165 28.02 23.15 10.89
C VAL I 165 29.16 22.19 11.20
N ASN I 166 28.89 20.89 11.10
CA ASN I 166 29.91 19.87 11.32
C ASN I 166 30.58 19.52 10.00
N LEU I 167 31.91 19.35 10.05
CA LEU I 167 32.66 19.03 8.84
C LEU I 167 33.94 18.29 9.22
N SER I 168 34.61 17.75 8.21
CA SER I 168 35.87 17.03 8.37
C SER I 168 37.06 17.71 7.73
N SER I 169 36.85 18.47 6.65
CA SER I 169 37.95 19.14 5.96
C SER I 169 38.34 20.43 6.68
N THR I 170 38.99 21.35 5.97
CA THR I 170 39.33 22.66 6.52
C THR I 170 38.70 23.81 5.75
N LYS I 171 37.79 23.53 4.82
CA LYS I 171 37.13 24.57 4.04
C LYS I 171 35.63 24.30 4.01
N LEU I 172 34.87 25.40 3.97
CA LEU I 172 33.42 25.34 3.94
C LEU I 172 32.91 26.40 2.98
N THR I 173 31.71 26.20 2.44
CA THR I 173 31.11 27.13 1.49
C THR I 173 29.70 27.47 1.96
N LEU I 174 29.44 28.76 2.15
CA LEU I 174 28.13 29.25 2.56
C LEU I 174 27.49 30.01 1.39
N LEU I 175 26.30 29.58 1.00
CA LEU I 175 25.62 30.22 -0.12
C LEU I 175 25.06 31.58 0.29
N GLN I 176 25.16 32.55 -0.62
CA GLN I 176 24.67 33.90 -0.33
C GLN I 176 23.16 33.92 -0.14
N ARG I 177 22.43 33.09 -0.90
CA ARG I 177 20.98 33.06 -0.77
C ARG I 177 20.55 32.57 0.60
N LYS I 178 21.39 31.77 1.27
CA LYS I 178 21.10 31.23 2.59
C LYS I 178 21.57 32.14 3.71
N LEU I 179 21.74 33.44 3.45
CA LEU I 179 22.17 34.38 4.47
C LEU I 179 21.38 35.68 4.35
N GLN I 180 21.16 36.32 5.48
CA GLN I 180 20.41 37.57 5.50
C GLN I 180 21.21 38.68 4.84
N PRO I 181 20.60 39.47 3.95
CA PRO I 181 21.34 40.55 3.30
C PRO I 181 21.66 41.68 4.27
N ALA I 182 22.75 42.38 3.98
CA ALA I 182 23.18 43.57 4.72
C ALA I 182 23.35 43.27 6.21
N ALA I 183 23.94 42.12 6.53
CA ALA I 183 24.16 41.71 7.90
C ALA I 183 25.60 41.28 8.08
N MET I 184 26.16 41.57 9.25
CA MET I 184 27.50 41.14 9.61
C MET I 184 27.43 39.89 10.48
N TYR I 185 28.28 38.92 10.16
CA TYR I 185 28.33 37.64 10.84
C TYR I 185 29.69 37.45 11.51
N GLU I 186 29.64 36.91 12.72
CA GLU I 186 30.79 36.42 13.45
C GLU I 186 30.89 34.91 13.27
N ILE I 187 32.12 34.39 13.23
CA ILE I 187 32.33 32.99 12.93
C ILE I 187 33.56 32.50 13.68
N LYS I 188 33.50 31.23 14.13
CA LYS I 188 34.60 30.61 14.85
C LYS I 188 34.52 29.10 14.66
N VAL I 189 35.56 28.40 15.13
CA VAL I 189 35.77 26.99 14.83
C VAL I 189 36.29 26.25 16.06
N ARG I 190 35.84 25.00 16.21
CA ARG I 190 36.31 24.03 17.19
C ARG I 190 36.66 22.68 16.57
N SER I 191 37.29 21.81 17.37
CA SER I 191 37.72 20.50 16.90
C SER I 191 37.54 19.39 17.95
N ILE I 192 37.41 18.15 17.49
CA ILE I 192 37.40 16.96 18.37
C ILE I 192 38.22 15.85 17.71
N PRO I 193 38.83 14.98 18.52
CA PRO I 193 39.27 13.69 17.98
C PRO I 193 38.05 12.93 17.45
N ASP I 194 38.21 12.26 16.31
CA ASP I 194 37.13 11.48 15.70
C ASP I 194 37.74 10.28 14.99
N HIS I 195 38.56 9.53 15.71
CA HIS I 195 39.14 8.31 15.18
C HIS I 195 39.40 7.32 16.30
N TYR I 196 40.57 6.68 16.28
CA TYR I 196 40.95 5.78 17.37
C TYR I 196 40.98 6.51 18.70
N PHE I 197 41.34 7.80 18.68
CA PHE I 197 41.41 8.63 19.88
C PHE I 197 40.08 9.33 20.12
N LYS I 198 39.72 9.47 21.39
CA LYS I 198 38.54 10.23 21.81
C LYS I 198 38.93 11.22 22.90
N GLY I 199 38.07 12.22 23.11
CA GLY I 199 38.38 13.23 24.11
C GLY I 199 37.36 14.34 24.30
N PHE I 200 37.80 15.59 24.12
CA PHE I 200 37.01 16.78 24.38
C PHE I 200 37.11 17.73 23.20
N TRP I 201 36.34 18.82 23.25
CA TRP I 201 36.49 19.88 22.25
C TRP I 201 37.70 20.75 22.53
N SER I 202 38.27 21.27 21.45
CA SER I 202 39.32 22.27 21.59
C SER I 202 38.67 23.58 22.02
N GLU I 203 39.51 24.59 22.25
CA GLU I 203 39.03 25.92 22.55
C GLU I 203 38.57 26.63 21.29
N TRP I 204 37.68 27.61 21.45
CA TRP I 204 37.23 28.39 20.30
C TRP I 204 38.39 29.16 19.69
N SER I 205 38.49 29.09 18.36
CA SER I 205 39.46 29.90 17.65
C SER I 205 39.06 31.37 17.73
N PRO I 206 40.02 32.29 17.53
CA PRO I 206 39.66 33.71 17.46
C PRO I 206 38.61 33.95 16.37
N SER I 207 37.62 34.77 16.71
CA SER I 207 36.49 34.97 15.81
C SER I 207 36.89 35.78 14.58
N TYR I 208 36.06 35.67 13.55
CA TYR I 208 36.22 36.45 12.32
C TYR I 208 34.88 37.07 11.96
N TYR I 209 34.93 38.21 11.28
CA TYR I 209 33.73 38.99 11.00
C TYR I 209 33.65 39.31 9.50
N PHE I 210 32.44 39.19 8.94
CA PHE I 210 32.27 39.49 7.52
C PHE I 210 30.84 39.94 7.25
N ARG I 211 30.66 40.76 6.22
CA ARG I 211 29.36 41.32 5.89
C ARG I 211 28.82 40.73 4.59
N THR I 212 27.53 41.00 4.35
CA THR I 212 26.79 40.47 3.21
C THR I 212 26.23 41.61 2.36
N PRO I 213 26.32 41.51 1.04
CA PRO I 213 25.77 42.57 0.17
C PRO I 213 24.26 42.71 0.29
N GLU I 214 23.78 43.89 -0.10
CA GLU I 214 22.36 44.20 -0.07
C GLU I 214 21.70 43.76 -1.38
N ILE I 215 20.44 43.34 -1.28
CA ILE I 215 19.69 42.90 -2.45
C ILE I 215 18.78 44.01 -2.96
N ASP J 21 85.95 -13.73 13.97
CA ASP J 21 84.57 -13.68 14.43
C ASP J 21 83.63 -14.39 13.46
N TYR J 22 82.83 -15.32 13.99
CA TYR J 22 81.91 -16.13 13.19
C TYR J 22 80.52 -15.49 13.25
N SER J 23 80.22 -14.70 12.23
CA SER J 23 78.97 -13.96 12.16
C SER J 23 77.75 -14.87 12.29
N PHE J 24 76.67 -14.29 12.80
CA PHE J 24 75.42 -14.99 13.03
C PHE J 24 74.30 -13.96 12.98
N SER J 25 73.07 -14.43 12.91
CA SER J 25 71.92 -13.55 12.87
C SER J 25 70.84 -14.07 13.82
N CYS J 26 70.26 -13.15 14.59
CA CYS J 26 69.25 -13.50 15.56
C CYS J 26 68.01 -12.63 15.33
N TYR J 27 66.90 -13.11 15.88
CA TYR J 27 65.66 -12.34 15.91
C TYR J 27 64.85 -12.79 17.12
N SER J 28 64.17 -11.84 17.75
CA SER J 28 63.43 -12.11 18.97
C SER J 28 61.96 -11.77 18.73
N GLN J 29 61.11 -12.80 18.71
CA GLN J 29 59.67 -12.57 18.67
C GLN J 29 59.14 -12.62 20.10
N LEU J 30 58.57 -11.51 20.56
CA LEU J 30 58.10 -11.40 21.93
C LEU J 30 56.59 -11.55 21.98
N GLU J 31 56.11 -12.16 23.05
CA GLU J 31 54.67 -12.40 23.28
C GLU J 31 54.06 -13.21 22.14
N VAL J 32 54.78 -14.24 21.67
CA VAL J 32 54.25 -15.07 20.61
C VAL J 32 53.17 -15.99 21.16
N ASN J 33 53.47 -16.73 22.22
CA ASN J 33 52.53 -17.59 22.93
C ASN J 33 52.31 -16.95 24.29
N GLY J 34 51.20 -16.23 24.43
CA GLY J 34 50.92 -15.49 25.66
C GLY J 34 52.00 -14.47 25.98
N SER J 35 52.81 -14.76 26.99
CA SER J 35 53.94 -13.92 27.35
C SER J 35 55.28 -14.59 27.11
N GLN J 36 55.31 -15.81 26.58
CA GLN J 36 56.56 -16.52 26.35
C GLN J 36 57.26 -15.95 25.13
N HIS J 37 58.43 -15.36 25.34
CA HIS J 37 59.24 -14.83 24.25
C HIS J 37 60.08 -15.94 23.63
N SER J 38 60.50 -15.70 22.39
CA SER J 38 61.29 -16.67 21.63
C SER J 38 62.45 -15.95 20.98
N LEU J 39 63.67 -16.28 21.38
CA LEU J 39 64.88 -15.70 20.84
C LEU J 39 65.53 -16.75 19.96
N THR J 40 65.52 -16.52 18.65
CA THR J 40 66.06 -17.44 17.67
C THR J 40 67.37 -16.90 17.10
N CYS J 41 68.28 -17.81 16.79
CA CYS J 41 69.57 -17.46 16.21
C CYS J 41 69.98 -18.53 15.21
N ALA J 42 70.78 -18.10 14.24
CA ALA J 42 71.23 -18.98 13.17
C ALA J 42 72.57 -18.47 12.64
N PHE J 43 73.28 -19.35 11.93
CA PHE J 43 74.57 -19.03 11.35
C PHE J 43 74.42 -18.42 9.97
N GLU J 44 75.36 -17.53 9.63
CA GLU J 44 75.37 -16.93 8.30
C GLU J 44 75.71 -17.95 7.24
N ASP J 45 76.77 -18.74 7.47
CA ASP J 45 77.19 -19.78 6.53
C ASP J 45 76.41 -21.07 6.79
N PRO J 46 75.99 -21.77 5.74
CA PRO J 46 75.23 -23.01 5.93
C PRO J 46 76.07 -24.22 6.34
N ASP J 47 77.34 -24.02 6.70
CA ASP J 47 78.22 -25.12 7.10
C ASP J 47 78.35 -25.01 8.63
N VAL J 48 77.24 -25.32 9.29
CA VAL J 48 77.14 -25.17 10.74
C VAL J 48 78.00 -26.17 11.49
N ASN J 49 77.94 -27.46 11.12
CA ASN J 49 78.66 -28.53 11.80
C ASN J 49 78.27 -28.56 13.29
N THR J 50 76.99 -28.86 13.53
CA THR J 50 76.38 -28.72 14.84
C THR J 50 76.42 -29.99 15.67
N THR J 51 77.36 -30.90 15.40
CA THR J 51 77.44 -32.12 16.19
C THR J 51 77.78 -31.83 17.65
N ASN J 52 78.72 -30.92 17.89
CA ASN J 52 79.13 -30.53 19.24
C ASN J 52 79.21 -29.00 19.29
N LEU J 53 78.04 -28.35 19.21
CA LEU J 53 77.94 -26.91 19.13
C LEU J 53 76.82 -26.43 20.05
N GLU J 54 77.01 -25.24 20.63
CA GLU J 54 76.06 -24.74 21.61
C GLU J 54 76.05 -23.22 21.61
N PHE J 55 74.91 -22.65 22.00
CA PHE J 55 74.75 -21.22 22.20
C PHE J 55 74.36 -20.96 23.65
N GLU J 56 74.94 -19.93 24.25
CA GLU J 56 74.70 -19.62 25.66
C GLU J 56 74.29 -18.15 25.75
N ILE J 57 73.25 -17.86 26.53
CA ILE J 57 72.77 -16.49 26.70
C ILE J 57 72.85 -16.11 28.17
N CYS J 58 73.68 -15.12 28.48
CA CYS J 58 73.77 -14.56 29.82
C CYS J 58 73.34 -13.10 29.80
N GLY J 59 72.95 -12.59 30.97
CA GLY J 59 72.53 -11.20 31.08
C GLY J 59 71.05 -11.00 31.35
N ALA J 60 70.28 -10.59 30.34
CA ALA J 60 68.86 -10.30 30.49
C ALA J 60 68.07 -11.56 30.86
N LEU J 61 68.14 -11.94 32.13
CA LEU J 61 67.40 -13.07 32.67
C LEU J 61 66.85 -12.63 34.02
N VAL J 62 65.75 -13.23 34.44
CA VAL J 62 65.07 -12.76 35.63
C VAL J 62 65.66 -13.39 36.88
N GLU J 63 65.56 -14.71 37.01
CA GLU J 63 66.14 -15.41 38.15
C GLU J 63 67.44 -16.14 37.78
N VAL J 64 67.37 -17.09 36.86
CA VAL J 64 68.56 -17.84 36.49
C VAL J 64 69.61 -16.88 35.92
N LYS J 65 70.89 -17.22 36.12
CA LYS J 65 71.98 -16.36 35.67
C LYS J 65 72.18 -16.46 34.16
N CYS J 66 72.31 -17.67 33.64
CA CYS J 66 72.45 -17.89 32.20
C CYS J 66 71.52 -19.02 31.76
N LEU J 67 71.03 -18.92 30.52
CA LEU J 67 70.12 -19.91 29.98
C LEU J 67 70.63 -20.42 28.64
N ASN J 68 70.24 -21.66 28.35
CA ASN J 68 70.64 -22.36 27.13
C ASN J 68 69.49 -22.38 26.13
N PHE J 69 69.86 -22.49 24.85
CA PHE J 69 68.93 -22.55 23.75
C PHE J 69 68.62 -24.00 23.38
N ARG J 70 67.51 -24.19 22.67
CA ARG J 70 67.18 -25.48 22.09
C ARG J 70 67.60 -25.50 20.62
N LYS J 71 67.98 -26.68 20.14
CA LYS J 71 68.59 -26.85 18.83
C LYS J 71 67.66 -27.65 17.92
N LEU J 72 67.40 -27.11 16.74
CA LEU J 72 66.57 -27.78 15.73
C LEU J 72 67.16 -27.45 14.36
N GLN J 73 67.53 -28.49 13.62
CA GLN J 73 68.18 -28.35 12.32
C GLN J 73 69.45 -27.53 12.47
N GLU J 74 69.47 -26.33 11.89
CA GLU J 74 70.58 -25.39 12.01
C GLU J 74 70.06 -24.09 12.60
N ILE J 75 69.21 -24.19 13.61
CA ILE J 75 68.56 -23.05 14.24
C ILE J 75 68.52 -23.29 15.73
N TYR J 76 68.77 -22.25 16.52
CA TYR J 76 68.79 -22.37 17.97
C TYR J 76 67.83 -21.35 18.57
N PHE J 77 66.79 -21.85 19.25
CA PHE J 77 65.83 -20.98 19.90
C PHE J 77 65.43 -21.60 21.24
N ILE J 78 65.04 -20.75 22.18
CA ILE J 78 64.41 -21.16 23.43
C ILE J 78 63.22 -20.26 23.64
N GLU J 79 62.11 -20.85 24.10
CA GLU J 79 60.87 -20.12 24.34
C GLU J 79 60.58 -20.08 25.84
N THR J 80 60.75 -18.91 26.44
CA THR J 80 60.54 -18.75 27.87
C THR J 80 59.98 -17.35 28.13
N LYS J 81 59.27 -17.23 29.25
CA LYS J 81 58.64 -15.97 29.63
C LYS J 81 59.52 -15.09 30.49
N LYS J 82 60.46 -15.68 31.24
CA LYS J 82 61.31 -14.92 32.14
C LYS J 82 62.36 -14.19 31.32
N PHE J 83 62.03 -12.97 30.92
CA PHE J 83 62.91 -12.12 30.13
C PHE J 83 62.82 -10.69 30.64
N LEU J 84 63.96 -10.00 30.64
CA LEU J 84 64.03 -8.60 31.04
C LEU J 84 63.95 -7.74 29.78
N LEU J 85 62.99 -6.82 29.74
CA LEU J 85 62.80 -5.92 28.61
C LEU J 85 63.75 -4.72 28.62
N ILE J 86 64.85 -4.80 29.36
CA ILE J 86 65.82 -3.70 29.45
C ILE J 86 67.17 -4.28 29.82
N GLY J 87 68.20 -3.91 29.08
CA GLY J 87 69.55 -4.38 29.34
C GLY J 87 70.06 -5.32 28.27
N LYS J 88 71.35 -5.22 27.97
CA LYS J 88 71.99 -6.05 26.97
C LYS J 88 72.29 -7.44 27.53
N SER J 89 72.56 -8.38 26.61
CA SER J 89 72.84 -9.77 26.94
C SER J 89 74.04 -10.24 26.14
N ASN J 90 74.89 -11.03 26.78
CA ASN J 90 76.02 -11.64 26.10
C ASN J 90 75.59 -13.00 25.54
N ILE J 91 75.62 -13.11 24.22
CA ILE J 91 75.37 -14.36 23.51
C ILE J 91 76.72 -14.91 23.08
N CYS J 92 77.11 -16.05 23.61
CA CYS J 92 78.41 -16.64 23.34
C CYS J 92 78.25 -18.01 22.69
N VAL J 93 78.96 -18.23 21.60
CA VAL J 93 78.98 -19.54 20.95
C VAL J 93 80.02 -20.38 21.68
N LYS J 94 79.59 -21.55 22.18
CA LYS J 94 80.44 -22.44 22.94
C LYS J 94 80.50 -23.80 22.28
N VAL J 95 81.72 -24.32 22.10
CA VAL J 95 81.91 -25.70 21.66
C VAL J 95 81.84 -26.66 22.85
N GLY J 96 82.60 -26.37 23.90
CA GLY J 96 82.44 -27.06 25.17
C GLY J 96 81.72 -26.16 26.16
N GLU J 97 82.26 -26.03 27.37
CA GLU J 97 81.75 -25.05 28.30
C GLU J 97 82.35 -23.67 28.08
N LYS J 98 83.43 -23.58 27.31
CA LYS J 98 84.14 -22.33 27.08
C LYS J 98 83.61 -21.61 25.84
N SER J 99 83.87 -20.31 25.79
CA SER J 99 83.29 -19.40 24.81
C SER J 99 84.29 -19.12 23.69
N LEU J 100 83.86 -19.31 22.45
CA LEU J 100 84.69 -18.99 21.29
C LEU J 100 84.54 -17.52 20.91
N THR J 101 83.32 -17.10 20.55
CA THR J 101 83.05 -15.72 20.19
C THR J 101 81.76 -15.28 20.88
N CYS J 102 81.78 -14.05 21.40
CA CYS J 102 80.67 -13.48 22.14
C CYS J 102 80.21 -12.18 21.50
N LYS J 103 78.94 -11.85 21.70
CA LYS J 103 78.37 -10.60 21.21
C LYS J 103 77.38 -10.07 22.23
N LYS J 104 77.55 -8.82 22.64
CA LYS J 104 76.65 -8.18 23.60
C LYS J 104 75.57 -7.45 22.81
N ILE J 105 74.40 -8.08 22.69
CA ILE J 105 73.29 -7.56 21.92
C ILE J 105 72.07 -7.44 22.82
N ASP J 106 71.17 -6.52 22.50
CA ASP J 106 69.96 -6.36 23.28
C ASP J 106 68.83 -7.17 22.65
N LEU J 107 68.08 -7.87 23.50
CA LEU J 107 66.95 -8.67 23.04
C LEU J 107 65.79 -7.81 22.54
N THR J 108 65.70 -6.57 23.00
CA THR J 108 64.60 -5.69 22.63
C THR J 108 64.88 -4.83 21.40
N THR J 109 66.06 -4.97 20.79
CA THR J 109 66.41 -4.18 19.62
C THR J 109 66.55 -5.04 18.36
N ILE J 110 66.07 -6.28 18.40
CA ILE J 110 66.19 -7.19 17.26
C ILE J 110 64.86 -7.92 17.10
N VAL J 111 63.77 -7.19 17.29
CA VAL J 111 62.43 -7.79 17.29
C VAL J 111 61.94 -7.96 15.87
N LYS J 112 61.34 -9.12 15.59
CA LYS J 112 60.73 -9.41 14.30
C LYS J 112 59.23 -9.57 14.51
N PRO J 113 58.42 -8.65 13.99
CA PRO J 113 56.97 -8.73 14.23
C PRO J 113 56.34 -9.97 13.60
N GLU J 114 55.15 -10.29 14.09
CA GLU J 114 54.35 -11.36 13.52
C GLU J 114 53.70 -10.89 12.22
N ALA J 115 53.58 -11.81 11.26
CA ALA J 115 53.04 -11.46 9.96
C ALA J 115 51.60 -10.98 10.09
N PRO J 116 51.22 -9.88 9.45
CA PRO J 116 49.82 -9.45 9.44
C PRO J 116 48.91 -10.50 8.80
N PHE J 117 47.62 -10.29 8.96
CA PHE J 117 46.62 -11.23 8.46
C PHE J 117 45.34 -10.48 8.15
N ASP J 118 44.37 -11.22 7.57
CA ASP J 118 43.06 -10.69 7.21
C ASP J 118 43.18 -9.47 6.30
N LEU J 119 44.04 -9.59 5.29
CA LEU J 119 44.18 -8.52 4.30
C LEU J 119 42.95 -8.48 3.40
N SER J 120 42.50 -7.26 3.09
CA SER J 120 41.26 -7.08 2.34
C SER J 120 41.33 -5.78 1.56
N VAL J 121 40.71 -5.77 0.38
CA VAL J 121 40.60 -4.59 -0.46
C VAL J 121 39.14 -4.43 -0.85
N VAL J 122 38.63 -3.21 -0.71
CA VAL J 122 37.22 -2.92 -0.99
C VAL J 122 37.14 -1.70 -1.89
N TYR J 123 36.43 -1.83 -3.01
CA TYR J 123 36.25 -0.74 -3.95
C TYR J 123 35.06 0.11 -3.55
N ARG J 124 35.28 1.42 -3.43
CA ARG J 124 34.22 2.38 -3.12
C ARG J 124 33.80 3.08 -4.42
N GLU J 125 32.63 2.71 -4.94
CA GLU J 125 32.18 3.25 -6.22
C GLU J 125 32.04 4.76 -6.19
N GLY J 126 31.62 5.32 -5.05
CA GLY J 126 31.40 6.75 -4.98
C GLY J 126 32.67 7.56 -5.04
N ALA J 127 33.68 7.15 -4.27
CA ALA J 127 34.92 7.90 -4.17
C ALA J 127 35.95 7.51 -5.22
N ASN J 128 35.68 6.46 -5.99
CA ASN J 128 36.60 5.95 -7.02
C ASN J 128 37.97 5.65 -6.39
N ASP J 129 37.96 4.73 -5.43
CA ASP J 129 39.18 4.34 -4.75
C ASP J 129 39.02 2.95 -4.17
N PHE J 130 40.12 2.44 -3.62
CA PHE J 130 40.17 1.13 -3.00
C PHE J 130 40.71 1.30 -1.59
N VAL J 131 39.94 0.86 -0.60
CA VAL J 131 40.36 0.87 0.79
C VAL J 131 40.97 -0.49 1.12
N VAL J 132 42.21 -0.47 1.58
CA VAL J 132 42.94 -1.67 1.97
C VAL J 132 42.99 -1.72 3.49
N THR J 133 42.62 -2.86 4.06
CA THR J 133 42.56 -3.04 5.50
C THR J 133 43.24 -4.35 5.88
N PHE J 134 43.87 -4.35 7.04
CA PHE J 134 44.54 -5.53 7.57
C PHE J 134 44.54 -5.45 9.08
N ASN J 135 44.96 -6.55 9.71
CA ASN J 135 44.97 -6.67 11.16
C ASN J 135 46.33 -7.13 11.62
N THR J 136 46.64 -6.88 12.90
CA THR J 136 47.91 -7.25 13.49
C THR J 136 47.69 -7.58 14.96
N SER J 137 48.17 -8.76 15.37
CA SER J 137 48.04 -9.18 16.76
C SER J 137 48.82 -8.29 17.72
N HIS J 138 49.66 -7.39 17.20
CA HIS J 138 50.46 -6.51 18.05
C HIS J 138 49.64 -5.37 18.65
N LEU J 139 48.50 -5.04 18.05
CA LEU J 139 47.66 -3.97 18.58
C LEU J 139 47.22 -4.26 20.00
N GLN J 140 46.89 -5.52 20.29
CA GLN J 140 46.44 -5.92 21.62
C GLN J 140 47.58 -6.35 22.52
N LYS J 141 48.82 -6.12 22.11
CA LYS J 141 49.99 -6.49 22.91
C LYS J 141 50.34 -5.37 23.87
N LYS J 142 50.99 -5.73 24.99
CA LYS J 142 51.32 -4.75 26.01
C LYS J 142 52.55 -3.94 25.61
N TYR J 143 53.64 -4.61 25.27
CA TYR J 143 54.90 -3.92 24.99
C TYR J 143 54.93 -3.38 23.56
N VAL J 144 54.95 -4.25 22.57
CA VAL J 144 55.04 -3.85 21.16
C VAL J 144 53.62 -3.54 20.68
N LYS J 145 53.25 -2.25 20.69
CA LYS J 145 51.95 -1.82 20.22
C LYS J 145 51.99 -0.80 19.10
N VAL J 146 53.16 -0.25 18.77
CA VAL J 146 53.31 0.73 17.69
C VAL J 146 54.16 0.11 16.59
N LEU J 147 53.60 0.05 15.38
CA LEU J 147 54.29 -0.52 14.24
C LEU J 147 54.16 0.40 13.03
N MET J 148 54.97 0.13 12.02
CA MET J 148 54.89 0.77 10.71
C MET J 148 54.76 -0.32 9.65
N HIS J 149 53.76 -0.19 8.79
CA HIS J 149 53.43 -1.22 7.82
C HIS J 149 53.87 -0.80 6.42
N ASP J 150 54.37 -1.77 5.67
CA ASP J 150 54.79 -1.61 4.27
C ASP J 150 53.84 -2.45 3.43
N VAL J 151 53.02 -1.77 2.63
CA VAL J 151 52.07 -2.42 1.72
C VAL J 151 52.67 -2.41 0.32
N ALA J 152 52.92 -3.60 -0.22
CA ALA J 152 53.45 -3.74 -1.57
C ALA J 152 52.41 -4.38 -2.47
N TYR J 153 52.16 -3.74 -3.61
CA TYR J 153 51.20 -4.25 -4.59
C TYR J 153 51.82 -4.21 -5.99
N ARG J 154 51.48 -5.23 -6.78
CA ARG J 154 51.98 -5.42 -8.12
C ARG J 154 50.84 -5.86 -9.03
N GLN J 155 51.08 -5.76 -10.33
CA GLN J 155 50.11 -6.26 -11.29
C GLN J 155 50.36 -7.73 -11.58
N GLU J 156 49.33 -8.42 -12.07
CA GLU J 156 49.42 -9.84 -12.36
C GLU J 156 50.51 -10.10 -13.41
N LYS J 157 50.23 -9.78 -14.68
CA LYS J 157 51.21 -10.05 -15.72
C LYS J 157 52.39 -9.09 -15.64
N ASP J 158 52.11 -7.79 -15.66
CA ASP J 158 53.15 -6.75 -15.65
C ASP J 158 53.87 -6.67 -14.30
N GLU J 159 54.19 -7.81 -13.68
CA GLU J 159 54.83 -7.84 -12.37
C GLU J 159 56.35 -7.64 -12.42
N ASN J 160 56.82 -6.53 -12.98
CA ASN J 160 58.26 -6.34 -13.06
C ASN J 160 58.83 -5.75 -11.77
N LYS J 161 58.13 -4.78 -11.17
CA LYS J 161 58.54 -4.22 -9.88
C LYS J 161 57.33 -3.89 -9.00
N TRP J 162 57.51 -4.13 -7.70
CA TRP J 162 56.45 -3.91 -6.71
C TRP J 162 56.38 -2.44 -6.31
N THR J 163 55.16 -1.91 -6.19
CA THR J 163 54.94 -0.57 -5.64
C THR J 163 54.72 -0.67 -4.13
N HIS J 164 55.56 0.02 -3.37
CA HIS J 164 55.53 -0.02 -1.91
C HIS J 164 54.97 1.28 -1.34
N VAL J 165 54.28 1.16 -0.21
CA VAL J 165 53.67 2.30 0.49
C VAL J 165 53.87 2.12 1.99
N ASN J 166 54.48 3.11 2.65
CA ASN J 166 54.67 3.10 4.09
C ASN J 166 53.51 3.79 4.79
N LEU J 167 53.08 3.22 5.92
CA LEU J 167 51.97 3.80 6.68
C LEU J 167 52.10 3.40 8.14
N SER J 168 51.29 4.05 8.99
CA SER J 168 51.29 3.79 10.42
C SER J 168 49.99 3.20 10.94
N SER J 169 48.86 3.49 10.31
CA SER J 169 47.58 2.96 10.75
C SER J 169 47.37 1.54 10.24
N THR J 170 46.11 1.09 10.15
CA THR J 170 45.80 -0.21 9.58
C THR J 170 44.93 -0.09 8.33
N LYS J 171 44.76 1.11 7.79
CA LYS J 171 43.94 1.33 6.61
C LYS J 171 44.69 2.21 5.63
N LEU J 172 44.47 1.95 4.33
CA LEU J 172 45.11 2.70 3.27
C LEU J 172 44.08 2.95 2.17
N THR J 173 44.33 3.99 1.38
CA THR J 173 43.43 4.37 0.28
C THR J 173 44.23 4.53 -0.99
N LEU J 174 43.87 3.78 -2.03
CA LEU J 174 44.50 3.85 -3.34
C LEU J 174 43.52 4.47 -4.32
N LEU J 175 43.94 5.55 -4.98
CA LEU J 175 43.06 6.23 -5.92
C LEU J 175 42.91 5.41 -7.21
N GLN J 176 41.69 5.37 -7.75
CA GLN J 176 41.44 4.63 -8.97
C GLN J 176 42.19 5.24 -10.16
N ARG J 177 42.28 6.57 -10.20
CA ARG J 177 42.97 7.23 -11.30
C ARG J 177 44.46 6.89 -11.34
N LYS J 178 45.05 6.57 -10.19
CA LYS J 178 46.45 6.20 -10.11
C LYS J 178 46.68 4.70 -10.25
N LEU J 179 45.75 4.00 -10.92
CA LEU J 179 45.88 2.56 -11.14
C LEU J 179 45.47 2.25 -12.57
N GLN J 180 46.09 1.20 -13.13
CA GLN J 180 45.79 0.82 -14.51
C GLN J 180 44.38 0.25 -14.61
N PRO J 181 43.60 0.68 -15.58
CA PRO J 181 42.23 0.15 -15.72
C PRO J 181 42.23 -1.29 -16.19
N ALA J 182 41.18 -2.02 -15.79
CA ALA J 182 40.94 -3.39 -16.24
C ALA J 182 42.15 -4.29 -15.99
N ALA J 183 42.75 -4.15 -14.81
CA ALA J 183 43.94 -4.90 -14.44
C ALA J 183 43.73 -5.54 -13.08
N MET J 184 44.34 -6.72 -12.90
CA MET J 184 44.31 -7.42 -11.63
C MET J 184 45.57 -7.10 -10.85
N TYR J 185 45.41 -6.78 -9.57
CA TYR J 185 46.50 -6.43 -8.68
C TYR J 185 46.57 -7.43 -7.53
N GLU J 186 47.79 -7.85 -7.23
CA GLU J 186 48.12 -8.59 -6.02
C GLU J 186 48.69 -7.62 -5.00
N ILE J 187 48.40 -7.84 -3.73
CA ILE J 187 48.77 -6.91 -2.68
C ILE J 187 49.07 -7.68 -1.40
N LYS J 188 50.05 -7.19 -0.64
CA LYS J 188 50.42 -7.82 0.63
C LYS J 188 51.09 -6.77 1.50
N VAL J 189 51.33 -7.13 2.77
CA VAL J 189 51.80 -6.17 3.77
C VAL J 189 52.76 -6.84 4.74
N ARG J 190 53.75 -6.06 5.18
CA ARG J 190 54.68 -6.44 6.23
C ARG J 190 54.67 -5.35 7.30
N SER J 191 55.31 -5.64 8.44
CA SER J 191 55.33 -4.70 9.55
C SER J 191 56.73 -4.61 10.12
N ILE J 192 57.02 -3.46 10.75
CA ILE J 192 58.32 -3.21 11.35
C ILE J 192 58.09 -2.39 12.63
N PRO J 193 58.89 -2.57 13.69
CA PRO J 193 58.77 -1.71 14.87
C PRO J 193 59.08 -0.24 14.60
N ASP J 194 58.33 0.63 15.26
CA ASP J 194 58.47 2.09 15.11
C ASP J 194 58.19 2.80 16.44
N HIS J 195 58.86 2.34 17.51
CA HIS J 195 58.86 3.05 18.78
C HIS J 195 60.07 2.66 19.63
N TYR J 196 59.79 2.33 20.90
CA TYR J 196 60.83 1.87 21.81
C TYR J 196 61.56 0.66 21.24
N PHE J 197 60.83 -0.22 20.54
CA PHE J 197 61.41 -1.42 19.94
C PHE J 197 61.81 -1.14 18.49
N LYS J 198 62.92 -1.73 18.07
CA LYS J 198 63.36 -1.66 16.68
C LYS J 198 63.75 -3.04 16.17
N GLY J 199 63.77 -3.19 14.84
CA GLY J 199 64.19 -4.43 14.23
C GLY J 199 64.18 -4.46 12.71
N PHE J 200 63.55 -5.46 12.11
CA PHE J 200 63.60 -5.68 10.67
C PHE J 200 62.21 -6.09 10.19
N TRP J 201 62.11 -6.50 8.92
CA TRP J 201 60.83 -6.87 8.32
C TRP J 201 60.29 -8.18 8.88
N SER J 202 58.97 -8.24 9.02
CA SER J 202 58.23 -9.46 9.32
C SER J 202 58.10 -10.30 8.04
N GLU J 203 57.46 -11.45 8.15
CA GLU J 203 57.16 -12.25 6.97
C GLU J 203 55.99 -11.63 6.19
N TRP J 204 55.97 -11.88 4.88
CA TRP J 204 54.89 -11.36 4.05
C TRP J 204 53.55 -11.98 4.42
N SER J 205 52.54 -11.13 4.55
CA SER J 205 51.18 -11.58 4.78
C SER J 205 50.65 -12.29 3.54
N PRO J 206 49.64 -13.16 3.71
CA PRO J 206 49.00 -13.77 2.53
C PRO J 206 48.47 -12.72 1.57
N SER J 207 48.69 -12.94 0.28
CA SER J 207 48.35 -11.96 -0.73
C SER J 207 46.83 -11.87 -0.91
N TYR J 208 46.41 -10.75 -1.48
CA TYR J 208 45.01 -10.52 -1.85
C TYR J 208 44.98 -9.99 -3.28
N TYR J 209 43.86 -10.26 -3.97
CA TYR J 209 43.74 -9.95 -5.38
C TYR J 209 42.49 -9.11 -5.62
N PHE J 210 42.61 -8.09 -6.48
CA PHE J 210 41.47 -7.26 -6.79
C PHE J 210 41.60 -6.69 -8.21
N ARG J 211 40.47 -6.41 -8.83
CA ARG J 211 40.42 -5.95 -10.21
C ARG J 211 40.01 -4.48 -10.27
N THR J 212 40.18 -3.88 -11.45
CA THR J 212 39.92 -2.46 -11.64
C THR J 212 38.86 -2.24 -12.72
N PRO J 213 37.92 -1.33 -12.50
CA PRO J 213 36.91 -1.04 -13.52
C PRO J 213 37.52 -0.45 -14.80
N GLU J 214 36.76 -0.57 -15.89
CA GLU J 214 37.17 -0.05 -17.18
C GLU J 214 36.73 1.41 -17.29
N ILE J 215 37.58 2.23 -17.90
CA ILE J 215 37.25 3.64 -18.07
C ILE J 215 37.44 4.04 -19.54
N ASP K 21 -61.82 -38.47 -51.91
CA ASP K 21 -61.15 -37.26 -51.46
C ASP K 21 -59.82 -37.60 -50.79
N TYR K 22 -58.75 -36.95 -51.24
CA TYR K 22 -57.43 -37.21 -50.69
C TYR K 22 -57.24 -36.29 -49.50
N SER K 23 -56.41 -36.70 -48.56
CA SER K 23 -56.30 -35.97 -47.30
C SER K 23 -54.95 -35.25 -47.20
N PHE K 24 -54.96 -34.14 -46.48
CA PHE K 24 -53.79 -33.28 -46.38
C PHE K 24 -53.82 -32.50 -45.06
N SER K 25 -52.68 -31.88 -44.75
CA SER K 25 -52.50 -31.05 -43.57
C SER K 25 -51.68 -29.82 -43.95
N CYS K 26 -52.10 -28.65 -43.46
CA CYS K 26 -51.43 -27.40 -43.75
C CYS K 26 -51.10 -26.67 -42.45
N TYR K 27 -50.12 -25.76 -42.55
CA TYR K 27 -49.79 -24.87 -41.45
C TYR K 27 -49.18 -23.59 -42.01
N SER K 28 -49.48 -22.47 -41.36
CA SER K 28 -49.09 -21.14 -41.84
C SER K 28 -48.23 -20.46 -40.80
N GLN K 29 -46.98 -20.18 -41.16
CA GLN K 29 -46.09 -19.39 -40.32
C GLN K 29 -46.24 -17.92 -40.69
N LEU K 30 -46.68 -17.12 -39.70
CA LEU K 30 -46.98 -15.71 -39.85
C LEU K 30 -45.89 -14.84 -39.23
N GLU K 31 -45.69 -13.66 -39.82
CA GLU K 31 -44.70 -12.68 -39.36
C GLU K 31 -43.29 -13.25 -39.34
N VAL K 32 -42.98 -14.05 -40.37
CA VAL K 32 -41.66 -14.66 -40.54
C VAL K 32 -40.68 -13.63 -41.12
N ASN K 33 -40.45 -13.71 -42.44
CA ASN K 33 -39.58 -12.75 -43.12
C ASN K 33 -40.31 -11.42 -43.20
N GLY K 34 -39.97 -10.51 -42.29
CA GLY K 34 -40.68 -9.25 -42.17
C GLY K 34 -42.15 -9.50 -41.86
N SER K 35 -43.01 -9.24 -42.84
CA SER K 35 -44.43 -9.56 -42.74
C SER K 35 -44.85 -10.60 -43.76
N GLN K 36 -43.92 -11.14 -44.55
CA GLN K 36 -44.28 -12.11 -45.57
C GLN K 36 -44.61 -13.45 -44.91
N HIS K 37 -45.85 -13.87 -45.05
CA HIS K 37 -46.32 -15.11 -44.46
C HIS K 37 -45.99 -16.30 -45.38
N SER K 38 -45.97 -17.48 -44.79
CA SER K 38 -45.64 -18.71 -45.53
C SER K 38 -46.62 -19.80 -45.14
N LEU K 39 -47.43 -20.25 -46.10
CA LEU K 39 -48.41 -21.31 -45.88
C LEU K 39 -47.91 -22.58 -46.56
N THR K 40 -47.54 -23.57 -45.75
CA THR K 40 -47.02 -24.84 -46.22
C THR K 40 -48.08 -25.93 -46.08
N CYS K 41 -48.05 -26.89 -46.98
CA CYS K 41 -49.00 -28.00 -46.98
C CYS K 41 -48.30 -29.29 -47.36
N ALA K 42 -48.85 -30.40 -46.89
CA ALA K 42 -48.31 -31.73 -47.13
C ALA K 42 -49.47 -32.72 -47.08
N PHE K 43 -49.26 -33.91 -47.64
CA PHE K 43 -50.33 -34.91 -47.66
C PHE K 43 -50.29 -35.80 -46.43
N GLU K 44 -51.49 -36.11 -45.92
CA GLU K 44 -51.64 -37.06 -44.82
C GLU K 44 -51.47 -38.49 -45.33
N ASP K 45 -52.15 -38.81 -46.43
CA ASP K 45 -52.07 -40.12 -47.07
C ASP K 45 -50.62 -40.53 -47.26
N PRO K 46 -50.29 -41.82 -47.12
CA PRO K 46 -48.89 -42.24 -47.24
C PRO K 46 -48.34 -42.19 -48.66
N ASP K 47 -48.99 -42.86 -49.61
CA ASP K 47 -48.54 -42.92 -50.99
C ASP K 47 -49.42 -42.06 -51.89
N VAL K 48 -48.82 -41.10 -52.58
CA VAL K 48 -49.50 -40.16 -53.46
C VAL K 48 -48.58 -39.85 -54.64
N ASN K 49 -48.21 -40.87 -55.40
CA ASN K 49 -47.32 -40.71 -56.55
C ASN K 49 -48.09 -40.08 -57.71
N THR K 50 -48.05 -38.75 -57.79
CA THR K 50 -48.69 -37.99 -58.86
C THR K 50 -47.65 -37.58 -59.89
N THR K 51 -47.82 -38.05 -61.12
CA THR K 51 -46.88 -37.73 -62.21
C THR K 51 -46.98 -36.26 -62.59
N PHE K 55 -50.69 -28.45 -56.20
CA PHE K 55 -51.69 -28.20 -55.16
C PHE K 55 -52.04 -26.71 -55.16
N GLU K 56 -53.34 -26.40 -55.04
CA GLU K 56 -53.83 -25.04 -55.17
C GLU K 56 -54.71 -24.65 -53.99
N ILE K 57 -54.51 -23.44 -53.46
CA ILE K 57 -55.32 -22.89 -52.39
C ILE K 57 -55.82 -21.50 -52.78
N CYS K 58 -57.13 -21.29 -52.74
CA CYS K 58 -57.76 -20.00 -52.98
C CYS K 58 -58.36 -19.50 -51.67
N GLY K 59 -59.38 -18.66 -51.74
CA GLY K 59 -60.03 -18.13 -50.57
C GLY K 59 -59.79 -16.65 -50.38
N ALA K 60 -60.22 -16.16 -49.22
CA ALA K 60 -60.12 -14.73 -48.88
C ALA K 60 -58.66 -14.33 -48.73
N LEU K 61 -58.24 -13.34 -49.50
CA LEU K 61 -56.88 -12.81 -49.42
C LEU K 61 -56.95 -11.30 -49.55
N VAL K 62 -55.81 -10.68 -49.86
CA VAL K 62 -55.69 -9.23 -50.00
C VAL K 62 -54.80 -8.97 -51.20
N GLU K 63 -55.33 -8.25 -52.20
CA GLU K 63 -54.70 -7.86 -53.44
C GLU K 63 -54.62 -9.02 -54.43
N VAL K 64 -54.89 -10.25 -53.99
CA VAL K 64 -54.84 -11.45 -54.83
C VAL K 64 -56.12 -12.23 -54.58
N LYS K 65 -56.54 -13.00 -55.59
CA LYS K 65 -57.73 -13.83 -55.48
C LYS K 65 -57.36 -15.30 -55.30
N CYS K 66 -56.38 -15.77 -56.04
CA CYS K 66 -55.86 -17.11 -55.87
C CYS K 66 -54.44 -17.14 -56.41
N LEU K 67 -53.58 -17.88 -55.73
CA LEU K 67 -52.17 -17.92 -56.04
C LEU K 67 -51.72 -19.36 -56.19
N ASN K 68 -50.68 -19.56 -56.98
CA ASN K 68 -50.20 -20.89 -57.33
C ASN K 68 -49.02 -21.25 -56.45
N PHE K 69 -49.12 -22.39 -55.78
CA PHE K 69 -48.06 -22.86 -54.89
C PHE K 69 -46.81 -23.18 -55.71
N ARG K 70 -45.68 -23.27 -55.02
CA ARG K 70 -44.44 -23.74 -55.64
C ARG K 70 -44.29 -25.22 -55.32
N LYS K 71 -43.75 -25.98 -56.28
CA LYS K 71 -43.70 -27.43 -56.15
C LYS K 71 -42.26 -27.91 -56.09
N LEU K 72 -41.90 -28.54 -54.98
CA LEU K 72 -40.62 -29.22 -54.82
C LEU K 72 -40.82 -30.32 -53.79
N GLN K 73 -40.55 -31.57 -54.18
CA GLN K 73 -40.74 -32.74 -53.30
C GLN K 73 -42.21 -32.78 -52.88
N GLU K 74 -42.53 -32.75 -51.59
CA GLU K 74 -43.92 -32.84 -51.12
C GLU K 74 -44.26 -31.71 -50.15
N ILE K 75 -43.85 -30.48 -50.47
CA ILE K 75 -44.17 -29.31 -49.64
C ILE K 75 -44.46 -28.14 -50.58
N TYR K 76 -45.50 -27.37 -50.27
CA TYR K 76 -45.92 -26.25 -51.11
C TYR K 76 -46.08 -24.98 -50.28
N PHE K 77 -45.29 -23.96 -50.58
CA PHE K 77 -45.38 -22.68 -49.88
C PHE K 77 -45.10 -21.53 -50.85
N ILE K 78 -45.60 -20.34 -50.50
CA ILE K 78 -45.26 -19.09 -51.18
C ILE K 78 -44.87 -18.04 -50.16
N GLU K 79 -43.91 -17.20 -50.52
CA GLU K 79 -43.48 -16.08 -49.70
C GLU K 79 -43.89 -14.79 -50.40
N THR K 80 -44.93 -14.14 -49.86
CA THR K 80 -45.48 -12.91 -50.43
C THR K 80 -45.98 -12.06 -49.28
N LYS K 81 -46.04 -10.75 -49.49
CA LYS K 81 -46.46 -9.83 -48.44
C LYS K 81 -47.95 -9.53 -48.45
N LYS K 82 -48.60 -9.62 -49.61
CA LYS K 82 -50.03 -9.30 -49.73
C LYS K 82 -50.82 -10.50 -49.21
N PHE K 83 -51.14 -10.47 -47.90
CA PHE K 83 -51.89 -11.54 -47.28
C PHE K 83 -52.94 -10.95 -46.34
N LEU K 84 -54.13 -11.56 -46.36
CA LEU K 84 -55.22 -11.18 -45.46
C LEU K 84 -55.28 -12.14 -44.29
N LEU K 85 -55.22 -11.59 -43.08
CA LEU K 85 -55.35 -12.37 -41.85
C LEU K 85 -56.80 -12.57 -41.43
N ILE K 86 -57.73 -11.80 -42.00
CA ILE K 86 -59.13 -11.84 -41.62
C ILE K 86 -59.93 -12.55 -42.69
N GLY K 87 -60.71 -13.53 -42.28
CA GLY K 87 -61.58 -14.27 -43.18
C GLY K 87 -61.11 -15.69 -43.40
N LYS K 88 -62.07 -16.61 -43.52
CA LYS K 88 -61.75 -17.99 -43.81
C LYS K 88 -61.45 -18.15 -45.29
N SER K 89 -60.78 -19.24 -45.64
CA SER K 89 -60.40 -19.51 -47.02
C SER K 89 -60.67 -20.97 -47.35
N ASN K 90 -61.18 -21.18 -48.57
CA ASN K 90 -61.39 -22.53 -49.10
C ASN K 90 -60.12 -22.97 -49.81
N ILE K 91 -59.50 -24.04 -49.31
CA ILE K 91 -58.33 -24.63 -49.93
C ILE K 91 -58.78 -25.87 -50.70
N CYS K 92 -58.68 -25.82 -52.03
CA CYS K 92 -59.11 -26.93 -52.88
C CYS K 92 -57.94 -27.41 -53.71
N VAL K 93 -57.65 -28.69 -53.61
CA VAL K 93 -56.55 -29.37 -54.28
C VAL K 93 -56.91 -29.69 -55.72
N LYS K 94 -55.96 -29.44 -56.63
CA LYS K 94 -56.18 -29.67 -58.05
C LYS K 94 -55.20 -30.75 -58.54
N SER K 99 -60.41 -29.88 -59.71
CA SER K 99 -60.63 -29.79 -58.26
C SER K 99 -60.75 -31.18 -57.65
N LEU K 100 -59.86 -31.50 -56.71
CA LEU K 100 -59.88 -32.77 -55.99
C LEU K 100 -60.60 -32.71 -54.66
N THR K 101 -60.07 -31.95 -53.69
CA THR K 101 -60.57 -31.90 -52.32
C THR K 101 -60.61 -30.48 -51.80
N CYS K 102 -61.62 -30.18 -50.98
CA CYS K 102 -61.73 -28.84 -50.41
C CYS K 102 -61.75 -28.89 -48.89
N LYS K 103 -61.24 -27.83 -48.27
CA LYS K 103 -61.25 -27.65 -46.83
C LYS K 103 -61.40 -26.16 -46.52
N LYS K 104 -62.39 -25.80 -45.71
CA LYS K 104 -62.62 -24.41 -45.32
C LYS K 104 -61.88 -24.14 -44.01
N ILE K 105 -60.71 -23.51 -44.10
CA ILE K 105 -59.87 -23.29 -42.93
C ILE K 105 -59.60 -21.79 -42.77
N ASP K 106 -59.38 -21.39 -41.52
CA ASP K 106 -59.05 -20.02 -41.19
C ASP K 106 -57.53 -19.83 -41.14
N LEU K 107 -57.06 -18.71 -41.69
CA LEU K 107 -55.63 -18.45 -41.71
C LEU K 107 -55.06 -18.23 -40.31
N THR K 108 -55.90 -17.83 -39.35
CA THR K 108 -55.46 -17.60 -37.98
C THR K 108 -55.62 -18.83 -37.09
N THR K 109 -56.09 -19.96 -37.65
CA THR K 109 -56.26 -21.19 -36.89
C THR K 109 -55.30 -22.29 -37.33
N ILE K 110 -54.27 -21.94 -38.10
CA ILE K 110 -53.29 -22.92 -38.57
C ILE K 110 -51.90 -22.33 -38.43
N VAL K 111 -51.68 -21.56 -37.37
CA VAL K 111 -50.44 -20.81 -37.16
C VAL K 111 -49.40 -21.73 -36.51
N LYS K 112 -48.18 -21.67 -37.04
CA LYS K 112 -47.06 -22.41 -36.44
C LYS K 112 -45.99 -21.43 -35.98
N PRO K 113 -45.78 -21.26 -34.68
CA PRO K 113 -44.76 -20.31 -34.22
C PRO K 113 -43.36 -20.76 -34.61
N GLU K 114 -42.43 -19.81 -34.56
CA GLU K 114 -41.03 -20.12 -34.77
C GLU K 114 -40.45 -20.73 -33.50
N ALA K 115 -39.57 -21.71 -33.68
CA ALA K 115 -38.99 -22.40 -32.53
C ALA K 115 -38.16 -21.42 -31.69
N PRO K 116 -38.28 -21.45 -30.37
CA PRO K 116 -37.43 -20.62 -29.52
C PRO K 116 -35.96 -20.97 -29.71
N PHE K 117 -35.10 -20.12 -29.17
CA PHE K 117 -33.66 -20.27 -29.36
C PHE K 117 -32.95 -19.65 -28.16
N ASP K 118 -31.62 -19.82 -28.13
CA ASP K 118 -30.76 -19.29 -27.08
C ASP K 118 -31.19 -19.79 -25.70
N LEU K 119 -31.46 -21.10 -25.62
CA LEU K 119 -31.81 -21.71 -24.35
C LEU K 119 -30.59 -21.81 -23.45
N SER K 120 -30.80 -21.53 -22.16
CA SER K 120 -29.70 -21.48 -21.22
C SER K 120 -30.20 -21.81 -19.82
N VAL K 121 -29.35 -22.47 -19.04
CA VAL K 121 -29.62 -22.80 -17.64
C VAL K 121 -28.44 -22.34 -16.81
N VAL K 122 -28.70 -21.64 -15.72
CA VAL K 122 -27.66 -21.09 -14.85
C VAL K 122 -27.96 -21.45 -13.40
N TYR K 123 -26.98 -22.05 -12.74
CA TYR K 123 -27.13 -22.42 -11.33
C TYR K 123 -26.73 -21.26 -10.44
N ARG K 124 -27.61 -20.89 -9.50
CA ARG K 124 -27.34 -19.84 -8.53
C ARG K 124 -26.97 -20.49 -7.20
N GLU K 125 -25.69 -20.43 -6.84
CA GLU K 125 -25.21 -21.10 -5.64
C GLU K 125 -25.91 -20.57 -4.39
N GLY K 126 -26.22 -19.28 -4.35
CA GLY K 126 -26.82 -18.72 -3.15
C GLY K 126 -28.24 -19.22 -2.91
N ALA K 127 -29.06 -19.22 -3.95
CA ALA K 127 -30.47 -19.59 -3.81
C ALA K 127 -30.71 -21.09 -3.99
N ASN K 128 -29.69 -21.85 -4.41
CA ASN K 128 -29.83 -23.28 -4.66
C ASN K 128 -30.96 -23.55 -5.66
N ASP K 129 -30.80 -22.99 -6.86
CA ASP K 129 -31.80 -23.18 -7.90
C ASP K 129 -31.14 -22.99 -9.27
N PHE K 130 -31.92 -23.24 -10.31
CA PHE K 130 -31.48 -23.12 -11.69
C PHE K 130 -32.45 -22.21 -12.44
N VAL K 131 -31.93 -21.14 -13.03
CA VAL K 131 -32.72 -20.22 -13.84
C VAL K 131 -32.60 -20.64 -15.30
N VAL K 132 -33.73 -20.91 -15.94
CA VAL K 132 -33.80 -21.29 -17.35
C VAL K 132 -34.34 -20.11 -18.13
N THR K 133 -33.63 -19.75 -19.22
CA THR K 133 -33.98 -18.60 -20.04
C THR K 133 -33.94 -18.97 -21.52
N PHE K 134 -34.81 -18.34 -22.30
CA PHE K 134 -34.84 -18.52 -23.74
C PHE K 134 -35.40 -17.27 -24.39
N ASN K 135 -35.31 -17.22 -25.73
CA ASN K 135 -35.75 -16.09 -26.53
C ASN K 135 -36.64 -16.60 -27.66
N THR K 136 -37.47 -15.70 -28.20
CA THR K 136 -38.34 -16.05 -29.31
C THR K 136 -38.57 -14.79 -30.15
N SER K 137 -38.36 -14.91 -31.45
CA SER K 137 -38.52 -13.77 -32.37
C SER K 137 -39.95 -13.26 -32.45
N HIS K 138 -40.92 -13.97 -31.88
CA HIS K 138 -42.32 -13.54 -31.95
C HIS K 138 -42.64 -12.42 -30.98
N LEU K 139 -41.83 -12.21 -29.95
CA LEU K 139 -42.08 -11.14 -28.98
C LEU K 139 -42.15 -9.79 -29.69
N GLN K 140 -41.31 -9.56 -30.69
CA GLN K 140 -41.28 -8.32 -31.42
C GLN K 140 -42.21 -8.34 -32.64
N LYS K 141 -43.05 -9.35 -32.77
CA LYS K 141 -43.96 -9.46 -33.90
C LYS K 141 -45.28 -8.74 -33.61
N LYS K 142 -45.93 -8.30 -34.68
CA LYS K 142 -47.16 -7.52 -34.54
C LYS K 142 -48.36 -8.40 -34.22
N TYR K 143 -48.60 -9.44 -35.03
CA TYR K 143 -49.80 -10.25 -34.89
C TYR K 143 -49.65 -11.28 -33.77
N VAL K 144 -48.80 -12.27 -33.96
CA VAL K 144 -48.61 -13.32 -32.97
C VAL K 144 -47.57 -12.82 -31.96
N LYS K 145 -48.05 -12.25 -30.86
CA LYS K 145 -47.19 -11.73 -29.81
C LYS K 145 -47.46 -12.35 -28.45
N VAL K 146 -48.51 -13.15 -28.30
CA VAL K 146 -48.83 -13.83 -27.06
C VAL K 146 -48.65 -15.32 -27.29
N LEU K 147 -47.77 -15.95 -26.51
CA LEU K 147 -47.49 -17.36 -26.67
C LEU K 147 -47.51 -18.02 -25.29
N MET K 148 -47.60 -19.34 -25.30
CA MET K 148 -47.43 -20.17 -24.12
C MET K 148 -46.36 -21.20 -24.41
N HIS K 149 -45.35 -21.29 -23.55
CA HIS K 149 -44.20 -22.15 -23.80
C HIS K 149 -44.23 -23.37 -22.88
N ASP K 150 -43.81 -24.50 -23.43
CA ASP K 150 -43.71 -25.76 -22.70
C ASP K 150 -42.24 -26.14 -22.60
N VAL K 151 -41.70 -26.11 -21.38
CA VAL K 151 -40.33 -26.52 -21.11
C VAL K 151 -40.33 -27.95 -20.60
N ALA K 152 -39.69 -28.84 -21.34
CA ALA K 152 -39.58 -30.23 -20.96
C ALA K 152 -38.12 -30.54 -20.65
N TYR K 153 -37.87 -31.13 -19.49
CA TYR K 153 -36.52 -31.52 -19.10
C TYR K 153 -36.55 -32.94 -18.57
N ARG K 154 -35.49 -33.69 -18.88
CA ARG K 154 -35.39 -35.08 -18.50
C ARG K 154 -33.98 -35.37 -18.01
N GLN K 155 -33.85 -36.47 -17.26
CA GLN K 155 -32.54 -36.92 -16.83
C GLN K 155 -31.97 -37.89 -17.86
N GLU K 156 -30.64 -38.02 -17.84
CA GLU K 156 -29.95 -38.90 -18.78
C GLU K 156 -30.45 -40.34 -18.67
N LYS K 157 -30.66 -40.82 -17.43
CA LYS K 157 -31.02 -42.21 -17.21
C LYS K 157 -32.40 -42.58 -17.77
N ASP K 158 -33.40 -41.73 -17.54
CA ASP K 158 -34.77 -42.06 -17.91
C ASP K 158 -34.96 -42.25 -19.41
N GLU K 159 -35.53 -43.40 -19.78
CA GLU K 159 -35.81 -43.76 -21.17
C GLU K 159 -37.10 -43.10 -21.61
N ASN K 160 -36.96 -41.90 -22.19
CA ASN K 160 -38.07 -41.10 -22.71
C ASN K 160 -39.15 -40.81 -21.65
N LYS K 161 -38.71 -40.24 -20.53
CA LYS K 161 -39.64 -39.67 -19.56
C LYS K 161 -39.25 -38.20 -19.40
N TRP K 162 -40.24 -37.31 -19.51
CA TRP K 162 -40.00 -35.88 -19.49
C TRP K 162 -40.86 -35.20 -18.44
N THR K 163 -40.25 -34.29 -17.67
CA THR K 163 -40.99 -33.39 -16.80
C THR K 163 -41.31 -32.12 -17.57
N HIS K 164 -42.60 -31.81 -17.71
CA HIS K 164 -43.07 -30.68 -18.49
C HIS K 164 -43.57 -29.56 -17.58
N VAL K 165 -43.38 -28.32 -18.02
CA VAL K 165 -43.83 -27.14 -17.30
C VAL K 165 -44.36 -26.13 -18.32
N ASN K 166 -45.60 -25.70 -18.16
CA ASN K 166 -46.18 -24.66 -18.99
C ASN K 166 -45.92 -23.30 -18.37
N LEU K 167 -45.65 -22.30 -19.22
CA LEU K 167 -45.32 -20.98 -18.72
C LEU K 167 -45.77 -19.93 -19.73
N SER K 168 -45.80 -18.68 -19.26
CA SER K 168 -46.17 -17.52 -20.06
C SER K 168 -45.03 -16.53 -20.23
N SER K 169 -44.12 -16.43 -19.26
CA SER K 169 -43.00 -15.50 -19.34
C SER K 169 -41.89 -16.10 -20.20
N THR K 170 -40.66 -15.61 -20.04
CA THR K 170 -39.51 -16.18 -20.74
C THR K 170 -38.45 -16.71 -19.78
N LYS K 171 -38.74 -16.78 -18.48
CA LYS K 171 -37.81 -17.26 -17.49
C LYS K 171 -38.50 -18.24 -16.55
N LEU K 172 -37.73 -19.23 -16.09
CA LEU K 172 -38.25 -20.24 -15.17
C LEU K 172 -37.21 -20.51 -14.10
N THR K 173 -37.68 -21.00 -12.94
CA THR K 173 -36.80 -21.31 -11.82
C THR K 173 -37.10 -22.72 -11.34
N LEU K 174 -36.08 -23.56 -11.31
CA LEU K 174 -36.20 -24.94 -10.84
C LEU K 174 -35.45 -25.06 -9.52
N LEU K 175 -36.14 -25.52 -8.49
CA LEU K 175 -35.53 -25.64 -7.17
C LEU K 175 -34.57 -26.82 -7.12
N GLN K 176 -33.44 -26.62 -6.44
CA GLN K 176 -32.44 -27.68 -6.32
C GLN K 176 -32.98 -28.87 -5.53
N ARG K 177 -33.79 -28.60 -4.50
CA ARG K 177 -34.33 -29.68 -3.70
C ARG K 177 -35.30 -30.54 -4.51
N LYS K 178 -35.94 -29.98 -5.53
CA LYS K 178 -36.85 -30.71 -6.40
C LYS K 178 -36.14 -31.30 -7.61
N LEU K 179 -34.83 -31.53 -7.51
CA LEU K 179 -34.05 -32.14 -8.58
C LEU K 179 -33.10 -33.16 -7.97
N GLN K 180 -32.81 -34.20 -8.73
CA GLN K 180 -31.94 -35.26 -8.22
C GLN K 180 -30.51 -34.75 -8.10
N PRO K 181 -29.84 -34.98 -6.97
CA PRO K 181 -28.46 -34.51 -6.83
C PRO K 181 -27.51 -35.31 -7.70
N ALA K 182 -26.42 -34.65 -8.12
CA ALA K 182 -25.35 -35.28 -8.90
C ALA K 182 -25.90 -35.93 -10.16
N ALA K 183 -26.81 -35.24 -10.84
CA ALA K 183 -27.46 -35.75 -12.03
C ALA K 183 -27.40 -34.70 -13.14
N MET K 184 -27.30 -35.19 -14.38
CA MET K 184 -27.32 -34.34 -15.56
C MET K 184 -28.72 -34.30 -16.16
N TYR K 185 -29.17 -33.10 -16.51
CA TYR K 185 -30.49 -32.88 -17.09
C TYR K 185 -30.34 -32.26 -18.48
N GLU K 186 -31.12 -32.78 -19.43
CA GLU K 186 -31.33 -32.18 -20.74
C GLU K 186 -32.66 -31.43 -20.72
N ILE K 187 -32.73 -30.32 -21.44
CA ILE K 187 -33.89 -29.44 -21.38
C ILE K 187 -34.13 -28.78 -22.73
N LYS K 188 -35.40 -28.57 -23.07
CA LYS K 188 -35.80 -27.92 -24.31
C LYS K 188 -37.19 -27.30 -24.14
N VAL K 189 -37.62 -26.54 -25.15
CA VAL K 189 -38.82 -25.70 -25.06
C VAL K 189 -39.59 -25.65 -26.38
N ARG K 190 -40.92 -25.58 -26.28
CA ARG K 190 -41.84 -25.37 -27.40
C ARG K 190 -42.78 -24.19 -27.12
N SER K 191 -43.54 -23.77 -28.13
CA SER K 191 -44.43 -22.62 -28.02
C SER K 191 -45.75 -22.85 -28.75
N ILE K 192 -46.77 -22.11 -28.32
CA ILE K 192 -48.09 -22.11 -28.98
C ILE K 192 -48.67 -20.73 -28.97
N PRO K 193 -49.45 -20.36 -29.98
CA PRO K 193 -50.33 -19.21 -29.82
C PRO K 193 -51.33 -19.55 -28.73
N ASP K 194 -51.62 -18.58 -27.87
CA ASP K 194 -52.55 -18.81 -26.76
C ASP K 194 -53.29 -17.50 -26.51
N HIS K 195 -53.85 -16.95 -27.58
CA HIS K 195 -54.65 -15.75 -27.53
C HIS K 195 -55.66 -15.79 -28.67
N TYR K 196 -55.76 -14.68 -29.40
CA TYR K 196 -56.62 -14.63 -30.58
C TYR K 196 -56.27 -15.74 -31.58
N PHE K 197 -54.98 -16.04 -31.73
CA PHE K 197 -54.54 -17.00 -32.73
C PHE K 197 -54.46 -18.41 -32.16
N LYS K 198 -54.79 -19.39 -33.00
CA LYS K 198 -54.64 -20.80 -32.69
C LYS K 198 -53.89 -21.45 -33.85
N GLY K 199 -53.29 -22.61 -33.58
CA GLY K 199 -52.52 -23.29 -34.61
C GLY K 199 -51.89 -24.58 -34.15
N PHE K 200 -50.55 -24.65 -34.23
CA PHE K 200 -49.81 -25.85 -33.89
C PHE K 200 -48.67 -25.49 -32.96
N TRP K 201 -48.07 -26.53 -32.39
CA TRP K 201 -46.87 -26.37 -31.57
C TRP K 201 -45.66 -26.23 -32.48
N SER K 202 -44.69 -25.42 -32.06
CA SER K 202 -43.44 -25.26 -32.80
C SER K 202 -42.53 -26.48 -32.63
N GLU K 203 -41.39 -26.42 -33.30
CA GLU K 203 -40.35 -27.44 -33.19
C GLU K 203 -39.58 -27.26 -31.89
N TRP K 204 -39.01 -28.37 -31.41
CA TRP K 204 -38.20 -28.33 -30.20
C TRP K 204 -36.95 -27.48 -30.43
N SER K 205 -36.67 -26.58 -29.49
CA SER K 205 -35.44 -25.82 -29.53
C SER K 205 -34.24 -26.73 -29.31
N PRO K 206 -33.05 -26.31 -29.74
CA PRO K 206 -31.84 -27.09 -29.42
C PRO K 206 -31.71 -27.29 -27.93
N SER K 207 -31.38 -28.52 -27.54
CA SER K 207 -31.36 -28.87 -26.13
C SER K 207 -30.20 -28.21 -25.40
N TYR K 208 -30.32 -28.13 -24.08
CA TYR K 208 -29.26 -27.63 -23.21
C TYR K 208 -29.08 -28.63 -22.08
N TYR K 209 -27.85 -28.69 -21.56
CA TYR K 209 -27.47 -29.71 -20.58
C TYR K 209 -26.85 -29.04 -19.36
N PHE K 210 -27.22 -29.53 -18.18
CA PHE K 210 -26.66 -28.97 -16.96
C PHE K 210 -26.62 -30.01 -15.85
N ARG K 211 -25.69 -29.83 -14.92
CA ARG K 211 -25.49 -30.77 -13.83
C ARG K 211 -25.94 -30.14 -12.51
N THR K 212 -26.05 -30.99 -11.49
CA THR K 212 -26.52 -30.66 -10.15
C THR K 212 -25.44 -31.01 -9.12
N PRO K 213 -25.22 -30.18 -8.11
CA PRO K 213 -24.20 -30.50 -7.11
C PRO K 213 -24.49 -31.80 -6.37
N GLU K 214 -23.42 -32.41 -5.86
CA GLU K 214 -23.49 -33.70 -5.18
C GLU K 214 -23.77 -33.54 -3.68
N ILE K 215 -24.95 -33.00 -3.38
CA ILE K 215 -25.39 -32.79 -1.99
C ILE K 215 -24.35 -32.05 -1.16
N ASP L 1 6.50 35.93 -34.86
CA ASP L 1 6.27 35.74 -33.43
C ASP L 1 7.02 34.52 -32.93
N ILE L 2 7.41 34.55 -31.65
CA ILE L 2 8.07 33.43 -31.01
C ILE L 2 7.02 32.59 -30.28
N VAL L 3 6.88 31.33 -30.67
CA VAL L 3 5.86 30.45 -30.12
C VAL L 3 6.45 29.68 -28.93
N MET L 4 5.79 29.77 -27.79
CA MET L 4 6.16 29.00 -26.61
C MET L 4 5.22 27.81 -26.47
N THR L 5 5.78 26.62 -26.34
CA THR L 5 5.01 25.37 -26.30
C THR L 5 5.38 24.62 -25.03
N GLN L 6 4.37 24.33 -24.20
CA GLN L 6 4.54 23.50 -23.02
C GLN L 6 4.09 22.09 -23.37
N SER L 7 4.99 21.12 -23.18
CA SER L 7 4.78 19.77 -23.69
C SER L 7 3.48 19.17 -23.15
N HIS L 8 3.29 19.24 -21.84
CA HIS L 8 2.14 18.59 -21.20
C HIS L 8 1.15 19.65 -20.75
N LYS L 9 -0.12 19.44 -21.10
CA LYS L 9 -1.20 20.32 -20.68
C LYS L 9 -1.68 19.99 -19.27
N PHE L 10 -1.57 18.73 -18.86
CA PHE L 10 -1.94 18.29 -17.52
C PHE L 10 -0.82 17.43 -16.95
N MET L 11 -0.57 17.58 -15.65
CA MET L 11 0.41 16.76 -14.96
C MET L 11 -0.14 16.35 -13.60
N SER L 12 0.07 15.09 -13.25
CA SER L 12 -0.35 14.55 -11.97
C SER L 12 0.86 14.22 -11.13
N THR L 13 0.77 14.51 -9.83
CA THR L 13 1.89 14.26 -8.94
C THR L 13 1.41 14.00 -7.53
N LEU L 14 2.23 13.32 -6.75
CA LEU L 14 1.98 13.08 -5.35
C LEU L 14 2.57 14.21 -4.51
N VAL L 15 2.01 14.41 -3.32
CA VAL L 15 2.54 15.41 -2.41
C VAL L 15 3.90 14.96 -1.89
N GLY L 16 4.84 15.88 -1.83
CA GLY L 16 6.21 15.56 -1.46
C GLY L 16 7.08 15.07 -2.59
N ASP L 17 6.53 14.94 -3.80
CA ASP L 17 7.26 14.44 -4.94
C ASP L 17 7.82 15.62 -5.74
N ARG L 18 8.69 15.31 -6.70
CA ARG L 18 9.24 16.33 -7.59
C ARG L 18 8.38 16.45 -8.85
N VAL L 19 8.44 17.62 -9.47
CA VAL L 19 7.74 17.86 -10.74
C VAL L 19 8.61 18.79 -11.59
N SER L 20 8.68 18.50 -12.88
CA SER L 20 9.46 19.31 -13.82
C SER L 20 8.61 19.52 -15.07
N ILE L 21 8.17 20.74 -15.28
CA ILE L 21 7.43 21.13 -16.48
C ILE L 21 8.43 21.70 -17.48
N THR L 22 8.28 21.30 -18.74
CA THR L 22 9.18 21.74 -19.79
C THR L 22 8.48 22.75 -20.69
N CYS L 23 9.28 23.62 -21.31
CA CYS L 23 8.77 24.67 -22.19
C CYS L 23 9.81 24.92 -23.26
N LYS L 24 9.37 24.85 -24.51
CA LYS L 24 10.24 24.97 -25.67
C LYS L 24 9.85 26.19 -26.49
N ALA L 25 10.84 26.93 -26.94
CA ALA L 25 10.63 28.13 -27.74
C ALA L 25 10.90 27.82 -29.21
N SER L 26 10.12 28.43 -30.10
CA SER L 26 10.32 28.21 -31.52
C SER L 26 11.63 28.79 -32.02
N GLN L 27 12.17 29.79 -31.34
CA GLN L 27 13.44 30.41 -31.68
C GLN L 27 14.27 30.57 -30.42
N ASP L 28 15.53 30.93 -30.61
CA ASP L 28 16.40 31.19 -29.46
C ASP L 28 15.94 32.43 -28.73
N VAL L 29 15.72 32.31 -27.42
CA VAL L 29 15.32 33.41 -26.57
C VAL L 29 16.30 33.60 -25.42
N SER L 30 17.54 33.16 -25.62
CA SER L 30 18.61 33.26 -24.62
C SER L 30 18.17 32.66 -23.30
N THR L 31 18.48 33.33 -22.20
CA THR L 31 18.07 32.89 -20.87
C THR L 31 16.93 33.73 -20.31
N THR L 32 16.20 34.43 -21.17
CA THR L 32 15.15 35.34 -20.71
C THR L 32 13.79 34.66 -20.86
N VAL L 33 13.47 33.80 -19.90
CA VAL L 33 12.17 33.14 -19.81
C VAL L 33 11.70 33.21 -18.36
N ALA L 34 10.43 33.57 -18.17
CA ALA L 34 9.82 33.70 -16.86
C ALA L 34 8.76 32.61 -16.69
N TRP L 35 8.47 32.31 -15.43
CA TRP L 35 7.49 31.31 -15.04
C TRP L 35 6.51 31.92 -14.04
N TYR L 36 5.22 31.82 -14.37
CA TYR L 36 4.12 32.30 -13.55
C TYR L 36 3.28 31.15 -13.03
N GLN L 37 2.66 31.37 -11.88
CA GLN L 37 1.79 30.40 -11.22
C GLN L 37 0.42 31.03 -11.00
N GLN L 38 -0.63 30.39 -11.53
CA GLN L 38 -1.99 30.87 -11.38
C GLN L 38 -2.82 29.82 -10.64
N LYS L 39 -3.14 30.08 -9.39
CA LYS L 39 -3.98 29.19 -8.61
C LYS L 39 -5.45 29.41 -8.93
N PRO L 40 -6.32 28.46 -8.59
CA PRO L 40 -7.75 28.62 -8.92
C PRO L 40 -8.35 29.88 -8.33
N GLY L 41 -9.00 30.66 -9.20
CA GLY L 41 -9.66 31.88 -8.79
C GLY L 41 -8.75 33.05 -8.49
N GLN L 42 -7.47 32.96 -8.86
CA GLN L 42 -6.50 34.00 -8.59
C GLN L 42 -5.86 34.47 -9.89
N SER L 43 -5.09 35.54 -9.79
CA SER L 43 -4.33 36.08 -10.90
C SER L 43 -2.98 35.38 -11.00
N PRO L 44 -2.34 35.42 -12.18
CA PRO L 44 -1.00 34.81 -12.29
C PRO L 44 -0.02 35.49 -11.35
N LYS L 45 0.82 34.66 -10.72
CA LYS L 45 1.84 35.13 -9.80
C LYS L 45 3.21 34.84 -10.39
N LEU L 46 4.02 35.89 -10.53
CA LEU L 46 5.38 35.73 -11.05
C LEU L 46 6.22 34.94 -10.06
N LEU L 47 6.72 33.78 -10.49
CA LEU L 47 7.60 32.97 -9.65
C LEU L 47 9.06 33.08 -10.06
N ILE L 48 9.37 33.03 -11.35
CA ILE L 48 10.75 33.00 -11.81
C ILE L 48 10.92 33.93 -12.99
N TYR L 49 12.08 34.59 -13.07
CA TYR L 49 12.44 35.39 -14.23
C TYR L 49 13.86 35.04 -14.65
N SER L 50 14.18 35.37 -15.90
CA SER L 50 15.51 35.12 -16.46
C SER L 50 15.93 33.67 -16.28
N ALA L 51 14.99 32.76 -16.54
CA ALA L 51 15.21 31.31 -16.60
C ALA L 51 15.46 30.67 -15.24
N SER L 52 16.34 31.25 -14.42
CA SER L 52 16.73 30.62 -13.16
C SER L 52 16.64 31.52 -11.95
N TYR L 53 16.29 32.80 -12.11
CA TYR L 53 16.26 33.73 -10.99
C TYR L 53 14.89 33.72 -10.33
N ARG L 54 14.87 33.55 -9.01
CA ARG L 54 13.64 33.51 -8.24
C ARG L 54 13.20 34.91 -7.87
N TYR L 55 11.92 35.21 -8.09
CA TYR L 55 11.37 36.48 -7.67
C TYR L 55 11.34 36.56 -6.15
N THR L 56 11.27 37.78 -5.62
CA THR L 56 11.31 37.99 -4.19
C THR L 56 10.14 37.28 -3.51
N GLY L 57 10.42 36.66 -2.36
CA GLY L 57 9.41 35.97 -1.59
C GLY L 57 9.03 34.60 -2.07
N VAL L 58 9.62 34.12 -3.17
CA VAL L 58 9.28 32.80 -3.70
C VAL L 58 10.03 31.74 -2.89
N PRO L 59 9.37 30.65 -2.49
CA PRO L 59 10.06 29.59 -1.74
C PRO L 59 11.20 28.99 -2.55
N ASP L 60 12.15 28.39 -1.81
CA ASP L 60 13.34 27.82 -2.45
C ASP L 60 13.02 26.58 -3.27
N ARG L 61 11.91 25.91 -2.99
CA ARG L 61 11.55 24.69 -3.70
C ARG L 61 11.15 24.93 -5.16
N PHE L 62 10.91 26.18 -5.55
CA PHE L 62 10.67 26.51 -6.95
C PHE L 62 11.99 26.89 -7.60
N THR L 63 12.32 26.23 -8.71
CA THR L 63 13.57 26.49 -9.42
C THR L 63 13.30 26.49 -10.92
N GLY L 64 14.26 27.03 -11.66
CA GLY L 64 14.16 27.07 -13.11
C GLY L 64 15.51 26.89 -13.74
N SER L 65 15.52 26.34 -14.95
CA SER L 65 16.76 26.17 -15.70
C SER L 65 16.45 26.22 -17.19
N GLY L 66 17.50 26.27 -17.99
CA GLY L 66 17.38 26.22 -19.43
C GLY L 66 17.99 27.44 -20.10
N SER L 67 18.06 27.35 -21.43
CA SER L 67 18.65 28.40 -22.25
C SER L 67 18.42 28.05 -23.71
N GLY L 68 18.45 29.10 -24.55
CA GLY L 68 18.24 28.91 -25.97
C GLY L 68 16.81 28.57 -26.31
N THR L 69 16.51 27.27 -26.40
CA THR L 69 15.18 26.80 -26.77
C THR L 69 14.48 25.98 -25.71
N ASP L 70 15.22 25.31 -24.83
CA ASP L 70 14.65 24.41 -23.84
C ASP L 70 14.74 25.04 -22.45
N PHE L 71 13.64 24.97 -21.70
CA PHE L 71 13.59 25.49 -20.34
C PHE L 71 12.74 24.56 -19.49
N THR L 72 13.02 24.54 -18.19
CA THR L 72 12.35 23.61 -17.27
C THR L 72 12.13 24.28 -15.92
N PHE L 73 10.87 24.30 -15.49
CA PHE L 73 10.47 24.78 -14.17
C PHE L 73 10.26 23.57 -13.26
N THR L 74 10.81 23.62 -12.05
CA THR L 74 10.85 22.46 -11.18
C THR L 74 10.39 22.79 -9.78
N ILE L 75 9.50 21.95 -9.24
CA ILE L 75 9.14 21.95 -7.83
C ILE L 75 9.79 20.73 -7.19
N SER L 76 10.63 20.98 -6.19
CA SER L 76 11.41 19.89 -5.58
C SER L 76 10.59 19.06 -4.60
N SER L 77 9.63 19.67 -3.91
CA SER L 77 8.79 18.94 -2.95
C SER L 77 7.39 19.56 -3.03
N VAL L 78 6.54 18.98 -3.88
CA VAL L 78 5.21 19.51 -4.10
C VAL L 78 4.41 19.47 -2.81
N GLN L 79 3.62 20.52 -2.57
CA GLN L 79 2.76 20.58 -1.41
C GLN L 79 1.32 20.72 -1.90
N ALA L 80 0.38 20.51 -0.98
CA ALA L 80 -1.04 20.49 -1.34
C ALA L 80 -1.47 21.78 -2.03
N GLU L 81 -1.01 22.93 -1.53
CA GLU L 81 -1.42 24.21 -2.09
C GLU L 81 -0.79 24.50 -3.44
N ASP L 82 0.16 23.68 -3.91
CA ASP L 82 0.87 23.95 -5.14
C ASP L 82 0.05 23.66 -6.40
N LEU L 83 -1.15 23.10 -6.27
CA LEU L 83 -1.97 22.87 -7.45
C LEU L 83 -2.36 24.19 -8.10
N ALA L 84 -2.06 24.32 -9.38
CA ALA L 84 -2.25 25.56 -10.14
C ALA L 84 -1.89 25.33 -11.59
N VAL L 85 -2.08 26.35 -12.43
CA VAL L 85 -1.61 26.31 -13.81
C VAL L 85 -0.31 27.11 -13.90
N TYR L 86 0.73 26.48 -14.43
CA TYR L 86 2.05 27.10 -14.55
C TYR L 86 2.30 27.48 -15.99
N TYR L 87 2.66 28.73 -16.21
CA TYR L 87 2.90 29.28 -17.54
C TYR L 87 4.35 29.68 -17.69
N CYS L 88 4.89 29.48 -18.89
CA CYS L 88 6.17 30.07 -19.28
C CYS L 88 5.92 31.22 -20.24
N GLN L 89 6.73 32.26 -20.12
CA GLN L 89 6.62 33.45 -20.96
C GLN L 89 8.01 33.86 -21.40
N GLN L 90 8.20 34.05 -22.70
CA GLN L 90 9.47 34.57 -23.18
C GLN L 90 9.47 36.09 -23.01
N HIS L 91 10.37 36.58 -22.17
CA HIS L 91 10.58 38.02 -22.05
C HIS L 91 11.85 38.44 -22.77
N TYR L 92 11.95 38.03 -24.04
CA TYR L 92 13.11 38.27 -24.87
C TYR L 92 12.86 39.31 -25.96
N SER L 93 11.72 39.22 -26.65
CA SER L 93 11.43 40.13 -27.75
C SER L 93 9.93 40.41 -27.79
N ILE L 94 9.53 41.27 -28.72
CA ILE L 94 8.14 41.67 -28.93
C ILE L 94 7.66 41.00 -30.21
N PRO L 95 6.43 40.47 -30.27
CA PRO L 95 5.42 40.45 -29.20
C PRO L 95 5.71 39.48 -28.07
N ARG L 96 5.28 39.84 -26.86
CA ARG L 96 5.42 38.96 -25.72
C ARG L 96 4.46 37.79 -25.86
N THR L 97 4.97 36.57 -25.71
CA THR L 97 4.16 35.38 -25.90
C THR L 97 4.31 34.45 -24.69
N PHE L 98 3.19 33.87 -24.28
CA PHE L 98 3.15 32.93 -23.17
C PHE L 98 3.10 31.50 -23.71
N GLY L 99 3.25 30.55 -22.79
CA GLY L 99 3.02 29.15 -23.12
C GLY L 99 1.56 28.78 -22.94
N GLY L 100 1.25 27.54 -23.34
CA GLY L 100 -0.11 27.05 -23.20
C GLY L 100 -0.54 26.84 -21.77
N GLY L 101 0.41 26.62 -20.86
CA GLY L 101 0.12 26.36 -19.48
C GLY L 101 0.11 24.87 -19.17
N THR L 102 0.36 24.56 -17.90
CA THR L 102 0.36 23.17 -17.44
C THR L 102 -0.34 23.14 -16.08
N LYS L 103 -1.51 22.49 -16.02
CA LYS L 103 -2.22 22.33 -14.77
C LYS L 103 -1.58 21.19 -13.97
N LEU L 104 -1.19 21.48 -12.73
CA LEU L 104 -0.54 20.51 -11.87
C LEU L 104 -1.61 19.95 -10.92
N GLU L 105 -2.11 18.76 -11.24
CA GLU L 105 -3.07 18.06 -10.41
C GLU L 105 -2.35 17.20 -9.38
N ILE L 106 -3.00 17.02 -8.24
CA ILE L 106 -2.42 16.26 -7.13
C ILE L 106 -3.15 14.93 -7.00
N LYS L 107 -2.38 13.85 -6.93
CA LYS L 107 -2.91 12.51 -6.71
C LYS L 107 -2.82 12.18 -5.24
N ARG L 108 -3.88 11.58 -4.71
CA ARG L 108 -3.94 11.22 -3.30
C ARG L 108 -4.73 9.93 -3.13
N THR L 109 -4.85 9.49 -1.89
CA THR L 109 -5.59 8.27 -1.60
C THR L 109 -7.08 8.45 -1.90
N VAL L 110 -7.76 7.33 -2.10
CA VAL L 110 -9.18 7.38 -2.39
C VAL L 110 -9.95 7.94 -1.20
N ALA L 111 -10.98 8.74 -1.50
CA ALA L 111 -11.86 9.31 -0.48
C ALA L 111 -13.28 9.21 -1.00
N ALA L 112 -14.11 8.43 -0.32
CA ALA L 112 -15.50 8.30 -0.72
C ALA L 112 -16.24 9.62 -0.48
N PRO L 113 -17.19 9.97 -1.35
CA PRO L 113 -17.94 11.22 -1.17
C PRO L 113 -18.97 11.11 -0.05
N SER L 114 -19.20 12.23 0.62
CA SER L 114 -20.33 12.36 1.53
C SER L 114 -21.51 12.90 0.73
N VAL L 115 -22.61 12.16 0.72
CA VAL L 115 -23.75 12.48 -0.15
C VAL L 115 -24.83 13.14 0.67
N PHE L 116 -25.37 14.25 0.15
CA PHE L 116 -26.47 14.97 0.74
C PHE L 116 -27.47 15.29 -0.35
N ILE L 117 -28.75 15.44 0.03
CA ILE L 117 -29.79 15.78 -0.93
C ILE L 117 -30.64 16.92 -0.35
N PHE L 118 -30.92 17.92 -1.19
CA PHE L 118 -31.70 19.07 -0.81
C PHE L 118 -32.92 19.18 -1.71
N PRO L 119 -34.13 19.15 -1.15
CA PRO L 119 -35.34 19.36 -1.95
C PRO L 119 -35.50 20.83 -2.29
N PRO L 120 -36.37 21.16 -3.26
CA PRO L 120 -36.57 22.57 -3.59
C PRO L 120 -37.30 23.32 -2.49
N SER L 121 -36.97 24.60 -2.36
CA SER L 121 -37.65 25.44 -1.39
C SER L 121 -39.07 25.75 -1.88
N ASP L 122 -39.96 25.99 -0.92
CA ASP L 122 -41.34 26.32 -1.27
C ASP L 122 -41.41 27.58 -2.12
N GLU L 123 -40.47 28.51 -1.92
CA GLU L 123 -40.43 29.72 -2.74
C GLU L 123 -40.23 29.38 -4.21
N GLN L 124 -39.20 28.58 -4.50
CA GLN L 124 -38.94 28.18 -5.88
C GLN L 124 -40.11 27.38 -6.44
N LEU L 125 -40.73 26.53 -5.62
CA LEU L 125 -41.89 25.77 -6.07
C LEU L 125 -43.01 26.70 -6.52
N LYS L 126 -43.38 27.65 -5.67
CA LYS L 126 -44.39 28.63 -6.05
C LYS L 126 -43.97 29.42 -7.28
N SER L 127 -42.66 29.63 -7.47
CA SER L 127 -42.19 30.29 -8.69
C SER L 127 -42.53 29.49 -9.95
N GLY L 128 -42.66 28.17 -9.82
CA GLY L 128 -43.04 27.34 -10.94
C GLY L 128 -41.99 26.34 -11.39
N THR L 129 -40.92 26.20 -10.61
CA THR L 129 -39.83 25.29 -10.95
C THR L 129 -39.34 24.63 -9.67
N ALA L 130 -38.76 23.43 -9.81
CA ALA L 130 -38.21 22.69 -8.70
C ALA L 130 -36.80 22.26 -9.05
N SER L 131 -35.85 22.60 -8.18
CA SER L 131 -34.45 22.20 -8.34
C SER L 131 -34.06 21.35 -7.15
N VAL L 132 -33.81 20.07 -7.39
CA VAL L 132 -33.35 19.15 -6.37
C VAL L 132 -31.84 19.04 -6.52
N VAL L 133 -31.12 19.14 -5.40
CA VAL L 133 -29.67 19.18 -5.43
C VAL L 133 -29.11 17.95 -4.75
N CYS L 134 -28.11 17.34 -5.37
CA CYS L 134 -27.37 16.21 -4.79
C CYS L 134 -25.93 16.64 -4.67
N LEU L 135 -25.41 16.62 -3.44
CA LEU L 135 -24.07 17.13 -3.13
C LEU L 135 -23.17 15.97 -2.76
N LEU L 136 -22.08 15.81 -3.50
CA LEU L 136 -21.00 14.89 -3.17
C LEU L 136 -19.86 15.72 -2.61
N ASN L 137 -19.45 15.41 -1.37
CA ASN L 137 -18.56 16.27 -0.63
C ASN L 137 -17.25 15.54 -0.34
N ASN L 138 -16.14 16.21 -0.65
CA ASN L 138 -14.78 15.82 -0.27
C ASN L 138 -14.48 14.37 -0.67
N PHE L 139 -14.37 14.18 -1.98
CA PHE L 139 -14.04 12.87 -2.54
C PHE L 139 -12.87 12.99 -3.50
N TYR L 140 -12.21 11.84 -3.72
CA TYR L 140 -11.12 11.68 -4.67
C TYR L 140 -11.12 10.21 -5.06
N PRO L 141 -10.92 9.89 -6.35
CA PRO L 141 -10.65 10.81 -7.47
C PRO L 141 -11.84 11.63 -7.96
N ARG L 142 -11.60 12.40 -9.02
CA ARG L 142 -12.58 13.37 -9.51
C ARG L 142 -13.81 12.69 -10.10
N GLU L 143 -13.65 11.49 -10.64
CA GLU L 143 -14.71 10.83 -11.40
C GLU L 143 -15.70 10.16 -10.46
N ALA L 144 -16.95 10.61 -10.48
CA ALA L 144 -18.02 10.00 -9.71
C ALA L 144 -19.32 10.13 -10.50
N LYS L 145 -20.07 9.03 -10.61
CA LYS L 145 -21.29 9.00 -11.40
C LYS L 145 -22.50 9.18 -10.49
N VAL L 146 -23.46 9.97 -10.95
CA VAL L 146 -24.67 10.28 -10.20
C VAL L 146 -25.88 10.02 -11.11
N GLN L 147 -26.83 9.23 -10.62
CA GLN L 147 -28.07 8.97 -11.33
C GLN L 147 -29.24 9.45 -10.49
N TRP L 148 -30.27 9.97 -11.16
CA TRP L 148 -31.46 10.46 -10.49
C TRP L 148 -32.60 9.46 -10.68
N LYS L 149 -33.31 9.15 -9.59
CA LYS L 149 -34.44 8.23 -9.61
C LYS L 149 -35.63 8.91 -8.97
N VAL L 150 -36.72 9.03 -9.73
CA VAL L 150 -37.97 9.59 -9.25
C VAL L 150 -39.00 8.47 -9.29
N ASP L 151 -39.38 7.97 -8.11
CA ASP L 151 -40.28 6.82 -7.99
C ASP L 151 -39.71 5.61 -8.73
N ASN L 152 -38.42 5.37 -8.50
CA ASN L 152 -37.61 4.30 -9.09
C ASN L 152 -37.44 4.45 -10.60
N ALA L 153 -37.95 5.52 -11.21
CA ALA L 153 -37.77 5.76 -12.63
C ALA L 153 -36.48 6.53 -12.85
N LEU L 154 -35.58 5.96 -13.66
CA LEU L 154 -34.31 6.61 -13.92
C LEU L 154 -34.50 7.86 -14.78
N GLN L 155 -33.85 8.95 -14.38
CA GLN L 155 -33.93 10.21 -15.09
C GLN L 155 -32.73 10.37 -16.01
N SER L 156 -32.94 11.12 -17.10
CA SER L 156 -31.87 11.35 -18.07
C SER L 156 -32.19 12.62 -18.86
N GLY L 157 -31.17 13.45 -19.06
CA GLY L 157 -31.33 14.66 -19.84
C GLY L 157 -32.00 15.81 -19.13
N ASN L 158 -32.16 15.74 -17.82
CA ASN L 158 -32.81 16.78 -17.04
C ASN L 158 -32.00 17.14 -15.80
N SER L 159 -30.69 16.90 -15.81
CA SER L 159 -29.82 17.18 -14.68
C SER L 159 -28.50 17.76 -15.19
N GLN L 160 -27.85 18.55 -14.35
CA GLN L 160 -26.58 19.16 -14.69
C GLN L 160 -25.60 19.01 -13.53
N GLU L 161 -24.34 18.70 -13.86
CA GLU L 161 -23.31 18.48 -12.87
C GLU L 161 -22.31 19.63 -12.87
N SER L 162 -21.73 19.88 -11.71
CA SER L 162 -20.69 20.90 -11.57
C SER L 162 -19.68 20.44 -10.52
N VAL L 163 -18.40 20.45 -10.88
CA VAL L 163 -17.33 19.97 -10.02
C VAL L 163 -16.43 21.14 -9.63
N THR L 164 -16.00 21.16 -8.38
CA THR L 164 -15.12 22.21 -7.90
C THR L 164 -13.69 21.95 -8.34
N GLU L 165 -12.84 22.95 -8.14
CA GLU L 165 -11.41 22.76 -8.33
C GLU L 165 -10.84 21.97 -7.16
N GLN L 166 -9.70 21.35 -7.41
CA GLN L 166 -9.06 20.52 -6.37
C GLN L 166 -8.73 21.36 -5.15
N ASP L 167 -9.09 20.87 -3.98
CA ASP L 167 -8.86 21.61 -2.75
C ASP L 167 -7.38 21.74 -2.46
N SER L 168 -6.96 22.92 -2.02
CA SER L 168 -5.56 23.19 -1.77
C SER L 168 -5.05 22.61 -0.46
N LYS L 169 -5.90 22.05 0.38
CA LYS L 169 -5.52 21.48 1.67
C LYS L 169 -5.55 19.96 1.69
N ASP L 170 -6.66 19.35 1.31
CA ASP L 170 -6.81 17.90 1.34
C ASP L 170 -6.86 17.27 -0.04
N SER L 171 -6.75 18.07 -1.11
CA SER L 171 -6.64 17.57 -2.47
C SER L 171 -7.89 16.82 -2.93
N THR L 172 -9.06 17.19 -2.41
CA THR L 172 -10.29 16.50 -2.76
C THR L 172 -11.11 17.35 -3.73
N TYR L 173 -12.23 16.78 -4.17
CA TYR L 173 -13.18 17.45 -5.06
C TYR L 173 -14.57 17.42 -4.45
N SER L 174 -15.46 18.23 -5.00
CA SER L 174 -16.87 18.24 -4.64
C SER L 174 -17.71 18.38 -5.90
N LEU L 175 -18.88 17.76 -5.90
CA LEU L 175 -19.76 17.71 -7.06
C LEU L 175 -21.17 18.10 -6.64
N SER L 176 -21.85 18.82 -7.52
CA SER L 176 -23.25 19.19 -7.32
C SER L 176 -24.03 18.81 -8.56
N SER L 177 -25.05 17.98 -8.39
CA SER L 177 -25.94 17.57 -9.47
C SER L 177 -27.32 18.17 -9.22
N THR L 178 -27.78 19.00 -10.14
CA THR L 178 -29.05 19.70 -10.03
C THR L 178 -30.04 19.08 -11.00
N LEU L 179 -31.13 18.55 -10.48
CA LEU L 179 -32.25 18.04 -11.26
C LEU L 179 -33.33 19.11 -11.30
N THR L 180 -33.70 19.52 -12.51
CA THR L 180 -34.65 20.62 -12.69
C THR L 180 -35.94 20.09 -13.29
N LEU L 181 -37.06 20.38 -12.65
CA LEU L 181 -38.37 19.96 -13.12
C LEU L 181 -39.35 21.13 -12.98
N SER L 182 -40.52 20.96 -13.56
CA SER L 182 -41.61 21.90 -13.36
C SER L 182 -42.39 21.55 -12.10
N LYS L 183 -43.08 22.55 -11.55
CA LYS L 183 -43.91 22.32 -10.37
C LYS L 183 -44.91 21.20 -10.62
N ALA L 184 -45.49 21.15 -11.82
CA ALA L 184 -46.40 20.06 -12.17
C ALA L 184 -45.71 18.71 -12.10
N ASP L 185 -44.62 18.54 -12.86
CA ASP L 185 -43.91 17.27 -12.86
C ASP L 185 -43.33 16.94 -11.49
N TYR L 186 -42.94 17.95 -10.71
CA TYR L 186 -42.39 17.68 -9.39
C TYR L 186 -43.49 17.17 -8.45
N GLU L 187 -44.62 17.86 -8.39
CA GLU L 187 -45.73 17.44 -7.55
C GLU L 187 -46.42 16.19 -8.06
N LYS L 188 -46.13 15.75 -9.29
CA LYS L 188 -46.74 14.52 -9.79
C LYS L 188 -46.17 13.27 -9.15
N HIS L 189 -44.96 13.33 -8.60
CA HIS L 189 -44.30 12.17 -8.01
C HIS L 189 -43.95 12.44 -6.55
N LYS L 190 -43.49 11.39 -5.87
CA LYS L 190 -43.28 11.42 -4.43
C LYS L 190 -41.83 11.25 -4.01
N VAL L 191 -41.16 10.18 -4.44
CA VAL L 191 -39.84 9.85 -3.96
C VAL L 191 -38.79 10.41 -4.92
N TYR L 192 -37.79 11.09 -4.38
CA TYR L 192 -36.69 11.64 -5.18
C TYR L 192 -35.38 11.19 -4.57
N ALA L 193 -34.53 10.56 -5.37
CA ALA L 193 -33.29 9.98 -4.87
C ALA L 193 -32.18 10.22 -5.88
N CYS L 194 -30.97 10.36 -5.35
CA CYS L 194 -29.76 10.31 -6.17
C CYS L 194 -28.90 9.13 -5.72
N GLU L 195 -28.49 8.33 -6.69
CA GLU L 195 -27.63 7.17 -6.47
C GLU L 195 -26.25 7.52 -6.98
N VAL L 196 -25.25 7.40 -6.12
CA VAL L 196 -23.88 7.82 -6.40
C VAL L 196 -22.99 6.59 -6.41
N THR L 197 -22.17 6.47 -7.44
CA THR L 197 -21.12 5.46 -7.50
C THR L 197 -19.78 6.13 -7.69
N HIS L 198 -18.76 5.57 -7.03
CA HIS L 198 -17.43 6.15 -7.01
C HIS L 198 -16.40 5.04 -6.82
N GLN L 199 -15.16 5.34 -7.20
CA GLN L 199 -14.07 4.38 -7.04
C GLN L 199 -13.92 3.91 -5.60
N GLY L 200 -14.31 4.75 -4.65
CA GLY L 200 -14.21 4.42 -3.23
C GLY L 200 -15.46 3.87 -2.60
N LEU L 201 -16.47 3.50 -3.39
CA LEU L 201 -17.72 2.96 -2.88
C LEU L 201 -17.86 1.53 -3.36
N SER L 202 -17.76 0.58 -2.42
CA SER L 202 -17.93 -0.84 -2.75
C SER L 202 -19.34 -1.16 -3.22
N SER L 203 -20.28 -0.25 -3.03
CA SER L 203 -21.65 -0.41 -3.50
C SER L 203 -22.27 0.98 -3.61
N PRO L 204 -23.29 1.15 -4.46
CA PRO L 204 -23.87 2.49 -4.66
C PRO L 204 -24.44 3.06 -3.36
N VAL L 205 -24.33 4.39 -3.23
CA VAL L 205 -24.86 5.11 -2.08
C VAL L 205 -26.05 5.93 -2.55
N THR L 206 -27.23 5.64 -2.00
CA THR L 206 -28.46 6.30 -2.40
C THR L 206 -28.93 7.23 -1.29
N LYS L 207 -29.20 8.49 -1.65
CA LYS L 207 -29.80 9.46 -0.73
C LYS L 207 -31.14 9.90 -1.31
N SER L 208 -32.21 9.80 -0.51
CA SER L 208 -33.56 9.99 -1.00
C SER L 208 -34.37 10.83 -0.03
N PHE L 209 -35.52 11.32 -0.51
CA PHE L 209 -36.50 12.00 0.32
C PHE L 209 -37.89 11.88 -0.29
N ASN L 210 -38.89 11.90 0.58
CA ASN L 210 -40.29 11.96 0.16
C ASN L 210 -40.80 13.40 0.17
N ARG L 211 -41.46 13.79 -0.92
CA ARG L 211 -42.05 15.10 -1.09
C ARG L 211 -43.10 15.42 -0.03
N GLY L 212 -42.66 15.75 1.19
CA GLY L 212 -43.62 16.11 2.22
C GLY L 212 -43.20 15.82 3.64
N GLU L 213 -41.91 15.70 3.89
CA GLU L 213 -41.43 15.39 5.23
C GLU L 213 -40.24 16.26 5.63
C1 NAG M . -54.34 -12.22 0.79
C2 NAG M . -54.55 -13.40 1.74
C3 NAG M . -54.90 -14.67 0.97
C4 NAG M . -56.09 -14.41 0.04
C5 NAG M . -55.80 -13.21 -0.85
C6 NAG M . -56.96 -12.81 -1.72
C7 NAG M . -53.38 -13.68 3.89
C8 NAG M . -52.07 -13.92 4.57
N2 NAG M . -53.36 -13.62 2.56
O3 NAG M . -55.22 -15.70 1.88
O4 NAG M . -56.37 -15.55 -0.75
O5 NAG M . -55.49 -12.07 -0.04
O6 NAG M . -57.93 -12.09 -0.94
O7 NAG M . -54.43 -13.55 4.53
C1 NAG M . -57.65 -16.06 -0.75
C2 NAG M . -57.88 -17.08 -1.87
C3 NAG M . -59.32 -17.60 -1.86
C4 NAG M . -59.75 -18.02 -0.46
C5 NAG M . -59.45 -16.92 0.54
C6 NAG M . -59.78 -17.29 1.97
C7 NAG M . -56.38 -16.53 -3.74
C8 NAG M . -56.27 -15.84 -5.07
N2 NAG M . -57.58 -16.48 -3.17
O3 NAG M . -59.43 -18.70 -2.75
O4 NAG M . -61.15 -18.29 -0.45
O5 NAG M . -58.05 -16.62 0.49
O6 NAG M . -58.86 -18.24 2.48
O7 NAG M . -55.42 -17.10 -3.24
C1 BMA M . -61.87 -19.41 -0.13
C2 BMA M . -63.37 -19.22 0.17
C3 BMA M . -63.91 -20.50 0.80
C4 BMA M . -63.54 -21.73 -0.04
C5 BMA M . -62.02 -21.78 -0.28
C6 BMA M . -61.61 -22.91 -1.20
O2 BMA M . -64.08 -19.02 -1.04
O3 BMA M . -65.32 -20.43 0.97
O4 BMA M . -63.95 -22.90 0.65
O5 BMA M . -61.63 -20.55 -0.91
O6 BMA M . -61.96 -22.56 -2.53
C1 NAG N . 48.75 25.51 7.93
C2 NAG N . 49.11 25.93 6.52
C3 NAG N . 50.32 25.15 6.02
C4 NAG N . 51.48 25.30 7.00
C5 NAG N . 51.04 24.91 8.40
C6 NAG N . 52.11 25.16 9.45
C7 NAG N . 47.49 26.75 4.86
C8 NAG N . 46.32 26.40 3.99
N2 NAG N . 47.99 25.76 5.61
O3 NAG N . 50.69 25.62 4.73
O4 NAG N . 52.57 24.48 6.59
O5 NAG N . 49.89 25.68 8.79
O6 NAG N . 51.77 26.26 10.28
O7 NAG N . 47.96 27.88 4.91
C1 NAG N . 53.64 24.82 5.80
C2 NAG N . 54.86 25.12 6.67
C3 NAG N . 56.13 25.19 5.83
C4 NAG N . 56.27 23.91 4.99
C5 NAG N . 55.00 23.68 4.18
C6 NAG N . 55.02 22.39 3.41
C7 NAG N . 54.56 27.58 6.85
C8 NAG N . 54.39 28.73 7.79
N2 NAG N . 54.69 26.37 7.41
O3 NAG N . 57.26 25.34 6.69
O4 NAG N . 57.38 24.04 4.10
O5 NAG N . 53.87 23.62 5.06
O6 NAG N . 53.88 22.26 2.57
O7 NAG N . 54.58 27.73 5.63
C1 BMA N . 58.74 24.25 4.12
C2 BMA N . 59.45 23.59 2.94
C3 BMA N . 60.86 24.17 2.81
C4 BMA N . 60.83 25.70 2.79
C5 BMA N . 60.12 26.21 4.05
C6 BMA N . 60.00 27.73 4.10
O2 BMA N . 58.79 23.88 1.72
O3 BMA N . 61.52 23.68 1.65
O4 BMA N . 62.14 26.22 2.73
O5 BMA N . 58.78 25.67 4.06
O6 BMA N . 61.25 28.29 3.68
C1 NAG O . 41.57 -7.58 14.61
C2 NAG O . 40.06 -7.36 14.46
C3 NAG O . 39.43 -7.12 15.83
C4 NAG O . 39.79 -8.26 16.78
C5 NAG O . 41.31 -8.44 16.83
C6 NAG O . 41.74 -9.63 17.66
C7 NAG O . 38.98 -6.36 12.49
C8 NAG O . 38.79 -5.12 11.68
N2 NAG O . 39.77 -6.25 13.56
O3 NAG O . 38.02 -7.05 15.69
O4 NAG O . 39.32 -7.96 18.09
O5 NAG O . 41.81 -8.66 15.50
O6 NAG O . 41.42 -10.85 17.02
O7 NAG O . 38.42 -7.42 12.21
C1 NAG O . 38.40 -8.78 18.71
C2 NAG O . 38.56 -8.42 20.19
C3 NAG O . 38.17 -9.62 21.05
C4 NAG O . 36.77 -10.11 20.69
C5 NAG O . 36.67 -10.37 19.19
C6 NAG O . 35.27 -10.70 18.75
C7 NAG O . 40.22 -6.72 20.75
C8 NAG O . 41.67 -6.44 21.03
N2 NAG O . 39.91 -7.99 20.49
O3 NAG O . 38.21 -9.24 22.43
O4 NAG O . 36.46 -11.29 21.40
O5 NAG O . 37.07 -9.20 18.45
O6 NAG O . 34.41 -9.58 18.86
O7 NAG O . 39.38 -5.83 20.74
C1 FUC P . -60.65 -12.29 -2.65
C2 FUC P . -61.46 -12.44 -1.34
C3 FUC P . -60.90 -11.51 -0.25
C4 FUC P . -60.80 -10.06 -0.78
C5 FUC P . -59.99 -10.04 -2.07
C6 FUC P . -59.93 -8.67 -2.72
O2 FUC P . -61.49 -13.78 -0.89
O3 FUC P . -61.76 -11.51 0.89
O4 FUC P . -62.10 -9.56 -1.02
O5 FUC P . -60.53 -10.95 -3.05
C1 NAG Q . -67.12 -5.83 -11.66
C2 NAG Q . -68.27 -5.41 -12.57
C3 NAG Q . -69.60 -5.83 -11.94
C4 NAG Q . -69.59 -7.31 -11.58
C5 NAG Q . -68.36 -7.64 -10.75
C6 NAG Q . -68.20 -9.12 -10.46
C7 NAG Q . -68.08 -3.42 -14.00
C8 NAG Q . -68.07 -1.93 -14.04
N2 NAG Q . -68.24 -3.97 -12.79
O3 NAG Q . -70.66 -5.57 -12.86
O4 NAG Q . -70.75 -7.63 -10.84
O5 NAG Q . -67.17 -7.24 -11.45
O6 NAG Q . -67.37 -9.35 -9.33
O7 NAG Q . -67.94 -4.10 -15.01
C1 NAG R . 45.68 25.67 54.28
C2 NAG R . 46.51 25.95 55.52
C3 NAG R . 45.90 25.28 56.74
C4 NAG R . 44.43 25.61 56.88
C5 NAG R . 43.69 25.34 55.58
C6 NAG R . 42.25 25.77 55.62
C7 NAG R . 48.26 24.26 55.10
C8 NAG R . 49.73 24.04 54.92
N2 NAG R . 47.89 25.53 55.33
O3 NAG R . 46.63 25.72 57.88
O4 NAG R . 43.82 24.76 57.84
O5 NAG R . 44.32 26.05 54.52
O6 NAG R . 41.38 24.68 55.88
O7 NAG R . 47.45 23.34 55.03
C1 NAG S . 53.52 -20.09 26.60
C2 NAG S . 54.61 -21.15 26.64
C3 NAG S . 54.70 -21.77 28.04
C4 NAG S . 54.89 -20.68 29.08
C5 NAG S . 53.77 -19.66 28.97
C6 NAG S . 53.94 -18.48 29.91
C7 NAG S . 55.21 -22.37 24.61
C8 NAG S . 54.85 -23.48 23.67
N2 NAG S . 54.40 -22.18 25.65
O3 NAG S . 55.79 -22.67 28.08
O4 NAG S . 54.90 -21.24 30.39
O5 NAG S . 53.73 -19.11 27.64
O6 NAG S . 54.46 -18.91 31.17
O7 NAG S . 56.22 -21.68 24.43
C1 NAG T . -33.93 -11.62 -27.80
C2 NAG T . -32.82 -10.84 -27.10
C3 NAG T . -32.92 -9.36 -27.43
C4 NAG T . -32.95 -9.15 -28.95
C5 NAG T . -34.07 -9.99 -29.56
C6 NAG T . -34.08 -9.93 -31.07
C7 NAG T . -32.09 -11.96 -25.04
C8 NAG T . -32.24 -12.03 -23.55
N2 NAG T . -32.85 -11.04 -25.65
O3 NAG T . -31.80 -8.67 -26.87
O4 NAG T . -33.18 -7.78 -29.24
O5 NAG T . -33.88 -11.38 -29.21
O6 NAG T . -32.86 -9.42 -31.59
O7 NAG T . -31.34 -12.71 -25.66
#